data_3GD7
#
_entry.id   3GD7
#
_cell.length_a   137.837
_cell.length_b   173.725
_cell.length_c   82.574
_cell.angle_alpha   90.000
_cell.angle_beta   90.000
_cell.angle_gamma   90.000
#
_symmetry.space_group_name_H-M   'P 21 21 2'
#
loop_
_entity.id
_entity.type
_entity.pdbx_description
1 polymer 'Fusion complex of Cystic fibrosis transmembrane conductance regulator, residues 1193-1427 and Maltose/maltodextrin import ATP-binding protein malK, residues 219-371'
2 non-polymer "N-(2-phenylethyl)adenosine 5'-(tetrahydrogen triphosphate)"
3 water water
#
_entity_poly.entity_id   1
_entity_poly.type   'polypeptide(L)'
_entity_poly.pdbx_seq_one_letter_code
;SLIENSHVKKDDIWPSGGQMTVKDLTAKYTEGGNAILENISFSISPGQRVGLLGRTGSGKSTLLSAFLRLLNTEGEIQID
GVSWDSITLEQWRKAFGVIPQKVFIFSGTFRKNLDPNAAHSDQEIWKVADEVGLRSVIEQFPGKLDFVLVDGGCVLSHGH
KQLMCLARSVLSKAKILLLDEPSAHLDPVTYQIIRRTLKQAFADCTVILCEARIEAMLECDQFLVIEENKVRQYDSILEL
YHYPADRFVAGFIGSPKMNFLPVKVTATAIDQVQVELPMPNRQQVWLPVESRDVQVGANMSLGIRPEHLLPSDIADVILE
GEVQVVEQLGNETQIHIQIPSIRQNLVYRQNDVVLVEEGATFAIGLPPERCHLFREDGTACRRLHKEPGV
;
_entity_poly.pdbx_strand_id   A,B,C,D
#
# COMPACT_ATOMS: atom_id res chain seq x y z
N ASP A 12 -36.11 -20.60 -12.94
CA ASP A 12 -35.50 -20.15 -14.24
C ASP A 12 -34.05 -19.70 -14.06
N ILE A 13 -33.15 -20.37 -14.78
CA ILE A 13 -31.72 -20.05 -14.72
C ILE A 13 -31.39 -18.91 -15.69
N TRP A 14 -30.94 -17.79 -15.13
CA TRP A 14 -30.58 -16.61 -15.91
C TRP A 14 -29.35 -15.90 -15.34
N PRO A 15 -28.37 -15.57 -16.21
CA PRO A 15 -28.29 -15.93 -17.64
C PRO A 15 -28.04 -17.41 -17.87
N SER A 16 -28.34 -17.89 -19.08
CA SER A 16 -28.16 -19.29 -19.44
C SER A 16 -26.91 -19.51 -20.28
N GLY A 17 -26.87 -18.87 -21.44
CA GLY A 17 -25.77 -19.03 -22.39
C GLY A 17 -24.83 -17.83 -22.46
N GLY A 18 -25.39 -16.64 -22.28
CA GLY A 18 -24.61 -15.42 -22.30
C GLY A 18 -24.81 -14.58 -23.55
N GLN A 19 -25.96 -14.75 -24.19
CA GLN A 19 -26.35 -13.95 -25.34
C GLN A 19 -26.52 -12.50 -24.89
N MET A 20 -25.73 -11.61 -25.49
CA MET A 20 -25.72 -10.20 -25.13
C MET A 20 -25.94 -9.32 -26.35
N THR A 21 -26.91 -8.41 -26.24
CA THR A 21 -27.24 -7.51 -27.33
C THR A 21 -27.41 -6.08 -26.84
N VAL A 22 -26.67 -5.17 -27.46
CA VAL A 22 -26.70 -3.76 -27.11
C VAL A 22 -27.22 -2.94 -28.29
N LYS A 23 -28.28 -2.18 -28.06
CA LYS A 23 -28.88 -1.34 -29.09
C LYS A 23 -29.01 0.12 -28.64
N ASP A 24 -28.30 1.00 -29.33
CA ASP A 24 -28.33 2.46 -29.10
C ASP A 24 -28.03 2.86 -27.66
N LEU A 25 -26.87 2.42 -27.16
CA LEU A 25 -26.44 2.74 -25.80
C LEU A 25 -25.76 4.10 -25.74
N THR A 26 -26.26 4.96 -24.86
CA THR A 26 -25.64 6.25 -24.57
C THR A 26 -25.32 6.36 -23.08
N ALA A 27 -24.11 6.83 -22.75
CA ALA A 27 -23.68 6.93 -21.35
C ALA A 27 -23.05 8.27 -21.00
N LYS A 28 -23.45 8.82 -19.87
CA LYS A 28 -22.92 10.08 -19.35
C LYS A 28 -22.63 9.92 -17.86
N TYR A 29 -21.66 10.67 -17.35
CA TYR A 29 -21.34 10.67 -15.92
C TYR A 29 -22.14 11.71 -15.13
N THR A 30 -22.43 12.84 -15.78
CA THR A 30 -23.31 13.85 -15.19
C THR A 30 -24.40 14.23 -16.19
N GLU A 31 -25.65 14.11 -15.76
CA GLU A 31 -26.77 14.61 -16.53
C GLU A 31 -26.48 16.08 -16.86
N GLY A 32 -26.32 16.36 -18.15
CA GLY A 32 -25.82 17.65 -18.58
C GLY A 32 -24.30 17.62 -18.65
N GLY A 33 -23.79 16.58 -19.31
CA GLY A 33 -22.35 16.40 -19.55
C GLY A 33 -22.17 15.60 -20.82
N ASN A 34 -20.97 15.70 -21.41
CA ASN A 34 -20.70 15.06 -22.69
C ASN A 34 -20.82 13.54 -22.66
N ALA A 35 -21.55 13.00 -23.64
CA ALA A 35 -21.72 11.56 -23.79
C ALA A 35 -20.41 10.95 -24.25
N ILE A 36 -19.88 10.03 -23.44
CA ILE A 36 -18.62 9.35 -23.74
C ILE A 36 -18.90 8.22 -24.73
N LEU A 37 -20.07 7.62 -24.61
CA LEU A 37 -20.54 6.59 -25.51
C LEU A 37 -21.91 7.00 -26.02
N GLU A 38 -22.01 7.20 -27.34
CA GLU A 38 -23.25 7.69 -27.93
C GLU A 38 -23.80 6.72 -28.99
N ASN A 39 -25.09 6.39 -28.86
CA ASN A 39 -25.81 5.48 -29.76
C ASN A 39 -24.96 4.31 -30.24
N ILE A 40 -24.56 3.47 -29.30
CA ILE A 40 -23.69 2.34 -29.55
C ILE A 40 -24.49 1.05 -29.68
N SER A 41 -24.17 0.26 -30.69
CA SER A 41 -24.85 -1.02 -30.90
C SER A 41 -23.89 -2.13 -31.28
N PHE A 42 -23.92 -3.22 -30.51
CA PHE A 42 -23.16 -4.43 -30.82
C PHE A 42 -23.86 -5.66 -30.26
N SER A 43 -23.44 -6.84 -30.73
CA SER A 43 -24.03 -8.10 -30.30
C SER A 43 -22.94 -9.13 -30.02
N ILE A 44 -23.03 -9.75 -28.84
CA ILE A 44 -22.06 -10.76 -28.43
C ILE A 44 -22.76 -12.10 -28.23
N SER A 45 -22.29 -13.12 -28.95
CA SER A 45 -22.86 -14.46 -28.90
C SER A 45 -22.50 -15.15 -27.57
N PRO A 46 -23.34 -16.12 -27.14
CA PRO A 46 -23.10 -16.88 -25.90
C PRO A 46 -21.70 -17.49 -25.80
N GLY A 47 -21.09 -17.37 -24.62
CA GLY A 47 -19.81 -18.00 -24.34
C GLY A 47 -18.58 -17.37 -24.97
N GLN A 48 -18.77 -16.27 -25.68
CA GLN A 48 -17.68 -15.60 -26.39
C GLN A 48 -16.76 -14.81 -25.46
N ARG A 49 -15.45 -14.97 -25.64
CA ARG A 49 -14.47 -14.17 -24.90
C ARG A 49 -14.06 -12.99 -25.76
N VAL A 50 -14.34 -11.78 -25.26
CA VAL A 50 -14.23 -10.56 -26.06
C VAL A 50 -13.16 -9.61 -25.52
N GLY A 51 -12.28 -9.16 -26.40
CA GLY A 51 -11.28 -8.16 -26.06
C GLY A 51 -11.71 -6.74 -26.39
N LEU A 52 -11.72 -5.88 -25.39
CA LEU A 52 -12.16 -4.49 -25.56
C LEU A 52 -10.98 -3.54 -25.75
N LEU A 53 -11.02 -2.79 -26.86
CA LEU A 53 -9.94 -1.88 -27.22
C LEU A 53 -10.50 -0.50 -27.56
N GLY A 54 -9.62 0.50 -27.60
CA GLY A 54 -10.00 1.85 -27.97
C GLY A 54 -8.93 2.87 -27.61
N ARG A 55 -8.94 3.99 -28.33
CA ARG A 55 -8.04 5.12 -28.04
C ARG A 55 -8.06 5.46 -26.55
N THR A 56 -6.91 5.88 -26.03
CA THR A 56 -6.81 6.21 -24.62
C THR A 56 -7.78 7.35 -24.27
N GLY A 57 -8.90 6.98 -23.64
CA GLY A 57 -9.94 7.93 -23.27
C GLY A 57 -11.27 7.71 -23.99
N SER A 58 -11.36 6.66 -24.80
CA SER A 58 -12.55 6.41 -25.62
C SER A 58 -13.77 5.90 -24.86
N GLY A 59 -13.55 5.35 -23.66
CA GLY A 59 -14.64 4.91 -22.79
C GLY A 59 -14.75 3.41 -22.57
N LYS A 60 -13.62 2.74 -22.41
CA LYS A 60 -13.58 1.29 -22.16
C LYS A 60 -14.17 0.95 -20.79
N SER A 61 -13.60 1.54 -19.73
CA SER A 61 -14.11 1.40 -18.37
C SER A 61 -15.58 1.81 -18.29
N THR A 62 -15.91 2.90 -19.00
CA THR A 62 -17.27 3.41 -19.09
C THR A 62 -18.23 2.33 -19.59
N LEU A 63 -17.86 1.65 -20.68
CA LEU A 63 -18.70 0.59 -21.24
C LEU A 63 -19.01 -0.47 -20.18
N LEU A 64 -17.97 -0.86 -19.44
CA LEU A 64 -18.10 -1.85 -18.37
C LEU A 64 -18.96 -1.33 -17.22
N SER A 65 -18.79 -0.04 -16.89
CA SER A 65 -19.65 0.62 -15.91
C SER A 65 -21.10 0.69 -16.40
N ALA A 66 -21.27 0.86 -17.71
CA ALA A 66 -22.59 0.99 -18.32
C ALA A 66 -23.41 -0.29 -18.20
N PHE A 67 -22.76 -1.44 -18.40
CA PHE A 67 -23.42 -2.73 -18.23
C PHE A 67 -24.07 -2.84 -16.85
N LEU A 68 -23.41 -2.25 -15.86
CA LEU A 68 -23.87 -2.32 -14.48
C LEU A 68 -24.80 -1.17 -14.10
N ARG A 69 -24.93 -0.19 -15.01
CA ARG A 69 -25.70 1.04 -14.77
C ARG A 69 -25.14 1.79 -13.55
N LEU A 70 -23.83 2.01 -13.54
CA LEU A 70 -23.16 2.75 -12.48
C LEU A 70 -23.16 4.24 -12.79
N LEU A 71 -23.63 4.59 -13.99
CA LEU A 71 -23.75 5.98 -14.43
C LEU A 71 -25.07 6.17 -15.16
N ASN A 72 -25.32 7.39 -15.64
CA ASN A 72 -26.50 7.68 -16.43
C ASN A 72 -26.42 7.00 -17.78
N THR A 73 -27.40 6.15 -18.07
CA THR A 73 -27.42 5.38 -19.31
C THR A 73 -28.77 5.46 -20.03
N GLU A 74 -28.71 5.54 -21.36
CA GLU A 74 -29.91 5.49 -22.20
C GLU A 74 -29.77 4.37 -23.23
N GLY A 75 -30.89 3.72 -23.56
CA GLY A 75 -30.89 2.65 -24.55
C GLY A 75 -31.29 1.32 -23.97
N GLU A 76 -31.04 0.25 -24.73
CA GLU A 76 -31.42 -1.10 -24.30
C GLU A 76 -30.27 -2.10 -24.37
N ILE A 77 -30.04 -2.81 -23.27
CA ILE A 77 -29.21 -3.99 -23.26
C ILE A 77 -30.08 -5.18 -22.90
N GLN A 78 -29.94 -6.26 -23.64
CA GLN A 78 -30.65 -7.49 -23.34
C GLN A 78 -29.66 -8.64 -23.15
N ILE A 79 -29.93 -9.48 -22.15
CA ILE A 79 -29.18 -10.72 -21.97
C ILE A 79 -30.14 -11.91 -21.97
N ASP A 80 -29.91 -12.84 -22.89
CA ASP A 80 -30.77 -14.01 -23.07
C ASP A 80 -32.26 -13.62 -23.14
N GLY A 81 -32.55 -12.68 -24.02
CA GLY A 81 -33.92 -12.20 -24.22
C GLY A 81 -34.51 -11.49 -23.03
N VAL A 82 -33.67 -10.89 -22.18
CA VAL A 82 -34.14 -10.15 -21.01
C VAL A 82 -33.60 -8.73 -21.01
N SER A 83 -34.52 -7.77 -21.06
CA SER A 83 -34.19 -6.34 -21.07
C SER A 83 -33.79 -5.87 -19.68
N TRP A 84 -32.89 -4.90 -19.62
CA TRP A 84 -32.42 -4.33 -18.35
C TRP A 84 -33.38 -3.29 -17.75
N ASP A 85 -34.66 -3.43 -18.09
CA ASP A 85 -35.72 -2.58 -17.56
C ASP A 85 -36.90 -3.39 -17.01
N SER A 86 -36.96 -4.67 -17.38
CA SER A 86 -37.98 -5.59 -16.89
C SER A 86 -37.50 -6.35 -15.65
N ILE A 87 -36.49 -5.80 -14.99
CA ILE A 87 -35.81 -6.43 -13.87
C ILE A 87 -35.21 -5.36 -12.98
N THR A 88 -35.12 -5.63 -11.68
CA THR A 88 -34.54 -4.69 -10.72
C THR A 88 -33.03 -4.54 -10.91
N LEU A 89 -32.51 -3.34 -10.65
CA LEU A 89 -31.06 -3.09 -10.71
C LEU A 89 -30.23 -4.19 -10.03
N GLU A 90 -30.59 -4.52 -8.79
CA GLU A 90 -29.89 -5.54 -8.00
C GLU A 90 -29.80 -6.85 -8.75
N GLN A 91 -30.94 -7.31 -9.28
CA GLN A 91 -31.00 -8.54 -10.09
C GLN A 91 -30.06 -8.49 -11.29
N TRP A 92 -30.18 -7.42 -12.08
CA TRP A 92 -29.36 -7.22 -13.27
C TRP A 92 -27.87 -7.18 -12.94
N ARG A 93 -27.53 -6.46 -11.87
CA ARG A 93 -26.17 -6.36 -11.38
C ARG A 93 -25.58 -7.74 -11.05
N LYS A 94 -26.43 -8.61 -10.52
CA LYS A 94 -25.99 -9.95 -10.08
C LYS A 94 -25.61 -10.90 -11.22
N ALA A 95 -26.13 -10.63 -12.42
CA ALA A 95 -25.78 -11.41 -13.61
C ALA A 95 -24.30 -11.27 -13.98
N PHE A 96 -23.67 -10.24 -13.44
CA PHE A 96 -22.29 -9.91 -13.78
C PHE A 96 -21.29 -10.26 -12.68
N GLY A 97 -20.10 -10.68 -13.10
CA GLY A 97 -18.99 -10.94 -12.20
C GLY A 97 -17.85 -10.00 -12.53
N VAL A 98 -17.66 -8.99 -11.69
CA VAL A 98 -16.62 -8.00 -11.90
C VAL A 98 -15.32 -8.44 -11.23
N ILE A 99 -14.24 -8.48 -12.01
CA ILE A 99 -12.93 -8.85 -11.51
C ILE A 99 -11.92 -7.78 -11.89
N PRO A 100 -11.26 -7.16 -10.89
CA PRO A 100 -11.56 -7.32 -9.46
C PRO A 100 -12.78 -6.51 -9.01
N GLN A 101 -13.44 -6.99 -7.96
CA GLN A 101 -14.53 -6.26 -7.32
C GLN A 101 -14.05 -5.62 -6.01
N LYS A 102 -14.90 -4.82 -5.38
CA LYS A 102 -14.62 -4.31 -4.05
C LYS A 102 -14.70 -5.48 -3.09
N VAL A 103 -13.58 -5.76 -2.42
CA VAL A 103 -13.43 -6.94 -1.58
C VAL A 103 -14.09 -6.76 -0.21
N PHE A 104 -14.99 -7.66 0.12
CA PHE A 104 -15.52 -7.72 1.48
C PHE A 104 -15.50 -9.13 2.06
N ILE A 105 -15.02 -9.25 3.29
CA ILE A 105 -14.95 -10.53 3.98
C ILE A 105 -15.67 -10.45 5.32
N PHE A 106 -16.59 -11.38 5.53
CA PHE A 106 -17.33 -11.49 6.77
C PHE A 106 -16.44 -11.96 7.90
N SER A 107 -16.65 -11.43 9.09
CA SER A 107 -16.07 -11.99 10.30
C SER A 107 -16.88 -13.24 10.60
N GLY A 108 -16.46 -14.36 10.03
CA GLY A 108 -17.21 -15.59 10.12
C GLY A 108 -16.59 -16.70 9.30
N THR A 109 -17.35 -17.78 9.12
CA THR A 109 -16.87 -18.99 8.47
C THR A 109 -16.61 -18.78 6.98
N PHE A 110 -15.85 -19.70 6.38
CA PHE A 110 -15.75 -19.77 4.92
C PHE A 110 -17.12 -19.99 4.30
N ARG A 111 -17.94 -20.83 4.95
CA ARG A 111 -19.29 -21.15 4.48
C ARG A 111 -20.17 -19.89 4.38
N LYS A 112 -20.10 -19.03 5.39
CA LYS A 112 -20.85 -17.78 5.37
C LYS A 112 -20.28 -16.83 4.33
N ASN A 113 -18.95 -16.77 4.24
CA ASN A 113 -18.29 -15.89 3.30
C ASN A 113 -18.67 -16.12 1.84
N LEU A 114 -18.90 -17.38 1.48
CA LEU A 114 -19.28 -17.73 0.11
C LEU A 114 -20.80 -17.75 -0.06
N ASP A 115 -21.52 -18.04 1.02
CA ASP A 115 -22.97 -18.13 0.99
C ASP A 115 -23.59 -17.39 2.19
N PRO A 116 -23.58 -16.04 2.16
CA PRO A 116 -24.09 -15.25 3.28
C PRO A 116 -25.57 -15.43 3.56
N ASN A 117 -26.36 -15.65 2.51
CA ASN A 117 -27.81 -15.79 2.63
C ASN A 117 -28.23 -17.23 2.91
N ALA A 118 -27.25 -18.12 3.01
CA ALA A 118 -27.46 -19.54 3.32
C ALA A 118 -28.44 -20.19 2.35
N ALA A 119 -28.17 -20.03 1.06
CA ALA A 119 -29.05 -20.55 0.00
C ALA A 119 -28.42 -21.71 -0.77
N HIS A 120 -27.32 -22.24 -0.24
CA HIS A 120 -26.60 -23.33 -0.92
C HIS A 120 -26.14 -24.42 0.04
N SER A 121 -26.19 -25.66 -0.42
CA SER A 121 -25.63 -26.78 0.32
C SER A 121 -24.10 -26.79 0.20
N ASP A 122 -23.44 -27.44 1.15
CA ASP A 122 -21.97 -27.55 1.16
C ASP A 122 -21.41 -28.16 -0.13
N GLN A 123 -22.15 -29.06 -0.77
CA GLN A 123 -21.71 -29.68 -2.02
C GLN A 123 -21.54 -28.63 -3.10
N GLU A 124 -22.57 -27.81 -3.30
CA GLU A 124 -22.54 -26.77 -4.34
C GLU A 124 -21.68 -25.56 -3.99
N ILE A 125 -21.44 -25.33 -2.69
CA ILE A 125 -20.46 -24.34 -2.24
C ILE A 125 -19.05 -24.78 -2.65
N TRP A 126 -18.77 -26.07 -2.43
CA TRP A 126 -17.48 -26.66 -2.80
C TRP A 126 -17.25 -26.69 -4.31
N LYS A 127 -18.32 -26.92 -5.07
CA LYS A 127 -18.25 -26.96 -6.53
C LYS A 127 -17.67 -25.66 -7.08
N VAL A 128 -18.29 -24.53 -6.73
CA VAL A 128 -17.84 -23.21 -7.15
C VAL A 128 -16.44 -22.95 -6.61
N ALA A 129 -16.20 -23.31 -5.35
CA ALA A 129 -14.89 -23.15 -4.72
C ALA A 129 -13.77 -23.77 -5.54
N ASP A 130 -14.00 -25.00 -6.00
CA ASP A 130 -13.07 -25.70 -6.87
C ASP A 130 -12.91 -25.00 -8.21
N GLU A 131 -14.03 -24.57 -8.78
CA GLU A 131 -14.06 -23.91 -10.10
C GLU A 131 -13.18 -22.68 -10.16
N VAL A 132 -13.21 -21.87 -9.10
CA VAL A 132 -12.37 -20.66 -9.01
C VAL A 132 -10.99 -20.93 -8.39
N GLY A 133 -10.71 -22.20 -8.09
CA GLY A 133 -9.39 -22.61 -7.61
C GLY A 133 -9.12 -22.42 -6.14
N LEU A 134 -10.19 -22.34 -5.34
CA LEU A 134 -10.08 -22.10 -3.90
C LEU A 134 -10.13 -23.37 -3.07
N ARG A 135 -10.49 -24.49 -3.70
CA ARG A 135 -10.76 -25.73 -2.97
C ARG A 135 -9.59 -26.19 -2.12
N SER A 136 -8.39 -26.16 -2.70
CA SER A 136 -7.20 -26.59 -1.99
C SER A 136 -6.79 -25.62 -0.88
N VAL A 137 -7.28 -24.38 -0.95
CA VAL A 137 -6.99 -23.38 0.09
C VAL A 137 -7.83 -23.63 1.35
N ILE A 138 -9.15 -23.76 1.17
CA ILE A 138 -10.07 -24.00 2.29
C ILE A 138 -9.66 -25.25 3.06
N GLU A 139 -9.26 -26.29 2.31
CA GLU A 139 -8.90 -27.59 2.87
C GLU A 139 -7.70 -27.55 3.81
N GLN A 140 -6.92 -26.47 3.73
CA GLN A 140 -5.73 -26.31 4.56
C GLN A 140 -6.09 -25.91 6.00
N PHE A 141 -7.25 -25.30 6.16
CA PHE A 141 -7.70 -24.81 7.47
C PHE A 141 -8.50 -25.85 8.24
N PRO A 142 -8.24 -25.97 9.56
CA PRO A 142 -8.98 -26.85 10.45
C PRO A 142 -10.47 -26.47 10.50
N GLY A 143 -11.33 -27.41 10.17
CA GLY A 143 -12.77 -27.15 10.08
C GLY A 143 -13.20 -26.92 8.66
N LYS A 144 -12.23 -26.57 7.80
CA LYS A 144 -12.46 -26.27 6.39
C LYS A 144 -13.51 -25.17 6.19
N LEU A 145 -14.70 -25.53 5.71
CA LEU A 145 -15.77 -24.53 5.54
C LEU A 145 -16.17 -23.89 6.88
N ASP A 146 -16.00 -24.64 7.96
CA ASP A 146 -16.39 -24.18 9.30
C ASP A 146 -15.36 -23.26 9.96
N PHE A 147 -14.18 -23.14 9.37
CA PHE A 147 -13.11 -22.30 9.91
C PHE A 147 -13.56 -20.84 10.02
N VAL A 148 -13.27 -20.22 11.14
CA VAL A 148 -13.70 -18.85 11.41
C VAL A 148 -12.63 -17.84 11.02
N LEU A 149 -12.97 -16.99 10.05
CA LEU A 149 -12.12 -15.89 9.62
C LEU A 149 -12.42 -14.66 10.47
N VAL A 150 -11.57 -14.40 11.46
CA VAL A 150 -11.74 -13.25 12.34
C VAL A 150 -11.20 -11.98 11.68
N ASP A 151 -11.73 -10.84 12.13
CA ASP A 151 -11.26 -9.52 11.69
C ASP A 151 -11.20 -9.35 10.17
N GLY A 152 -12.32 -9.66 9.51
CA GLY A 152 -12.43 -9.50 8.06
C GLY A 152 -11.39 -10.29 7.27
N GLY A 153 -11.17 -11.53 7.69
CA GLY A 153 -10.20 -12.42 7.06
C GLY A 153 -8.80 -11.85 7.02
N CYS A 154 -8.33 -11.34 8.17
CA CYS A 154 -7.01 -10.73 8.25
C CYS A 154 -5.86 -11.72 7.98
N VAL A 155 -6.12 -13.01 8.10
CA VAL A 155 -5.08 -14.02 7.85
C VAL A 155 -4.87 -14.29 6.36
N LEU A 156 -5.88 -14.00 5.54
CA LEU A 156 -5.84 -14.33 4.12
C LEU A 156 -5.06 -13.34 3.26
N SER A 157 -4.39 -13.86 2.23
CA SER A 157 -3.74 -13.05 1.22
C SER A 157 -4.80 -12.32 0.40
N HIS A 158 -4.42 -11.22 -0.22
CA HIS A 158 -5.35 -10.46 -1.06
C HIS A 158 -5.94 -11.32 -2.19
N GLY A 159 -5.07 -12.12 -2.83
CA GLY A 159 -5.47 -13.03 -3.89
C GLY A 159 -6.56 -14.01 -3.48
N HIS A 160 -6.41 -14.61 -2.30
CA HIS A 160 -7.40 -15.55 -1.77
C HIS A 160 -8.72 -14.88 -1.42
N LYS A 161 -8.65 -13.61 -1.06
CA LYS A 161 -9.84 -12.78 -0.81
C LYS A 161 -10.56 -12.50 -2.13
N GLN A 162 -9.79 -12.16 -3.17
CA GLN A 162 -10.32 -11.89 -4.51
C GLN A 162 -11.05 -13.11 -5.04
N LEU A 163 -10.48 -14.29 -4.81
CA LEU A 163 -11.07 -15.54 -5.25
C LEU A 163 -12.38 -15.86 -4.52
N MET A 164 -12.43 -15.54 -3.23
CA MET A 164 -13.64 -15.73 -2.42
C MET A 164 -14.79 -14.86 -2.86
N CYS A 165 -14.51 -13.58 -3.08
CA CYS A 165 -15.53 -12.65 -3.56
C CYS A 165 -16.02 -13.05 -4.95
N LEU A 166 -15.11 -13.58 -5.77
CA LEU A 166 -15.47 -14.09 -7.08
C LEU A 166 -16.39 -15.30 -6.95
N ALA A 167 -15.98 -16.24 -6.10
CA ALA A 167 -16.79 -17.43 -5.79
C ALA A 167 -18.15 -17.04 -5.24
N ARG A 168 -18.19 -16.03 -4.37
CA ARG A 168 -19.43 -15.47 -3.86
C ARG A 168 -20.33 -14.97 -5.00
N SER A 169 -19.74 -14.30 -5.98
CA SER A 169 -20.47 -13.77 -7.13
C SER A 169 -21.06 -14.87 -8.01
N VAL A 170 -20.23 -15.87 -8.33
CA VAL A 170 -20.63 -17.01 -9.15
C VAL A 170 -21.75 -17.79 -8.47
N LEU A 171 -21.66 -17.89 -7.15
CA LEU A 171 -22.67 -18.54 -6.32
C LEU A 171 -23.98 -17.74 -6.36
N SER A 172 -23.87 -16.42 -6.43
CA SER A 172 -25.03 -15.53 -6.59
C SER A 172 -25.54 -15.56 -8.04
N LYS A 173 -25.23 -16.64 -8.74
CA LYS A 173 -25.56 -16.86 -10.17
C LYS A 173 -25.14 -15.77 -11.18
N ALA A 174 -23.89 -15.32 -11.06
CA ALA A 174 -23.28 -14.47 -12.09
C ALA A 174 -22.82 -15.35 -13.25
N LYS A 175 -22.93 -14.82 -14.47
CA LYS A 175 -22.57 -15.59 -15.66
C LYS A 175 -21.71 -14.82 -16.68
N ILE A 176 -21.85 -13.50 -16.70
CA ILE A 176 -21.07 -12.67 -17.62
C ILE A 176 -19.95 -11.96 -16.87
N LEU A 177 -18.72 -12.17 -17.33
CA LEU A 177 -17.54 -11.71 -16.60
C LEU A 177 -16.93 -10.44 -17.20
N LEU A 178 -16.79 -9.43 -16.35
CA LEU A 178 -16.18 -8.15 -16.76
C LEU A 178 -14.84 -7.98 -16.08
N LEU A 179 -13.79 -8.01 -16.90
CA LEU A 179 -12.41 -7.97 -16.42
C LEU A 179 -11.71 -6.66 -16.83
N ASP A 180 -11.70 -5.67 -15.94
CA ASP A 180 -11.04 -4.40 -16.24
C ASP A 180 -9.58 -4.41 -15.79
N GLU A 181 -8.69 -4.69 -16.74
CA GLU A 181 -7.24 -4.76 -16.51
C GLU A 181 -6.86 -5.67 -15.33
N PRO A 182 -7.25 -6.95 -15.39
CA PRO A 182 -6.95 -7.87 -14.30
C PRO A 182 -5.46 -8.15 -14.11
N SER A 183 -4.65 -7.93 -15.16
CA SER A 183 -3.21 -8.13 -15.06
C SER A 183 -2.52 -7.02 -14.26
N ALA A 184 -3.27 -5.97 -13.94
CA ALA A 184 -2.74 -4.83 -13.20
C ALA A 184 -3.27 -4.75 -11.77
N HIS A 185 -4.34 -5.48 -11.49
CA HIS A 185 -4.99 -5.43 -10.19
C HIS A 185 -4.82 -6.72 -9.38
N LEU A 186 -4.63 -7.82 -10.09
CA LEU A 186 -4.38 -9.11 -9.46
C LEU A 186 -2.89 -9.42 -9.49
N ASP A 187 -2.40 -10.02 -8.40
CA ASP A 187 -1.00 -10.46 -8.33
C ASP A 187 -0.77 -11.58 -9.35
N PRO A 188 0.48 -11.69 -9.86
CA PRO A 188 0.83 -12.66 -10.91
C PRO A 188 0.16 -14.03 -10.75
N VAL A 189 0.24 -14.62 -9.56
CA VAL A 189 -0.24 -15.98 -9.31
C VAL A 189 -1.77 -16.09 -9.36
N THR A 190 -2.45 -15.09 -8.81
CA THR A 190 -3.91 -15.04 -8.84
C THR A 190 -4.41 -14.81 -10.27
N TYR A 191 -3.71 -13.94 -10.99
CA TYR A 191 -3.99 -13.66 -12.40
C TYR A 191 -4.01 -14.93 -13.25
N GLN A 192 -3.04 -15.82 -13.02
CA GLN A 192 -2.94 -17.09 -13.75
C GLN A 192 -4.07 -18.07 -13.41
N ILE A 193 -4.46 -18.09 -12.14
CA ILE A 193 -5.57 -18.94 -11.69
C ILE A 193 -6.86 -18.53 -12.40
N ILE A 194 -7.10 -17.21 -12.50
CA ILE A 194 -8.26 -16.68 -13.22
C ILE A 194 -8.20 -17.02 -14.70
N ARG A 195 -7.04 -16.78 -15.30
CA ARG A 195 -6.79 -17.13 -16.70
C ARG A 195 -7.12 -18.60 -16.97
N ARG A 196 -6.60 -19.49 -16.12
CA ARG A 196 -6.89 -20.92 -16.22
C ARG A 196 -8.37 -21.26 -16.09
N THR A 197 -9.04 -20.63 -15.14
CA THR A 197 -10.46 -20.90 -14.88
C THR A 197 -11.37 -20.41 -16.01
N LEU A 198 -10.91 -19.39 -16.73
CA LEU A 198 -11.60 -18.91 -17.94
C LEU A 198 -11.57 -19.98 -19.03
N LYS A 199 -10.50 -20.76 -19.05
CA LYS A 199 -10.36 -21.89 -19.98
C LYS A 199 -11.08 -23.15 -19.46
N GLN A 200 -11.29 -23.21 -18.14
CA GLN A 200 -11.87 -24.40 -17.51
C GLN A 200 -13.37 -24.24 -17.23
N ALA A 201 -13.69 -23.78 -16.03
CA ALA A 201 -15.07 -23.75 -15.53
C ALA A 201 -15.94 -22.65 -16.15
N PHE A 202 -15.30 -21.60 -16.64
CA PHE A 202 -16.02 -20.48 -17.26
C PHE A 202 -15.82 -20.45 -18.78
N ALA A 203 -15.46 -21.60 -19.34
CA ALA A 203 -15.22 -21.75 -20.77
C ALA A 203 -16.43 -21.36 -21.62
N ASP A 204 -17.63 -21.57 -21.07
CA ASP A 204 -18.87 -21.25 -21.76
C ASP A 204 -19.50 -19.95 -21.28
N CYS A 205 -18.75 -19.17 -20.51
CA CYS A 205 -19.22 -17.87 -20.03
C CYS A 205 -18.81 -16.76 -20.98
N THR A 206 -19.69 -15.77 -21.15
CA THR A 206 -19.33 -14.57 -21.90
C THR A 206 -18.38 -13.73 -21.05
N VAL A 207 -17.23 -13.41 -21.63
CA VAL A 207 -16.21 -12.65 -20.91
C VAL A 207 -15.80 -11.42 -21.72
N ILE A 208 -15.86 -10.26 -21.06
CA ILE A 208 -15.38 -9.02 -21.65
C ILE A 208 -14.10 -8.59 -20.92
N LEU A 209 -12.99 -8.74 -21.62
CA LEU A 209 -11.66 -8.49 -21.08
C LEU A 209 -11.08 -7.20 -21.66
N CYS A 210 -10.44 -6.41 -20.82
CA CYS A 210 -9.90 -5.12 -21.21
C CYS A 210 -8.48 -4.94 -20.70
N GLU A 211 -7.52 -4.88 -21.62
CA GLU A 211 -6.10 -4.76 -21.27
C GLU A 211 -5.36 -3.79 -22.19
N ALA A 212 -4.31 -3.18 -21.66
CA ALA A 212 -3.46 -2.25 -22.43
C ALA A 212 -2.65 -2.98 -23.50
N ARG A 213 -1.91 -4.00 -23.07
CA ARG A 213 -1.14 -4.85 -23.98
C ARG A 213 -2.05 -5.82 -24.72
N ILE A 214 -1.76 -6.06 -25.98
CA ILE A 214 -2.52 -7.01 -26.80
C ILE A 214 -2.23 -8.46 -26.41
N GLU A 215 -0.99 -8.74 -26.04
CA GLU A 215 -0.56 -10.08 -25.63
C GLU A 215 -1.31 -10.61 -24.40
N ALA A 216 -1.88 -9.68 -23.63
CA ALA A 216 -2.70 -10.02 -22.47
C ALA A 216 -4.12 -10.43 -22.85
N MET A 217 -4.48 -10.27 -24.12
CA MET A 217 -5.81 -10.67 -24.59
C MET A 217 -5.77 -11.50 -25.87
N LEU A 218 -4.84 -12.45 -25.90
CA LEU A 218 -4.61 -13.33 -27.04
C LEU A 218 -5.63 -14.48 -27.10
N GLU A 219 -6.34 -14.69 -25.98
CA GLU A 219 -7.27 -15.83 -25.85
C GLU A 219 -8.66 -15.49 -26.37
N CYS A 220 -8.88 -14.24 -26.76
CA CYS A 220 -10.19 -13.75 -27.15
C CYS A 220 -10.64 -14.29 -28.50
N ASP A 221 -11.93 -14.55 -28.64
CA ASP A 221 -12.51 -15.07 -29.87
C ASP A 221 -13.06 -13.94 -30.75
N GLN A 222 -13.00 -12.71 -30.23
CA GLN A 222 -13.70 -11.57 -30.79
C GLN A 222 -13.12 -10.30 -30.19
N PHE A 223 -13.18 -9.21 -30.95
CA PHE A 223 -12.66 -7.92 -30.48
C PHE A 223 -13.64 -6.78 -30.76
N LEU A 224 -13.96 -6.01 -29.72
CA LEU A 224 -14.76 -4.80 -29.87
C LEU A 224 -13.90 -3.56 -29.69
N VAL A 225 -13.83 -2.77 -30.75
CA VAL A 225 -13.04 -1.55 -30.77
C VAL A 225 -13.95 -0.33 -30.66
N ILE A 226 -13.74 0.47 -29.63
CA ILE A 226 -14.43 1.72 -29.47
C ILE A 226 -13.65 2.80 -30.22
N GLU A 227 -14.17 3.20 -31.38
CA GLU A 227 -13.62 4.33 -32.13
C GLU A 227 -14.49 5.57 -31.93
N GLU A 228 -14.10 6.70 -32.50
CA GLU A 228 -14.84 7.96 -32.32
C GLU A 228 -16.31 7.83 -32.74
N ASN A 229 -17.20 7.82 -31.74
CA ASN A 229 -18.65 7.76 -31.93
C ASN A 229 -19.20 6.51 -32.63
N LYS A 230 -18.46 5.41 -32.55
CA LYS A 230 -18.89 4.12 -33.13
C LYS A 230 -18.12 2.96 -32.50
N VAL A 231 -18.74 1.78 -32.46
CA VAL A 231 -18.06 0.56 -32.00
C VAL A 231 -17.94 -0.46 -33.12
N ARG A 232 -16.71 -0.89 -33.39
CA ARG A 232 -16.46 -1.86 -34.44
C ARG A 232 -16.10 -3.25 -33.90
N GLN A 233 -16.51 -4.27 -34.65
CA GLN A 233 -16.26 -5.66 -34.27
C GLN A 233 -15.25 -6.30 -35.22
N TYR A 234 -14.31 -7.04 -34.65
CA TYR A 234 -13.32 -7.79 -35.40
C TYR A 234 -13.42 -9.27 -35.03
N ASP A 235 -13.37 -10.14 -36.04
CA ASP A 235 -13.53 -11.58 -35.82
C ASP A 235 -12.34 -12.26 -35.16
N SER A 236 -11.14 -11.71 -35.36
CA SER A 236 -9.91 -12.34 -34.86
C SER A 236 -8.75 -11.36 -34.70
N ILE A 237 -7.62 -11.89 -34.21
CA ILE A 237 -6.35 -11.17 -34.19
C ILE A 237 -5.94 -10.90 -35.64
N LEU A 238 -6.16 -11.89 -36.49
CA LEU A 238 -5.79 -11.81 -37.91
C LEU A 238 -6.49 -10.68 -38.66
N GLU A 239 -7.79 -10.49 -38.41
CA GLU A 239 -8.52 -9.38 -38.99
C GLU A 239 -8.03 -8.04 -38.43
N LEU A 240 -7.76 -8.03 -37.12
CA LEU A 240 -7.26 -6.86 -36.41
C LEU A 240 -5.93 -6.39 -37.02
N TYR A 241 -5.09 -7.36 -37.36
CA TYR A 241 -3.72 -7.13 -37.81
C TYR A 241 -3.65 -6.77 -39.30
N HIS A 242 -4.31 -7.57 -40.13
CA HIS A 242 -4.27 -7.37 -41.57
C HIS A 242 -5.13 -6.21 -42.02
N TYR A 243 -6.34 -6.12 -41.47
CA TYR A 243 -7.32 -5.12 -41.89
C TYR A 243 -7.79 -4.21 -40.76
N PRO A 244 -6.86 -3.39 -40.19
CA PRO A 244 -7.34 -2.38 -39.26
C PRO A 244 -8.20 -1.37 -39.98
N ALA A 245 -9.31 -0.97 -39.36
CA ALA A 245 -10.21 0.03 -39.94
C ALA A 245 -9.79 1.45 -39.59
N ASP A 246 -8.88 1.59 -38.64
CA ASP A 246 -8.30 2.91 -38.33
C ASP A 246 -6.85 2.85 -37.86
N ARG A 247 -6.27 4.02 -37.66
CA ARG A 247 -4.85 4.19 -37.37
C ARG A 247 -4.49 3.74 -35.95
N PHE A 248 -5.45 3.79 -35.04
CA PHE A 248 -5.24 3.27 -33.69
C PHE A 248 -5.12 1.75 -33.73
N VAL A 249 -6.11 1.11 -34.34
CA VAL A 249 -6.15 -0.35 -34.47
C VAL A 249 -4.88 -0.86 -35.15
N ALA A 250 -4.41 -0.10 -36.14
CA ALA A 250 -3.18 -0.41 -36.86
C ALA A 250 -1.95 -0.38 -35.97
N GLY A 251 -1.88 0.63 -35.11
CA GLY A 251 -0.74 0.82 -34.20
C GLY A 251 -0.76 -0.09 -32.98
N PHE A 252 -1.94 -0.61 -32.65
CA PHE A 252 -2.16 -1.40 -31.45
C PHE A 252 -1.56 -2.81 -31.52
N ILE A 253 -1.45 -3.36 -32.73
CA ILE A 253 -0.86 -4.68 -32.94
C ILE A 253 0.51 -4.54 -33.61
N GLY A 254 1.45 -5.40 -33.20
CA GLY A 254 2.78 -5.43 -33.79
C GLY A 254 3.76 -4.54 -33.08
N SER A 255 4.86 -5.15 -32.63
CA SER A 255 5.98 -4.42 -32.06
C SER A 255 7.28 -4.95 -32.67
N PRO A 256 8.03 -4.10 -33.38
CA PRO A 256 7.82 -2.65 -33.56
C PRO A 256 6.50 -2.26 -34.21
N LYS A 257 5.99 -1.10 -33.81
CA LYS A 257 4.78 -0.51 -34.35
C LYS A 257 4.90 -0.29 -35.85
N MET A 258 3.76 -0.38 -36.55
CA MET A 258 3.68 -0.13 -37.99
C MET A 258 4.28 1.22 -38.37
N ASN A 259 5.05 1.24 -39.45
CA ASN A 259 5.63 2.47 -39.99
C ASN A 259 4.58 3.33 -40.68
N PHE A 260 4.63 4.64 -40.44
CA PHE A 260 3.73 5.58 -41.09
C PHE A 260 4.50 6.64 -41.89
N LEU A 261 4.10 6.80 -43.15
CA LEU A 261 4.71 7.78 -44.04
C LEU A 261 3.65 8.68 -44.65
N PRO A 262 3.87 10.01 -44.62
CA PRO A 262 2.94 10.95 -45.26
C PRO A 262 3.03 10.86 -46.78
N VAL A 263 1.87 10.69 -47.43
CA VAL A 263 1.80 10.62 -48.90
C VAL A 263 0.67 11.49 -49.47
N LYS A 264 0.70 11.69 -50.79
CA LYS A 264 -0.34 12.44 -51.49
C LYS A 264 -0.95 11.59 -52.60
N VAL A 265 -2.28 11.60 -52.70
CA VAL A 265 -2.99 10.86 -53.74
C VAL A 265 -2.76 11.53 -55.10
N THR A 266 -2.25 10.76 -56.06
CA THR A 266 -2.02 11.30 -57.40
C THR A 266 -3.12 10.90 -58.38
N ALA A 267 -3.54 9.64 -58.32
CA ALA A 267 -4.59 9.13 -59.21
C ALA A 267 -5.53 8.16 -58.51
N THR A 268 -6.68 7.95 -59.12
CA THR A 268 -7.75 7.10 -58.58
C THR A 268 -8.26 6.13 -59.65
N ALA A 269 -8.37 4.86 -59.25
CA ALA A 269 -8.89 3.81 -60.14
C ALA A 269 -10.07 3.07 -59.48
N ILE A 270 -10.54 2.01 -60.13
CA ILE A 270 -11.74 1.28 -59.70
C ILE A 270 -11.53 0.53 -58.38
N ASP A 271 -10.42 -0.19 -58.28
CA ASP A 271 -10.03 -0.84 -57.02
C ASP A 271 -8.56 -0.57 -56.69
N GLN A 272 -8.15 0.69 -56.90
CA GLN A 272 -6.78 1.13 -56.68
C GLN A 272 -6.71 2.60 -56.32
N VAL A 273 -5.63 2.99 -55.64
CA VAL A 273 -5.34 4.38 -55.34
C VAL A 273 -3.85 4.59 -55.54
N GLN A 274 -3.50 5.56 -56.40
CA GLN A 274 -2.10 5.89 -56.62
C GLN A 274 -1.66 7.02 -55.68
N VAL A 275 -0.51 6.82 -55.04
CA VAL A 275 0.03 7.80 -54.12
C VAL A 275 1.48 8.14 -54.46
N GLU A 276 1.90 9.34 -54.07
CA GLU A 276 3.27 9.79 -54.30
C GLU A 276 4.05 9.81 -52.98
N LEU A 277 5.25 9.22 -53.01
CA LEU A 277 6.16 9.23 -51.87
C LEU A 277 6.83 10.60 -51.71
N PRO A 278 7.06 11.05 -50.45
CA PRO A 278 7.49 12.42 -50.18
C PRO A 278 8.96 12.74 -50.51
N MET A 279 9.72 11.73 -50.92
CA MET A 279 11.16 11.84 -51.16
C MET A 279 11.47 12.70 -52.39
N PRO A 280 12.66 13.34 -52.42
CA PRO A 280 13.11 14.17 -53.55
C PRO A 280 12.88 13.56 -54.94
N ASN A 281 13.00 12.23 -55.05
CA ASN A 281 12.78 11.54 -56.32
C ASN A 281 11.30 11.29 -56.64
N ARG A 282 10.43 11.46 -55.64
CA ARG A 282 8.97 11.37 -55.78
C ARG A 282 8.47 10.18 -56.60
N GLN A 283 8.62 8.99 -56.03
CA GLN A 283 8.08 7.77 -56.66
C GLN A 283 6.57 7.75 -56.52
N GLN A 284 5.91 7.21 -57.55
CA GLN A 284 4.46 7.01 -57.51
C GLN A 284 4.18 5.53 -57.60
N VAL A 285 3.22 5.06 -56.80
CA VAL A 285 2.88 3.64 -56.77
C VAL A 285 1.40 3.41 -56.48
N TRP A 286 0.84 2.38 -57.12
CA TRP A 286 -0.54 1.97 -56.90
C TRP A 286 -0.64 1.02 -55.72
N LEU A 287 -1.73 1.14 -54.97
CA LEU A 287 -1.96 0.31 -53.80
C LEU A 287 -3.33 -0.35 -53.88
N PRO A 288 -3.38 -1.69 -53.72
CA PRO A 288 -4.62 -2.47 -53.83
C PRO A 288 -5.57 -2.18 -52.67
N VAL A 289 -6.12 -0.97 -52.68
CA VAL A 289 -6.89 -0.45 -51.55
C VAL A 289 -8.19 0.19 -52.03
N GLU A 290 -9.18 0.26 -51.16
CA GLU A 290 -10.52 0.74 -51.50
C GLU A 290 -10.49 2.21 -51.93
N SER A 291 -11.15 2.50 -53.05
CA SER A 291 -11.01 3.77 -53.74
C SER A 291 -12.03 4.85 -53.35
N ARG A 292 -13.19 4.43 -52.83
CA ARG A 292 -14.27 5.37 -52.47
C ARG A 292 -13.83 6.36 -51.38
N ASP A 293 -14.44 7.54 -51.39
CA ASP A 293 -14.14 8.61 -50.43
C ASP A 293 -12.64 8.96 -50.40
N VAL A 294 -12.03 8.95 -51.58
CA VAL A 294 -10.63 9.34 -51.74
C VAL A 294 -10.54 10.42 -52.81
N GLN A 295 -10.24 11.64 -52.39
CA GLN A 295 -10.17 12.78 -53.30
C GLN A 295 -8.75 12.99 -53.79
N VAL A 296 -8.59 13.02 -55.11
CA VAL A 296 -7.28 13.24 -55.74
C VAL A 296 -6.62 14.50 -55.18
N GLY A 297 -5.36 14.37 -54.80
CA GLY A 297 -4.61 15.48 -54.21
C GLY A 297 -4.57 15.45 -52.69
N ALA A 298 -5.41 14.61 -52.10
CA ALA A 298 -5.54 14.49 -50.64
C ALA A 298 -4.28 13.97 -49.96
N ASN A 299 -4.01 14.51 -48.77
CA ASN A 299 -2.91 14.05 -47.95
C ASN A 299 -3.29 12.78 -47.20
N MET A 300 -2.40 11.79 -47.26
CA MET A 300 -2.67 10.47 -46.73
C MET A 300 -1.52 9.97 -45.87
N SER A 301 -1.79 8.93 -45.10
CA SER A 301 -0.77 8.25 -44.33
C SER A 301 -0.61 6.81 -44.80
N LEU A 302 0.55 6.52 -45.39
CA LEU A 302 0.88 5.17 -45.83
C LEU A 302 1.41 4.34 -44.68
N GLY A 303 0.81 3.17 -44.46
CA GLY A 303 1.20 2.28 -43.38
C GLY A 303 1.85 0.99 -43.86
N ILE A 304 3.09 0.76 -43.42
CA ILE A 304 3.82 -0.47 -43.72
C ILE A 304 4.53 -1.02 -42.47
N ARG A 305 4.21 -2.25 -42.10
CA ARG A 305 4.84 -2.90 -40.95
C ARG A 305 6.29 -3.32 -41.26
N PRO A 306 7.20 -3.16 -40.29
CA PRO A 306 8.59 -3.57 -40.45
C PRO A 306 8.75 -5.02 -40.91
N GLU A 307 7.87 -5.91 -40.44
CA GLU A 307 7.87 -7.31 -40.82
C GLU A 307 7.61 -7.50 -42.31
N HIS A 308 6.93 -6.52 -42.91
CA HIS A 308 6.47 -6.62 -44.28
C HIS A 308 7.39 -5.98 -45.31
N LEU A 309 8.33 -5.17 -44.83
CA LEU A 309 9.33 -4.58 -45.70
C LEU A 309 10.23 -5.66 -46.26
N LEU A 310 10.54 -5.56 -47.55
CA LEU A 310 11.35 -6.55 -48.24
C LEU A 310 12.81 -6.12 -48.31
N PRO A 311 13.74 -7.08 -48.47
CA PRO A 311 15.14 -6.73 -48.74
C PRO A 311 15.31 -6.05 -50.10
N SER A 312 16.49 -5.44 -50.31
CA SER A 312 16.78 -4.62 -51.49
C SER A 312 16.45 -5.31 -52.82
N ASP A 313 17.19 -6.37 -53.14
CA ASP A 313 17.15 -7.01 -54.45
C ASP A 313 15.86 -7.79 -54.76
N ILE A 314 15.05 -8.04 -53.73
CA ILE A 314 13.81 -8.81 -53.89
C ILE A 314 12.78 -8.09 -54.76
N ALA A 315 12.60 -6.79 -54.54
CA ALA A 315 11.54 -6.02 -55.22
C ALA A 315 11.95 -4.65 -55.77
N ASP A 316 10.94 -3.84 -56.08
CA ASP A 316 11.09 -2.64 -56.92
C ASP A 316 11.25 -1.33 -56.16
N VAL A 317 10.19 -0.90 -55.47
CA VAL A 317 10.16 0.40 -54.79
C VAL A 317 11.16 0.44 -53.64
N ILE A 318 12.34 0.98 -53.92
CA ILE A 318 13.43 1.02 -52.92
C ILE A 318 13.43 2.33 -52.16
N LEU A 319 14.01 2.29 -50.96
CA LEU A 319 14.15 3.48 -50.11
C LEU A 319 15.52 3.46 -49.44
N GLU A 320 16.45 4.22 -49.98
CA GLU A 320 17.80 4.31 -49.41
C GLU A 320 17.80 5.19 -48.17
N GLY A 321 18.80 5.00 -47.30
CA GLY A 321 18.93 5.79 -46.09
C GLY A 321 20.05 5.35 -45.18
N GLU A 322 20.37 6.20 -44.19
CA GLU A 322 21.44 5.94 -43.25
C GLU A 322 20.93 5.23 -41.99
N VAL A 323 21.63 4.18 -41.58
CA VAL A 323 21.24 3.39 -40.41
C VAL A 323 21.55 4.17 -39.13
N GLN A 324 20.51 4.43 -38.33
CA GLN A 324 20.66 5.20 -37.09
C GLN A 324 20.83 4.28 -35.89
N VAL A 325 20.02 3.24 -35.82
CA VAL A 325 20.05 2.29 -34.71
C VAL A 325 19.99 0.85 -35.24
N VAL A 326 20.93 0.02 -34.77
CA VAL A 326 20.91 -1.41 -35.03
C VAL A 326 20.57 -2.12 -33.72
N GLU A 327 19.70 -3.12 -33.79
CA GLU A 327 19.26 -3.84 -32.60
C GLU A 327 19.20 -5.34 -32.81
N GLN A 328 20.14 -6.03 -32.17
CA GLN A 328 20.24 -7.50 -32.24
C GLN A 328 19.48 -8.11 -31.06
N LEU A 329 18.50 -8.95 -31.37
CA LEU A 329 17.68 -9.59 -30.34
C LEU A 329 17.79 -11.11 -30.35
N GLY A 330 18.51 -11.63 -31.32
CA GLY A 330 18.70 -13.07 -31.47
C GLY A 330 17.72 -13.69 -32.45
N ASN A 331 16.45 -13.74 -32.06
CA ASN A 331 15.40 -14.26 -32.92
C ASN A 331 15.08 -13.34 -34.10
N GLU A 332 15.25 -12.04 -33.88
CA GLU A 332 15.00 -11.02 -34.91
C GLU A 332 16.07 -9.93 -34.89
N THR A 333 16.09 -9.10 -35.93
CA THR A 333 17.01 -7.97 -36.01
C THR A 333 16.25 -6.71 -36.44
N GLN A 334 16.31 -5.68 -35.60
CA GLN A 334 15.63 -4.42 -35.87
C GLN A 334 16.58 -3.36 -36.37
N ILE A 335 16.28 -2.82 -37.55
CA ILE A 335 17.09 -1.79 -38.20
C ILE A 335 16.32 -0.47 -38.26
N HIS A 336 16.95 0.59 -37.78
CA HIS A 336 16.39 1.94 -37.86
C HIS A 336 17.10 2.71 -38.98
N ILE A 337 16.34 3.10 -40.00
CA ILE A 337 16.89 3.80 -41.15
C ILE A 337 16.29 5.19 -41.27
N GLN A 338 17.15 6.19 -41.49
CA GLN A 338 16.72 7.55 -41.76
C GLN A 338 16.67 7.77 -43.27
N ILE A 339 15.47 8.04 -43.77
CA ILE A 339 15.26 8.23 -45.20
C ILE A 339 14.89 9.70 -45.47
N PRO A 340 15.57 10.33 -46.46
CA PRO A 340 15.31 11.72 -46.87
C PRO A 340 13.83 12.07 -47.04
N SER A 341 13.41 13.13 -46.35
CA SER A 341 12.05 13.70 -46.44
C SER A 341 11.01 13.05 -45.51
N ILE A 342 11.42 12.07 -44.72
CA ILE A 342 10.55 11.47 -43.70
C ILE A 342 11.10 11.77 -42.31
N ARG A 343 10.26 12.37 -41.47
CA ARG A 343 10.64 12.80 -40.12
C ARG A 343 10.92 11.62 -39.20
N GLN A 344 9.98 10.67 -39.14
CA GLN A 344 10.14 9.47 -38.34
C GLN A 344 11.08 8.47 -39.02
N ASN A 345 12.02 7.93 -38.24
CA ASN A 345 12.89 6.87 -38.74
C ASN A 345 12.10 5.63 -39.11
N LEU A 346 12.39 5.06 -40.27
CA LEU A 346 11.70 3.85 -40.72
C LEU A 346 12.29 2.62 -40.03
N VAL A 347 11.41 1.85 -39.39
CA VAL A 347 11.82 0.67 -38.65
C VAL A 347 11.73 -0.56 -39.55
N TYR A 348 12.74 -1.42 -39.48
CA TYR A 348 12.82 -2.59 -40.35
C TYR A 348 13.18 -3.85 -39.56
N ARG A 349 12.51 -4.95 -39.89
CA ARG A 349 12.80 -6.25 -39.28
C ARG A 349 13.35 -7.25 -40.30
N GLN A 350 14.60 -7.65 -40.10
CA GLN A 350 15.29 -8.59 -40.99
C GLN A 350 15.16 -10.04 -40.51
N ASN A 351 15.46 -10.98 -41.41
CA ASN A 351 15.39 -12.41 -41.12
C ASN A 351 16.49 -12.89 -40.17
N ASP A 352 16.06 -13.56 -39.09
CA ASP A 352 16.95 -14.11 -38.05
C ASP A 352 17.97 -13.10 -37.50
N VAL A 353 19.20 -13.15 -38.00
CA VAL A 353 20.24 -12.19 -37.65
C VAL A 353 20.87 -11.61 -38.92
N VAL A 354 20.87 -10.28 -39.02
CA VAL A 354 21.45 -9.58 -40.17
C VAL A 354 22.68 -8.78 -39.74
N LEU A 355 23.78 -8.96 -40.46
CA LEU A 355 25.03 -8.28 -40.16
C LEU A 355 25.10 -6.91 -40.86
N VAL A 356 24.66 -5.88 -40.14
CA VAL A 356 24.67 -4.51 -40.65
C VAL A 356 25.33 -3.56 -39.65
N GLU A 357 26.14 -2.63 -40.17
CA GLU A 357 26.85 -1.67 -39.34
C GLU A 357 26.10 -0.34 -39.28
N GLU A 358 26.09 0.26 -38.08
CA GLU A 358 25.43 1.54 -37.86
C GLU A 358 26.12 2.66 -38.63
N GLY A 359 25.32 3.58 -39.16
CA GLY A 359 25.84 4.71 -39.94
C GLY A 359 25.82 4.41 -41.43
N ALA A 360 26.20 3.19 -41.78
CA ALA A 360 26.24 2.74 -43.18
C ALA A 360 24.90 2.91 -43.89
N THR A 361 24.95 3.09 -45.20
CA THR A 361 23.74 3.21 -46.02
C THR A 361 23.05 1.86 -46.18
N PHE A 362 21.72 1.89 -46.24
CA PHE A 362 20.93 0.68 -46.36
C PHE A 362 19.75 0.88 -47.29
N ALA A 363 19.35 -0.20 -47.96
CA ALA A 363 18.22 -0.17 -48.87
C ALA A 363 17.17 -1.21 -48.48
N ILE A 364 15.90 -0.81 -48.58
CA ILE A 364 14.78 -1.71 -48.28
C ILE A 364 13.67 -1.58 -49.31
N GLY A 365 13.03 -2.72 -49.62
CA GLY A 365 11.93 -2.76 -50.56
C GLY A 365 10.60 -2.42 -49.92
N LEU A 366 9.65 -1.99 -50.76
CA LEU A 366 8.33 -1.62 -50.30
C LEU A 366 7.27 -2.32 -51.14
N PRO A 367 6.61 -3.35 -50.56
CA PRO A 367 5.56 -4.08 -51.26
C PRO A 367 4.18 -3.43 -51.12
N PRO A 368 3.64 -2.91 -52.24
CA PRO A 368 2.38 -2.16 -52.26
C PRO A 368 1.19 -3.00 -51.80
N GLU A 369 1.27 -4.30 -52.02
CA GLU A 369 0.20 -5.25 -51.65
C GLU A 369 -0.06 -5.21 -50.14
N ARG A 370 1.01 -5.00 -49.37
CA ARG A 370 0.92 -4.98 -47.92
C ARG A 370 1.07 -3.57 -47.35
N CYS A 371 0.60 -2.59 -48.12
CA CYS A 371 0.53 -1.21 -47.66
C CYS A 371 -0.87 -0.88 -47.14
N HIS A 372 -0.93 -0.19 -46.01
CA HIS A 372 -2.17 0.35 -45.51
C HIS A 372 -2.24 1.81 -45.89
N LEU A 373 -3.46 2.35 -46.00
CA LEU A 373 -3.63 3.76 -46.36
C LEU A 373 -4.65 4.46 -45.47
N PHE A 374 -4.23 5.57 -44.87
CA PHE A 374 -5.06 6.28 -43.89
C PHE A 374 -5.34 7.72 -44.26
N ARG A 375 -6.60 8.11 -44.11
CA ARG A 375 -7.02 9.50 -44.25
C ARG A 375 -6.50 10.33 -43.07
N GLU A 376 -6.66 11.65 -43.15
CA GLU A 376 -6.22 12.52 -42.05
C GLU A 376 -7.00 12.31 -40.74
N ASP A 377 -8.28 11.95 -40.85
CA ASP A 377 -9.09 11.69 -39.66
C ASP A 377 -8.78 10.33 -39.01
N GLY A 378 -7.87 9.58 -39.63
CA GLY A 378 -7.40 8.32 -39.08
C GLY A 378 -8.03 7.07 -39.68
N THR A 379 -9.15 7.24 -40.38
CA THR A 379 -9.87 6.11 -40.99
C THR A 379 -9.07 5.47 -42.12
N ALA A 380 -9.18 4.15 -42.23
CA ALA A 380 -8.44 3.38 -43.22
C ALA A 380 -9.26 3.17 -44.49
N CYS A 381 -8.57 3.18 -45.62
CA CYS A 381 -9.12 2.67 -46.86
C CYS A 381 -8.95 1.16 -46.81
N ARG A 382 -10.03 0.43 -47.01
CA ARG A 382 -10.03 -1.02 -46.88
C ARG A 382 -9.09 -1.69 -47.88
N ARG A 383 -8.15 -2.48 -47.36
CA ARG A 383 -7.23 -3.27 -48.21
C ARG A 383 -8.02 -4.36 -48.92
N LEU A 384 -7.67 -4.60 -50.18
CA LEU A 384 -8.39 -5.57 -51.00
C LEU A 384 -7.56 -6.82 -51.26
N HIS A 385 -6.28 -6.74 -50.92
CA HIS A 385 -5.38 -7.89 -51.02
C HIS A 385 -5.83 -8.99 -50.06
N LYS A 386 -5.96 -10.20 -50.59
CA LYS A 386 -6.35 -11.36 -49.80
C LYS A 386 -5.12 -11.90 -49.06
N GLU A 387 -5.15 -11.75 -47.75
CA GLU A 387 -4.09 -12.28 -46.89
C GLU A 387 -4.41 -13.71 -46.51
N PRO A 388 -3.46 -14.63 -46.77
CA PRO A 388 -3.64 -16.06 -46.44
C PRO A 388 -3.86 -16.27 -44.93
N GLY A 389 -5.09 -16.63 -44.57
CA GLY A 389 -5.46 -16.83 -43.17
C GLY A 389 -6.42 -15.78 -42.66
N ILE B 13 -30.69 27.28 -5.37
CA ILE B 13 -29.43 26.61 -4.95
C ILE B 13 -29.73 25.44 -4.01
N TRP B 14 -29.13 24.29 -4.32
CA TRP B 14 -29.28 23.06 -3.54
C TRP B 14 -27.94 22.32 -3.51
N PRO B 15 -27.52 21.86 -2.30
CA PRO B 15 -28.17 21.97 -1.00
C PRO B 15 -28.04 23.37 -0.39
N SER B 16 -28.94 23.69 0.54
CA SER B 16 -28.99 25.01 1.15
C SER B 16 -28.24 25.06 2.49
N GLY B 17 -28.76 24.33 3.47
CA GLY B 17 -28.14 24.25 4.79
C GLY B 17 -27.50 22.90 5.02
N GLY B 18 -28.04 21.89 4.33
CA GLY B 18 -27.53 20.53 4.43
C GLY B 18 -28.16 19.76 5.56
N GLN B 19 -29.42 20.07 5.86
CA GLN B 19 -30.16 19.29 6.85
C GLN B 19 -30.86 18.13 6.16
N MET B 20 -30.82 16.97 6.81
CA MET B 20 -31.45 15.78 6.24
C MET B 20 -32.31 15.01 7.24
N THR B 21 -33.37 14.42 6.72
CA THR B 21 -34.27 13.60 7.51
C THR B 21 -34.34 12.22 6.88
N VAL B 22 -34.30 11.20 7.73
CA VAL B 22 -34.34 9.81 7.29
C VAL B 22 -35.58 9.16 7.89
N LYS B 23 -36.34 8.44 7.07
CA LYS B 23 -37.56 7.79 7.52
C LYS B 23 -37.73 6.40 6.90
N ASP B 24 -37.90 5.40 7.76
CA ASP B 24 -38.12 4.00 7.36
C ASP B 24 -37.01 3.38 6.51
N LEU B 25 -35.77 3.81 6.74
CA LEU B 25 -34.63 3.31 5.98
C LEU B 25 -34.30 1.88 6.38
N THR B 26 -34.23 1.00 5.38
CA THR B 26 -33.80 -0.37 5.56
C THR B 26 -32.70 -0.68 4.55
N ALA B 27 -31.58 -1.19 5.04
CA ALA B 27 -30.40 -1.44 4.20
C ALA B 27 -30.04 -2.92 4.10
N LYS B 28 -29.81 -3.38 2.87
CA LYS B 28 -29.37 -4.74 2.57
C LYS B 28 -28.27 -4.65 1.54
N TYR B 29 -27.36 -5.63 1.54
CA TYR B 29 -26.31 -5.68 0.53
C TYR B 29 -26.69 -6.55 -0.66
N THR B 30 -27.68 -7.41 -0.46
CA THR B 30 -28.17 -8.27 -1.53
C THR B 30 -29.62 -8.64 -1.23
N GLU B 31 -30.35 -8.99 -2.29
CA GLU B 31 -31.70 -9.53 -2.14
C GLU B 31 -31.58 -10.90 -1.46
N GLY B 32 -32.30 -11.07 -0.36
CA GLY B 32 -32.20 -12.30 0.44
C GLY B 32 -31.22 -12.17 1.59
N GLY B 33 -30.44 -11.09 1.58
CA GLY B 33 -29.54 -10.76 2.67
C GLY B 33 -30.30 -10.17 3.84
N ASN B 34 -29.77 -10.38 5.05
CA ASN B 34 -30.35 -9.81 6.25
C ASN B 34 -30.31 -8.29 6.18
N ALA B 35 -31.27 -7.64 6.84
CA ALA B 35 -31.24 -6.21 6.99
C ALA B 35 -30.21 -5.85 8.07
N ILE B 36 -29.21 -5.08 7.68
CA ILE B 36 -28.18 -4.61 8.60
C ILE B 36 -28.73 -3.43 9.39
N LEU B 37 -29.49 -2.59 8.71
CA LEU B 37 -30.19 -1.47 9.34
C LEU B 37 -31.66 -1.53 8.92
N GLU B 38 -32.55 -1.52 9.91
CA GLU B 38 -33.97 -1.76 9.65
C GLU B 38 -34.87 -0.70 10.27
N ASN B 39 -35.78 -0.16 9.46
CA ASN B 39 -36.71 0.91 9.87
C ASN B 39 -36.01 2.03 10.63
N ILE B 40 -34.98 2.58 10.01
CA ILE B 40 -34.18 3.64 10.59
C ILE B 40 -34.86 5.00 10.38
N SER B 41 -34.93 5.78 11.47
CA SER B 41 -35.54 7.09 11.44
C SER B 41 -34.81 8.07 12.36
N PHE B 42 -34.30 9.15 11.76
CA PHE B 42 -33.66 10.24 12.49
C PHE B 42 -33.55 11.44 11.57
N SER B 43 -33.28 12.61 12.14
CA SER B 43 -33.07 13.82 11.36
C SER B 43 -31.94 14.66 11.94
N ILE B 44 -31.29 15.44 11.08
CA ILE B 44 -30.13 16.21 11.47
C ILE B 44 -30.24 17.64 10.96
N SER B 45 -30.14 18.60 11.88
CA SER B 45 -30.17 20.02 11.56
C SER B 45 -28.92 20.43 10.77
N PRO B 46 -28.97 21.56 10.04
CA PRO B 46 -27.78 21.98 9.31
C PRO B 46 -26.64 22.39 10.25
N GLY B 47 -25.40 22.16 9.80
CA GLY B 47 -24.21 22.58 10.53
C GLY B 47 -23.82 21.69 11.69
N GLN B 48 -24.50 20.56 11.85
CA GLN B 48 -24.29 19.65 12.98
C GLN B 48 -23.12 18.71 12.79
N ARG B 49 -22.20 18.71 13.74
CA ARG B 49 -21.13 17.72 13.79
C ARG B 49 -21.61 16.48 14.56
N VAL B 50 -21.83 15.39 13.83
CA VAL B 50 -22.43 14.18 14.37
C VAL B 50 -21.41 13.05 14.52
N GLY B 51 -21.43 12.40 15.68
CA GLY B 51 -20.61 11.20 15.91
C GLY B 51 -21.42 9.94 15.68
N LEU B 52 -20.86 9.03 14.89
CA LEU B 52 -21.52 7.75 14.61
C LEU B 52 -20.71 6.60 15.20
N LEU B 53 -21.28 5.94 16.20
CA LEU B 53 -20.61 4.87 16.92
C LEU B 53 -21.50 3.64 17.05
N GLY B 54 -20.88 2.47 17.14
CA GLY B 54 -21.62 1.22 17.25
C GLY B 54 -20.74 0.00 17.50
N ARG B 55 -21.34 -0.99 18.15
CA ARG B 55 -20.70 -2.29 18.35
C ARG B 55 -20.09 -2.77 17.05
N THR B 56 -18.84 -3.22 17.11
CA THR B 56 -18.12 -3.64 15.92
C THR B 56 -18.97 -4.56 15.02
N GLY B 57 -19.13 -4.15 13.78
CA GLY B 57 -19.93 -4.91 12.80
C GLY B 57 -21.42 -4.58 12.80
N SER B 58 -21.80 -3.48 13.46
CA SER B 58 -23.21 -3.11 13.61
C SER B 58 -23.80 -2.40 12.40
N GLY B 59 -22.96 -1.72 11.61
CA GLY B 59 -23.40 -1.07 10.38
C GLY B 59 -23.04 0.39 10.21
N LYS B 60 -21.93 0.81 10.80
CA LYS B 60 -21.49 2.21 10.71
C LYS B 60 -21.16 2.61 9.27
N SER B 61 -20.35 1.80 8.60
CA SER B 61 -19.97 2.05 7.21
C SER B 61 -21.14 1.80 6.27
N THR B 62 -22.02 0.89 6.66
CA THR B 62 -23.24 0.61 5.92
C THR B 62 -24.10 1.86 5.87
N LEU B 63 -24.28 2.51 7.02
CA LEU B 63 -25.11 3.71 7.12
C LEU B 63 -24.62 4.81 6.19
N LEU B 64 -23.32 5.03 6.18
CA LEU B 64 -22.72 6.06 5.35
C LEU B 64 -22.86 5.73 3.87
N SER B 65 -22.75 4.45 3.53
CA SER B 65 -22.93 4.00 2.16
C SER B 65 -24.40 4.04 1.75
N ALA B 66 -25.30 3.86 2.71
CA ALA B 66 -26.73 3.89 2.45
C ALA B 66 -27.19 5.29 2.05
N PHE B 67 -26.58 6.31 2.66
CA PHE B 67 -26.81 7.70 2.32
C PHE B 67 -26.57 7.97 0.84
N LEU B 68 -25.55 7.32 0.28
CA LEU B 68 -25.15 7.53 -1.11
C LEU B 68 -25.77 6.50 -2.05
N ARG B 69 -26.73 5.73 -1.55
CA ARG B 69 -27.38 4.65 -2.32
C ARG B 69 -26.37 3.71 -2.99
N LEU B 70 -25.35 3.31 -2.24
CA LEU B 70 -24.33 2.40 -2.73
C LEU B 70 -24.72 0.93 -2.52
N LEU B 71 -25.86 0.72 -1.86
CA LEU B 71 -26.40 -0.62 -1.64
C LEU B 71 -27.92 -0.57 -1.64
N ASN B 72 -28.55 -1.73 -1.78
CA ASN B 72 -30.00 -1.86 -1.83
C ASN B 72 -30.71 -1.08 -0.73
N THR B 73 -31.62 -0.19 -1.14
CA THR B 73 -32.27 0.73 -0.22
C THR B 73 -33.80 0.78 -0.37
N GLU B 74 -34.49 0.58 0.76
CA GLU B 74 -35.90 0.92 0.89
C GLU B 74 -36.02 2.10 1.86
N GLY B 75 -37.08 2.89 1.72
CA GLY B 75 -37.31 4.04 2.61
C GLY B 75 -36.95 5.38 1.99
N GLU B 76 -36.98 6.43 2.80
CA GLU B 76 -36.83 7.80 2.30
C GLU B 76 -35.79 8.64 3.03
N ILE B 77 -34.99 9.39 2.27
CA ILE B 77 -34.08 10.40 2.82
C ILE B 77 -34.27 11.72 2.04
N GLN B 78 -34.44 12.81 2.78
CA GLN B 78 -34.61 14.14 2.19
C GLN B 78 -33.55 15.12 2.67
N ILE B 79 -32.92 15.83 1.73
CA ILE B 79 -32.02 16.92 2.07
C ILE B 79 -32.63 18.24 1.61
N ASP B 80 -32.86 19.13 2.57
CA ASP B 80 -33.47 20.46 2.33
C ASP B 80 -34.81 20.37 1.60
N GLY B 81 -35.61 19.36 1.96
CA GLY B 81 -36.93 19.15 1.37
C GLY B 81 -36.94 18.31 0.11
N VAL B 82 -35.78 18.15 -0.52
CA VAL B 82 -35.66 17.39 -1.76
C VAL B 82 -35.41 15.91 -1.48
N SER B 83 -36.35 15.08 -1.92
CA SER B 83 -36.26 13.62 -1.76
C SER B 83 -35.27 13.00 -2.75
N TRP B 84 -34.70 11.86 -2.37
CA TRP B 84 -33.74 11.16 -3.23
C TRP B 84 -34.40 10.32 -4.33
N ASP B 85 -35.71 10.16 -4.24
CA ASP B 85 -36.49 9.49 -5.27
C ASP B 85 -37.10 10.52 -6.23
N SER B 86 -36.41 11.65 -6.38
CA SER B 86 -36.86 12.74 -7.26
C SER B 86 -35.74 13.27 -8.15
N ILE B 87 -34.51 12.88 -7.86
CA ILE B 87 -33.35 13.28 -8.67
C ILE B 87 -32.46 12.08 -9.02
N THR B 88 -31.41 12.36 -9.80
CA THR B 88 -30.45 11.33 -10.22
C THR B 88 -29.53 10.94 -9.07
N LEU B 89 -29.13 9.68 -9.04
CA LEU B 89 -28.11 9.20 -8.11
C LEU B 89 -26.87 10.10 -8.16
N GLU B 90 -26.46 10.46 -9.38
CA GLU B 90 -25.30 11.33 -9.59
C GLU B 90 -25.51 12.74 -9.04
N GLN B 91 -26.73 13.25 -9.18
CA GLN B 91 -27.09 14.58 -8.68
C GLN B 91 -27.17 14.59 -7.15
N TRP B 92 -27.84 13.59 -6.60
CA TRP B 92 -27.96 13.39 -5.15
C TRP B 92 -26.60 13.22 -4.48
N ARG B 93 -25.72 12.46 -5.13
CA ARG B 93 -24.38 12.18 -4.62
C ARG B 93 -23.55 13.44 -4.46
N LYS B 94 -23.81 14.43 -5.32
CA LYS B 94 -23.03 15.68 -5.37
C LYS B 94 -23.21 16.55 -4.12
N ALA B 95 -24.29 16.29 -3.39
CA ALA B 95 -24.56 16.97 -2.12
C ALA B 95 -23.56 16.60 -1.05
N PHE B 96 -23.04 15.37 -1.14
CA PHE B 96 -22.15 14.81 -0.14
C PHE B 96 -20.67 15.02 -0.46
N GLY B 97 -19.87 15.11 0.59
CA GLY B 97 -18.42 15.02 0.50
C GLY B 97 -17.99 13.80 1.30
N VAL B 98 -17.20 12.93 0.68
CA VAL B 98 -16.80 11.68 1.30
C VAL B 98 -15.28 11.63 1.51
N ILE B 99 -14.86 11.54 2.77
CA ILE B 99 -13.45 11.39 3.10
C ILE B 99 -13.28 10.24 4.07
N PRO B 100 -12.44 9.25 3.72
CA PRO B 100 -11.78 9.11 2.43
C PRO B 100 -12.73 8.53 1.39
N GLN B 101 -12.41 8.76 0.12
CA GLN B 101 -13.25 8.30 -0.98
C GLN B 101 -12.46 7.41 -1.94
N LYS B 102 -13.17 6.57 -2.68
CA LYS B 102 -12.59 5.83 -3.79
C LYS B 102 -12.16 6.81 -4.88
N VAL B 103 -10.85 6.94 -5.06
CA VAL B 103 -10.28 7.86 -6.03
C VAL B 103 -10.44 7.27 -7.44
N PHE B 104 -11.12 8.00 -8.31
CA PHE B 104 -11.39 7.54 -9.68
C PHE B 104 -10.73 8.41 -10.75
N ILE B 105 -9.43 8.64 -10.62
CA ILE B 105 -8.68 9.46 -11.59
C ILE B 105 -8.61 8.78 -12.96
N PHE B 106 -9.39 9.30 -13.90
CA PHE B 106 -9.34 8.86 -15.28
C PHE B 106 -8.15 9.49 -15.99
N SER B 107 -7.87 9.01 -17.20
CA SER B 107 -6.75 9.51 -17.99
C SER B 107 -7.07 10.90 -18.53
N GLY B 108 -6.19 11.84 -18.22
CA GLY B 108 -6.37 13.24 -18.62
C GLY B 108 -5.55 14.21 -17.81
N THR B 109 -5.78 15.49 -18.04
CA THR B 109 -5.05 16.57 -17.35
C THR B 109 -5.56 16.76 -15.93
N PHE B 110 -4.82 17.52 -15.13
CA PHE B 110 -5.27 17.92 -13.79
C PHE B 110 -6.60 18.67 -13.86
N ARG B 111 -6.74 19.51 -14.90
CA ARG B 111 -7.95 20.30 -15.14
C ARG B 111 -9.18 19.40 -15.32
N LYS B 112 -9.01 18.32 -16.08
CA LYS B 112 -10.11 17.38 -16.34
C LYS B 112 -10.51 16.60 -15.09
N ASN B 113 -9.51 16.14 -14.34
CA ASN B 113 -9.76 15.33 -13.15
C ASN B 113 -10.29 16.13 -11.96
N LEU B 114 -10.16 17.45 -12.02
CA LEU B 114 -10.76 18.33 -11.02
C LEU B 114 -12.13 18.80 -11.48
N ASP B 115 -12.22 19.19 -12.74
CA ASP B 115 -13.47 19.64 -13.35
C ASP B 115 -13.73 18.82 -14.62
N PRO B 116 -14.50 17.72 -14.49
CA PRO B 116 -14.86 16.87 -15.63
C PRO B 116 -15.52 17.65 -16.76
N ASN B 117 -16.32 18.66 -16.42
CA ASN B 117 -17.00 19.50 -17.40
C ASN B 117 -16.21 20.76 -17.75
N ALA B 118 -16.89 21.77 -18.27
CA ALA B 118 -16.28 23.06 -18.57
C ALA B 118 -16.76 24.12 -17.58
N ALA B 119 -17.39 23.68 -16.50
CA ALA B 119 -18.10 24.56 -15.57
C ALA B 119 -17.21 25.52 -14.77
N HIS B 120 -15.91 25.29 -14.76
CA HIS B 120 -14.99 26.08 -13.95
C HIS B 120 -13.73 26.48 -14.72
N SER B 121 -13.32 27.75 -14.54
CA SER B 121 -12.16 28.30 -15.20
C SER B 121 -10.90 28.09 -14.37
N ASP B 122 -9.74 28.23 -15.01
CA ASP B 122 -8.44 28.15 -14.33
C ASP B 122 -8.35 29.06 -13.10
N GLN B 123 -9.06 30.18 -13.13
CA GLN B 123 -9.08 31.14 -12.03
C GLN B 123 -9.72 30.58 -10.75
N GLU B 124 -10.89 29.96 -10.91
CA GLU B 124 -11.63 29.41 -9.77
C GLU B 124 -11.17 28.01 -9.36
N ILE B 125 -10.54 27.30 -10.29
CA ILE B 125 -9.96 25.98 -10.03
C ILE B 125 -8.70 26.11 -9.16
N TRP B 126 -7.82 27.04 -9.53
CA TRP B 126 -6.63 27.35 -8.74
C TRP B 126 -7.00 27.86 -7.33
N LYS B 127 -8.17 28.50 -7.23
CA LYS B 127 -8.66 29.03 -5.96
C LYS B 127 -8.94 27.91 -4.97
N VAL B 128 -9.60 26.86 -5.44
CA VAL B 128 -9.89 25.68 -4.61
C VAL B 128 -8.60 24.87 -4.35
N ALA B 129 -7.82 24.65 -5.40
CA ALA B 129 -6.52 23.98 -5.29
C ALA B 129 -5.62 24.63 -4.26
N ASP B 130 -5.78 25.94 -4.08
CA ASP B 130 -5.10 26.69 -3.02
C ASP B 130 -5.55 26.24 -1.64
N GLU B 131 -6.86 26.29 -1.41
CA GLU B 131 -7.44 26.06 -0.08
C GLU B 131 -7.48 24.58 0.36
N VAL B 132 -7.30 23.67 -0.59
CA VAL B 132 -7.24 22.23 -0.28
C VAL B 132 -5.80 21.70 -0.26
N GLY B 133 -4.84 22.58 -0.47
CA GLY B 133 -3.41 22.24 -0.35
C GLY B 133 -2.77 21.60 -1.57
N LEU B 134 -3.43 21.73 -2.72
CA LEU B 134 -2.93 21.16 -3.97
C LEU B 134 -2.04 22.12 -4.75
N ARG B 135 -2.03 23.40 -4.36
CA ARG B 135 -1.39 24.45 -5.14
C ARG B 135 0.07 24.17 -5.49
N SER B 136 0.85 23.78 -4.48
CA SER B 136 2.26 23.47 -4.68
C SER B 136 2.47 22.05 -5.19
N VAL B 137 1.43 21.21 -5.08
CA VAL B 137 1.45 19.86 -5.63
C VAL B 137 1.35 19.93 -7.15
N ILE B 138 0.39 20.70 -7.66
CA ILE B 138 0.22 20.90 -9.11
C ILE B 138 1.42 21.63 -9.72
N GLU B 139 1.88 22.67 -9.03
CA GLU B 139 2.88 23.61 -9.56
C GLU B 139 4.22 22.96 -9.95
N GLN B 140 4.56 21.85 -9.30
CA GLN B 140 5.83 21.16 -9.54
C GLN B 140 5.84 20.39 -10.87
N PHE B 141 4.66 20.09 -11.40
CA PHE B 141 4.54 19.33 -12.64
C PHE B 141 4.59 20.22 -13.88
N PRO B 142 5.38 19.81 -14.89
CA PRO B 142 5.49 20.53 -16.17
C PRO B 142 4.15 20.68 -16.88
N GLY B 143 3.73 21.93 -17.11
CA GLY B 143 2.44 22.23 -17.70
C GLY B 143 1.39 22.52 -16.66
N LYS B 144 1.71 22.21 -15.40
CA LYS B 144 0.84 22.42 -14.23
C LYS B 144 -0.55 21.81 -14.39
N LEU B 145 -1.57 22.64 -14.63
CA LEU B 145 -2.95 22.16 -14.78
C LEU B 145 -3.16 21.34 -16.05
N ASP B 146 -2.19 21.36 -16.96
CA ASP B 146 -2.26 20.61 -18.21
C ASP B 146 -1.43 19.33 -18.18
N PHE B 147 -0.87 19.01 -17.00
CA PHE B 147 -0.09 17.79 -16.83
C PHE B 147 -1.00 16.57 -16.90
N VAL B 148 -0.72 15.69 -17.87
CA VAL B 148 -1.54 14.52 -18.12
C VAL B 148 -1.30 13.44 -17.06
N LEU B 149 -2.39 13.02 -16.42
CA LEU B 149 -2.34 11.97 -15.40
C LEU B 149 -2.59 10.61 -16.02
N VAL B 150 -1.53 9.83 -16.13
CA VAL B 150 -1.60 8.46 -16.64
C VAL B 150 -1.61 7.45 -15.49
N ASP B 151 -2.14 6.26 -15.77
CA ASP B 151 -2.13 5.14 -14.83
C ASP B 151 -2.80 5.48 -13.50
N GLY B 152 -3.91 6.20 -13.59
CA GLY B 152 -4.70 6.58 -12.40
C GLY B 152 -4.05 7.63 -11.51
N GLY B 153 -2.94 8.20 -11.98
CA GLY B 153 -2.21 9.22 -11.23
C GLY B 153 -1.20 8.62 -10.28
N CYS B 154 -0.34 7.75 -10.80
CA CYS B 154 0.68 7.07 -9.99
C CYS B 154 1.78 8.01 -9.50
N VAL B 155 1.92 9.17 -10.15
CA VAL B 155 2.85 10.21 -9.67
C VAL B 155 2.38 10.80 -8.33
N LEU B 156 1.07 10.89 -8.17
CA LEU B 156 0.49 11.46 -6.95
C LEU B 156 0.43 10.42 -5.85
N SER B 157 0.78 10.82 -4.63
CA SER B 157 0.69 9.96 -3.46
C SER B 157 -0.77 9.77 -3.03
N HIS B 158 -0.99 8.88 -2.06
CA HIS B 158 -2.33 8.63 -1.52
C HIS B 158 -2.99 9.92 -1.04
N GLY B 159 -2.20 10.77 -0.37
CA GLY B 159 -2.65 12.06 0.13
C GLY B 159 -3.19 12.99 -0.94
N HIS B 160 -2.36 13.29 -1.94
CA HIS B 160 -2.73 14.15 -3.06
C HIS B 160 -4.05 13.73 -3.69
N LYS B 161 -4.21 12.41 -3.88
CA LYS B 161 -5.40 11.84 -4.48
C LYS B 161 -6.66 12.16 -3.67
N GLN B 162 -6.53 12.15 -2.35
CA GLN B 162 -7.64 12.48 -1.46
C GLN B 162 -7.92 13.97 -1.47
N LEU B 163 -6.87 14.78 -1.58
CA LEU B 163 -7.00 16.23 -1.71
C LEU B 163 -7.71 16.60 -3.01
N MET B 164 -7.42 15.85 -4.07
CA MET B 164 -8.12 16.01 -5.35
C MET B 164 -9.59 15.62 -5.23
N CYS B 165 -9.87 14.55 -4.49
CA CYS B 165 -11.24 14.13 -4.21
C CYS B 165 -11.98 15.18 -3.40
N LEU B 166 -11.26 15.84 -2.49
CA LEU B 166 -11.82 16.89 -1.66
C LEU B 166 -12.06 18.16 -2.48
N ALA B 167 -11.06 18.54 -3.27
CA ALA B 167 -11.16 19.68 -4.18
C ALA B 167 -12.42 19.60 -5.02
N ARG B 168 -12.76 18.37 -5.42
CA ARG B 168 -13.96 18.08 -6.20
C ARG B 168 -15.24 18.50 -5.48
N SER B 169 -15.30 18.22 -4.18
CA SER B 169 -16.48 18.50 -3.37
C SER B 169 -16.66 19.98 -3.05
N VAL B 170 -15.54 20.68 -2.86
CA VAL B 170 -15.55 22.13 -2.68
C VAL B 170 -16.16 22.74 -3.94
N LEU B 171 -15.66 22.29 -5.08
CA LEU B 171 -16.08 22.76 -6.40
C LEU B 171 -17.51 22.38 -6.76
N SER B 172 -18.04 21.37 -6.06
CA SER B 172 -19.43 20.94 -6.24
C SER B 172 -20.36 21.66 -5.27
N LYS B 173 -19.76 22.41 -4.36
CA LYS B 173 -20.47 23.04 -3.24
C LYS B 173 -21.29 22.00 -2.45
N ALA B 174 -20.66 20.86 -2.15
CA ALA B 174 -21.25 19.82 -1.32
C ALA B 174 -21.44 20.34 0.10
N LYS B 175 -22.52 19.92 0.76
CA LYS B 175 -22.86 20.50 2.04
C LYS B 175 -23.05 19.53 3.21
N ILE B 176 -23.04 18.23 2.92
CA ILE B 176 -22.99 17.21 3.97
C ILE B 176 -21.70 16.41 3.82
N LEU B 177 -20.92 16.34 4.89
CA LEU B 177 -19.67 15.60 4.85
C LEU B 177 -19.80 14.23 5.55
N LEU B 178 -19.27 13.21 4.88
CA LEU B 178 -19.24 11.86 5.44
C LEU B 178 -17.79 11.46 5.70
N LEU B 179 -17.43 11.37 6.97
CA LEU B 179 -16.07 11.00 7.33
C LEU B 179 -16.04 9.62 7.98
N ASP B 180 -15.52 8.64 7.24
CA ASP B 180 -15.42 7.26 7.71
C ASP B 180 -14.00 6.92 8.15
N GLU B 181 -13.74 7.07 9.45
CA GLU B 181 -12.43 6.82 10.06
C GLU B 181 -11.27 7.52 9.34
N PRO B 182 -11.36 8.85 9.17
CA PRO B 182 -10.32 9.56 8.43
C PRO B 182 -8.95 9.45 9.09
N SER B 183 -8.91 9.45 10.42
CA SER B 183 -7.63 9.39 11.13
C SER B 183 -6.94 8.02 11.02
N ALA B 184 -7.73 7.00 10.68
CA ALA B 184 -7.20 5.64 10.53
C ALA B 184 -6.80 5.31 9.09
N HIS B 185 -7.35 6.05 8.13
CA HIS B 185 -7.12 5.76 6.71
C HIS B 185 -6.27 6.82 5.98
N LEU B 186 -6.32 8.05 6.46
CA LEU B 186 -5.47 9.11 5.93
C LEU B 186 -4.21 9.21 6.78
N ASP B 187 -3.09 9.47 6.12
CA ASP B 187 -1.83 9.70 6.82
C ASP B 187 -1.88 11.04 7.58
N PRO B 188 -1.24 11.11 8.76
CA PRO B 188 -1.31 12.26 9.67
C PRO B 188 -1.20 13.62 8.98
N VAL B 189 -0.29 13.76 8.02
CA VAL B 189 -0.07 15.05 7.35
C VAL B 189 -1.25 15.47 6.48
N THR B 190 -1.81 14.50 5.74
CA THR B 190 -3.00 14.73 4.90
C THR B 190 -4.22 15.04 5.75
N TYR B 191 -4.38 14.28 6.83
CA TYR B 191 -5.51 14.42 7.76
C TYR B 191 -5.64 15.84 8.28
N GLN B 192 -4.52 16.45 8.66
CA GLN B 192 -4.50 17.81 9.18
C GLN B 192 -4.95 18.84 8.14
N ILE B 193 -4.49 18.65 6.91
CA ILE B 193 -4.88 19.51 5.78
C ILE B 193 -6.38 19.41 5.50
N ILE B 194 -6.93 18.20 5.61
CA ILE B 194 -8.36 17.98 5.48
C ILE B 194 -9.11 18.73 6.59
N ARG B 195 -8.61 18.64 7.81
CA ARG B 195 -9.21 19.29 8.98
C ARG B 195 -9.25 20.82 8.83
N ARG B 196 -8.14 21.39 8.36
CA ARG B 196 -8.04 22.84 8.14
C ARG B 196 -8.95 23.32 7.03
N THR B 197 -9.15 22.48 6.02
CA THR B 197 -10.07 22.76 4.92
C THR B 197 -11.53 22.64 5.39
N LEU B 198 -11.77 21.72 6.32
CA LEU B 198 -13.10 21.51 6.88
C LEU B 198 -13.59 22.71 7.70
N LYS B 199 -12.65 23.46 8.25
CA LYS B 199 -12.96 24.69 8.98
C LYS B 199 -13.17 25.86 8.02
N GLN B 200 -12.44 25.86 6.91
CA GLN B 200 -12.46 26.97 5.95
C GLN B 200 -13.55 26.84 4.89
N ALA B 201 -13.50 25.76 4.12
CA ALA B 201 -14.39 25.58 2.97
C ALA B 201 -15.80 25.14 3.36
N PHE B 202 -15.89 24.25 4.35
CA PHE B 202 -17.16 23.68 4.78
C PHE B 202 -17.48 24.11 6.21
N ALA B 203 -17.23 25.39 6.49
CA ALA B 203 -17.37 25.97 7.84
C ALA B 203 -18.71 25.68 8.53
N ASP B 204 -19.80 25.74 7.77
CA ASP B 204 -21.15 25.58 8.33
C ASP B 204 -21.86 24.36 7.74
N CYS B 205 -21.14 23.24 7.68
CA CYS B 205 -21.67 22.03 7.07
C CYS B 205 -21.90 20.91 8.07
N THR B 206 -22.94 20.12 7.81
CA THR B 206 -23.19 18.91 8.57
C THR B 206 -22.04 17.93 8.31
N VAL B 207 -21.36 17.53 9.39
CA VAL B 207 -20.24 16.60 9.30
C VAL B 207 -20.59 15.35 10.12
N ILE B 208 -20.71 14.22 9.44
CA ILE B 208 -20.94 12.95 10.12
C ILE B 208 -19.64 12.17 10.23
N LEU B 209 -19.04 12.23 11.42
CA LEU B 209 -17.74 11.66 11.70
C LEU B 209 -17.86 10.27 12.33
N CYS B 210 -16.96 9.38 11.95
CA CYS B 210 -16.96 8.01 12.44
C CYS B 210 -15.55 7.60 12.88
N GLU B 211 -15.36 7.42 14.18
CA GLU B 211 -14.04 7.06 14.73
C GLU B 211 -14.14 5.96 15.79
N ALA B 212 -13.03 5.24 15.97
CA ALA B 212 -12.97 4.15 16.95
C ALA B 212 -12.67 4.69 18.34
N ARG B 213 -11.92 5.78 18.40
CA ARG B 213 -11.56 6.43 19.65
C ARG B 213 -12.58 7.53 19.95
N ILE B 214 -13.10 7.52 21.17
CA ILE B 214 -14.11 8.51 21.57
C ILE B 214 -13.53 9.93 21.61
N GLU B 215 -12.25 10.03 21.96
CA GLU B 215 -11.56 11.30 22.02
C GLU B 215 -11.59 12.05 20.69
N ALA B 216 -11.67 11.29 19.60
CA ALA B 216 -11.70 11.84 18.24
C ALA B 216 -13.04 12.50 17.86
N MET B 217 -14.09 12.23 18.62
CA MET B 217 -15.38 12.91 18.41
C MET B 217 -15.96 13.56 19.68
N LEU B 218 -15.08 13.94 20.61
CA LEU B 218 -15.45 14.68 21.82
C LEU B 218 -16.11 16.01 21.50
N GLU B 219 -15.82 16.54 20.32
CA GLU B 219 -16.29 17.85 19.87
C GLU B 219 -17.65 17.80 19.20
N CYS B 220 -18.14 16.59 18.91
CA CYS B 220 -19.42 16.41 18.23
C CYS B 220 -20.59 16.98 19.04
N ASP B 221 -21.48 17.68 18.33
CA ASP B 221 -22.65 18.29 18.94
C ASP B 221 -23.68 17.23 19.35
N GLN B 222 -23.72 16.16 18.58
CA GLN B 222 -24.80 15.18 18.62
C GLN B 222 -24.22 13.81 18.28
N PHE B 223 -24.88 12.74 18.75
CA PHE B 223 -24.38 11.39 18.53
C PHE B 223 -25.45 10.44 18.01
N LEU B 224 -25.04 9.59 17.06
CA LEU B 224 -25.86 8.50 16.52
C LEU B 224 -25.26 7.16 16.91
N VAL B 225 -26.03 6.34 17.60
CA VAL B 225 -25.55 5.03 18.03
C VAL B 225 -26.33 3.94 17.31
N ILE B 226 -25.62 2.92 16.84
CA ILE B 226 -26.25 1.77 16.24
C ILE B 226 -26.37 0.66 17.28
N GLU B 227 -27.52 0.62 17.95
CA GLU B 227 -27.83 -0.46 18.87
C GLU B 227 -28.68 -1.49 18.15
N GLU B 228 -28.19 -2.74 18.11
CA GLU B 228 -28.78 -3.81 17.31
C GLU B 228 -28.84 -3.38 15.85
N ASN B 229 -30.05 -3.38 15.27
CA ASN B 229 -30.23 -2.91 13.89
C ASN B 229 -31.00 -1.59 13.83
N LYS B 230 -30.94 -0.84 14.94
CA LYS B 230 -31.64 0.42 15.09
C LYS B 230 -30.64 1.54 15.40
N VAL B 231 -30.97 2.78 15.04
CA VAL B 231 -30.11 3.93 15.39
C VAL B 231 -30.77 4.93 16.34
N ARG B 232 -30.14 5.13 17.49
CA ARG B 232 -30.67 6.01 18.53
C ARG B 232 -29.89 7.32 18.54
N GLN B 233 -30.61 8.42 18.63
CA GLN B 233 -30.01 9.75 18.75
C GLN B 233 -29.68 10.07 20.21
N TYR B 234 -28.53 10.69 20.43
CA TYR B 234 -28.14 11.18 21.73
C TYR B 234 -27.65 12.61 21.59
N ASP B 235 -28.08 13.47 22.50
CA ASP B 235 -27.51 14.80 22.61
C ASP B 235 -26.53 14.78 23.76
N SER B 236 -25.25 14.96 23.45
CA SER B 236 -24.17 14.95 24.44
C SER B 236 -23.63 13.57 24.80
N ILE B 237 -22.35 13.55 25.17
CA ILE B 237 -21.67 12.37 25.67
C ILE B 237 -22.26 11.89 27.00
N LEU B 238 -22.66 12.85 27.83
CA LEU B 238 -23.22 12.56 29.16
C LEU B 238 -24.38 11.56 29.09
N GLU B 239 -25.21 11.69 28.05
CA GLU B 239 -26.33 10.79 27.84
C GLU B 239 -25.83 9.38 27.51
N LEU B 240 -24.80 9.30 26.67
CA LEU B 240 -24.15 8.04 26.32
C LEU B 240 -23.49 7.40 27.54
N TYR B 241 -22.93 8.24 28.40
CA TYR B 241 -22.27 7.83 29.62
C TYR B 241 -23.27 7.27 30.64
N HIS B 242 -24.41 7.95 30.78
CA HIS B 242 -25.41 7.59 31.78
C HIS B 242 -26.29 6.43 31.34
N TYR B 243 -26.65 6.44 30.06
CA TYR B 243 -27.59 5.45 29.53
C TYR B 243 -27.06 4.73 28.30
N PRO B 244 -25.95 3.97 28.45
CA PRO B 244 -25.46 3.19 27.33
C PRO B 244 -26.48 2.12 26.95
N ALA B 245 -26.64 1.91 25.64
CA ALA B 245 -27.63 0.98 25.14
C ALA B 245 -27.12 -0.46 25.17
N ASP B 246 -25.80 -0.61 25.22
CA ASP B 246 -25.16 -1.93 25.30
C ASP B 246 -23.78 -1.90 25.94
N ARG B 247 -23.24 -3.08 26.21
CA ARG B 247 -21.93 -3.27 26.81
C ARG B 247 -20.82 -2.50 26.07
N PHE B 248 -20.93 -2.44 24.75
CA PHE B 248 -19.97 -1.70 23.92
C PHE B 248 -19.92 -0.21 24.27
N VAL B 249 -21.07 0.46 24.17
CA VAL B 249 -21.18 1.88 24.50
C VAL B 249 -20.77 2.13 25.96
N ALA B 250 -21.13 1.18 26.82
CA ALA B 250 -20.77 1.25 28.24
C ALA B 250 -19.27 1.27 28.47
N GLY B 251 -18.52 0.55 27.64
CA GLY B 251 -17.07 0.53 27.73
C GLY B 251 -16.41 1.60 26.87
N PHE B 252 -17.19 2.16 25.95
CA PHE B 252 -16.72 3.17 25.01
C PHE B 252 -16.48 4.52 25.67
N ILE B 253 -17.26 4.83 26.69
CA ILE B 253 -17.16 6.11 27.40
C ILE B 253 -16.72 5.89 28.84
N GLY B 254 -15.80 6.72 29.30
CA GLY B 254 -15.33 6.67 30.68
C GLY B 254 -14.09 5.83 30.81
N SER B 255 -13.01 6.46 31.27
CA SER B 255 -11.76 5.78 31.57
C SER B 255 -11.28 6.19 32.96
N PRO B 256 -11.02 5.21 33.85
CA PRO B 256 -11.01 3.76 33.60
C PRO B 256 -12.38 3.16 33.24
N LYS B 257 -12.33 2.06 32.48
CA LYS B 257 -13.49 1.36 31.95
C LYS B 257 -14.46 0.87 33.04
N MET B 258 -15.74 0.82 32.70
CA MET B 258 -16.79 0.33 33.59
C MET B 258 -16.50 -1.11 34.00
N ASN B 259 -16.79 -1.44 35.26
CA ASN B 259 -16.65 -2.81 35.75
C ASN B 259 -17.85 -3.65 35.35
N PHE B 260 -17.59 -4.92 35.03
CA PHE B 260 -18.65 -5.85 34.66
C PHE B 260 -18.62 -7.10 35.54
N LEU B 261 -19.62 -7.22 36.40
CA LEU B 261 -19.76 -8.36 37.31
C LEU B 261 -20.81 -9.35 36.80
N PRO B 262 -20.42 -10.63 36.61
CA PRO B 262 -21.40 -11.67 36.29
C PRO B 262 -22.44 -11.81 37.40
N VAL B 263 -23.72 -11.69 37.06
CA VAL B 263 -24.81 -11.88 38.02
C VAL B 263 -25.89 -12.81 37.48
N LYS B 264 -26.72 -13.31 38.41
CA LYS B 264 -27.76 -14.28 38.12
C LYS B 264 -29.10 -13.65 38.49
N VAL B 265 -30.04 -13.61 37.56
CA VAL B 265 -31.36 -13.02 37.81
C VAL B 265 -32.19 -13.92 38.71
N THR B 266 -32.62 -13.41 39.85
CA THR B 266 -33.43 -14.18 40.80
C THR B 266 -34.89 -13.73 40.86
N ALA B 267 -35.18 -12.53 40.35
CA ALA B 267 -36.55 -12.02 40.33
C ALA B 267 -36.70 -10.86 39.35
N THR B 268 -37.90 -10.71 38.81
CA THR B 268 -38.26 -9.56 37.99
C THR B 268 -39.59 -9.01 38.46
N ALA B 269 -39.84 -7.74 38.15
CA ALA B 269 -41.11 -7.07 38.46
C ALA B 269 -41.31 -5.96 37.44
N ILE B 270 -42.37 -5.16 37.60
CA ILE B 270 -42.54 -3.98 36.76
C ILE B 270 -41.51 -2.94 37.19
N ASP B 271 -40.61 -2.60 36.27
CA ASP B 271 -39.57 -1.59 36.46
C ASP B 271 -38.44 -2.00 37.43
N GLN B 272 -38.38 -3.29 37.73
CA GLN B 272 -37.39 -3.82 38.66
C GLN B 272 -36.87 -5.18 38.24
N VAL B 273 -35.56 -5.36 38.36
CA VAL B 273 -34.93 -6.66 38.16
C VAL B 273 -34.02 -6.92 39.35
N GLN B 274 -34.24 -8.06 40.01
CA GLN B 274 -33.39 -8.49 41.11
C GLN B 274 -32.31 -9.43 40.61
N VAL B 275 -31.06 -9.14 40.97
CA VAL B 275 -29.92 -9.98 40.58
C VAL B 275 -29.17 -10.49 41.80
N GLU B 276 -28.49 -11.62 41.63
CA GLU B 276 -27.74 -12.24 42.71
C GLU B 276 -26.24 -12.19 42.44
N LEU B 277 -25.49 -11.79 43.46
CA LEU B 277 -24.04 -11.67 43.34
C LEU B 277 -23.32 -13.00 43.58
N PRO B 278 -22.31 -13.32 42.76
CA PRO B 278 -21.71 -14.66 42.74
C PRO B 278 -20.75 -14.95 43.90
N MET B 279 -20.81 -14.14 44.96
CA MET B 279 -19.84 -14.20 46.04
C MET B 279 -20.02 -15.35 47.02
N PRO B 280 -18.95 -15.64 47.80
CA PRO B 280 -19.04 -16.36 49.06
C PRO B 280 -20.04 -15.69 50.00
N ASN B 281 -20.09 -14.36 49.96
CA ASN B 281 -21.13 -13.60 50.65
C ASN B 281 -22.31 -13.34 49.72
N ARG B 282 -23.11 -14.38 49.47
CA ARG B 282 -24.27 -14.31 48.57
C ARG B 282 -25.20 -13.15 48.92
N GLN B 283 -25.60 -12.40 47.90
CA GLN B 283 -26.37 -11.18 48.08
C GLN B 283 -27.34 -10.95 46.93
N GLN B 284 -28.52 -10.46 47.24
CA GLN B 284 -29.56 -10.20 46.25
C GLN B 284 -29.99 -8.75 46.30
N VAL B 285 -29.82 -8.03 45.19
CA VAL B 285 -30.16 -6.62 45.11
C VAL B 285 -31.19 -6.34 44.02
N TRP B 286 -32.18 -5.50 44.36
CA TRP B 286 -33.14 -4.99 43.40
C TRP B 286 -32.55 -3.80 42.63
N LEU B 287 -32.59 -3.87 41.30
CA LEU B 287 -32.11 -2.79 40.44
C LEU B 287 -33.26 -2.08 39.76
N PRO B 288 -33.26 -0.72 39.78
CA PRO B 288 -34.27 0.09 39.10
C PRO B 288 -34.08 0.06 37.58
N VAL B 289 -34.22 -1.12 37.01
CA VAL B 289 -33.89 -1.37 35.62
C VAL B 289 -35.09 -2.00 34.89
N GLU B 290 -35.17 -1.77 33.58
CA GLU B 290 -36.29 -2.24 32.76
C GLU B 290 -36.36 -3.76 32.72
N SER B 291 -37.54 -4.29 32.99
CA SER B 291 -37.77 -5.73 33.14
C SER B 291 -37.93 -6.47 31.82
N ARG B 292 -38.20 -5.72 30.75
CA ARG B 292 -38.43 -6.30 29.42
C ARG B 292 -37.27 -7.20 28.97
N ASP B 293 -37.64 -8.38 28.45
CA ASP B 293 -36.71 -9.42 28.00
C ASP B 293 -35.71 -9.88 29.07
N VAL B 294 -36.21 -10.07 30.29
CA VAL B 294 -35.39 -10.57 31.39
C VAL B 294 -36.04 -11.82 32.02
N GLN B 295 -35.30 -12.92 31.97
CA GLN B 295 -35.77 -14.21 32.48
C GLN B 295 -35.01 -14.61 33.75
N VAL B 296 -35.76 -14.99 34.80
CA VAL B 296 -35.18 -15.56 36.02
C VAL B 296 -34.24 -16.73 35.71
N GLY B 297 -33.07 -16.72 36.34
CA GLY B 297 -32.07 -17.76 36.11
C GLY B 297 -31.06 -17.38 35.06
N ALA B 298 -31.27 -16.24 34.40
CA ALA B 298 -30.37 -15.79 33.33
C ALA B 298 -29.06 -15.21 33.85
N ASN B 299 -28.00 -15.47 33.10
CA ASN B 299 -26.71 -14.82 33.34
C ASN B 299 -26.72 -13.40 32.78
N MET B 300 -26.20 -12.47 33.56
CA MET B 300 -26.21 -11.06 33.19
C MET B 300 -24.91 -10.39 33.60
N SER B 301 -24.50 -9.38 32.84
CA SER B 301 -23.41 -8.52 33.26
C SER B 301 -23.98 -7.36 34.05
N LEU B 302 -23.54 -7.21 35.30
CA LEU B 302 -23.88 -6.04 36.09
C LEU B 302 -22.77 -5.00 35.93
N GLY B 303 -23.16 -3.81 35.49
CA GLY B 303 -22.20 -2.74 35.22
C GLY B 303 -22.16 -1.69 36.32
N ILE B 304 -20.97 -1.38 36.78
CA ILE B 304 -20.75 -0.27 37.71
C ILE B 304 -19.42 0.42 37.42
N ARG B 305 -19.47 1.74 37.27
CA ARG B 305 -18.28 2.52 36.96
C ARG B 305 -17.47 2.78 38.23
N PRO B 306 -16.13 2.66 38.15
CA PRO B 306 -15.23 2.90 39.29
C PRO B 306 -15.58 4.16 40.10
N GLU B 307 -15.99 5.23 39.42
CA GLU B 307 -16.36 6.50 40.06
C GLU B 307 -17.64 6.39 40.89
N HIS B 308 -18.48 5.40 40.57
CA HIS B 308 -19.78 5.27 41.18
C HIS B 308 -19.79 4.38 42.41
N LEU B 309 -18.75 3.56 42.55
CA LEU B 309 -18.57 2.74 43.74
C LEU B 309 -18.44 3.64 44.98
N LEU B 310 -19.08 3.20 46.06
CA LEU B 310 -19.10 3.96 47.30
C LEU B 310 -18.12 3.38 48.32
N PRO B 311 -17.66 4.21 49.28
CA PRO B 311 -17.02 3.68 50.48
C PRO B 311 -18.02 2.83 51.26
N SER B 312 -17.56 1.74 51.84
CA SER B 312 -18.43 0.74 52.48
C SER B 312 -19.37 1.28 53.55
N ASP B 313 -18.98 2.37 54.21
CA ASP B 313 -19.76 2.98 55.29
C ASP B 313 -21.06 3.64 54.83
N ILE B 314 -21.28 3.69 53.52
CA ILE B 314 -22.40 4.43 52.93
C ILE B 314 -23.46 3.52 52.30
N ALA B 315 -23.02 2.34 51.85
CA ALA B 315 -23.90 1.44 51.10
C ALA B 315 -24.48 0.29 51.92
N ASP B 316 -25.64 -0.18 51.48
CA ASP B 316 -26.27 -1.38 52.03
C ASP B 316 -25.64 -2.63 51.40
N VAL B 317 -25.31 -2.54 50.13
CA VAL B 317 -24.69 -3.65 49.40
C VAL B 317 -23.18 -3.43 49.37
N ILE B 318 -22.44 -4.44 49.81
CA ILE B 318 -21.00 -4.30 50.02
C ILE B 318 -20.22 -5.49 49.43
N LEU B 319 -19.25 -5.18 48.59
CA LEU B 319 -18.39 -6.20 47.98
C LEU B 319 -17.02 -6.17 48.63
N GLU B 320 -16.56 -7.33 49.09
CA GLU B 320 -15.32 -7.42 49.85
C GLU B 320 -14.31 -8.34 49.14
N GLY B 321 -13.06 -7.92 49.13
CA GLY B 321 -11.99 -8.69 48.48
C GLY B 321 -10.59 -8.16 48.79
N GLU B 322 -9.59 -8.79 48.18
CA GLU B 322 -8.20 -8.39 48.35
C GLU B 322 -7.79 -7.25 47.42
N VAL B 323 -6.87 -6.41 47.88
CA VAL B 323 -6.27 -5.39 47.03
C VAL B 323 -5.07 -5.98 46.32
N GLN B 324 -5.05 -5.89 44.99
CA GLN B 324 -3.96 -6.44 44.19
C GLN B 324 -2.97 -5.36 43.74
N VAL B 325 -3.49 -4.24 43.22
CA VAL B 325 -2.66 -3.10 42.82
C VAL B 325 -3.31 -1.79 43.24
N VAL B 326 -2.50 -0.90 43.82
CA VAL B 326 -2.90 0.50 44.01
C VAL B 326 -2.09 1.32 43.01
N GLU B 327 -2.77 1.84 41.99
CA GLU B 327 -2.12 2.64 40.95
C GLU B 327 -2.27 4.14 41.22
N GLN B 328 -1.16 4.79 41.53
CA GLN B 328 -1.15 6.23 41.74
C GLN B 328 -0.96 6.91 40.39
N LEU B 329 -1.86 7.82 40.06
CA LEU B 329 -1.83 8.49 38.75
C LEU B 329 -1.81 10.02 38.84
N GLY B 330 -1.55 10.54 40.03
CA GLY B 330 -1.36 11.98 40.22
C GLY B 330 -2.55 12.67 40.82
N ASN B 331 -3.66 12.67 40.09
CA ASN B 331 -4.92 13.24 40.59
C ASN B 331 -5.81 12.16 41.19
N GLU B 332 -5.82 10.99 40.56
CA GLU B 332 -6.64 9.87 40.98
C GLU B 332 -5.80 8.67 41.44
N THR B 333 -6.43 7.82 42.25
CA THR B 333 -5.84 6.57 42.67
C THR B 333 -6.78 5.43 42.27
N GLN B 334 -6.23 4.35 41.71
CA GLN B 334 -7.03 3.21 41.27
C GLN B 334 -6.75 1.98 42.12
N ILE B 335 -7.75 1.57 42.90
CA ILE B 335 -7.65 0.34 43.69
C ILE B 335 -8.17 -0.83 42.87
N HIS B 336 -7.29 -1.80 42.63
CA HIS B 336 -7.66 -3.00 41.91
C HIS B 336 -7.96 -4.15 42.89
N ILE B 337 -9.25 -4.32 43.17
CA ILE B 337 -9.73 -5.26 44.15
C ILE B 337 -10.14 -6.60 43.50
N GLN B 338 -9.61 -7.70 44.03
CA GLN B 338 -9.97 -9.04 43.56
C GLN B 338 -11.00 -9.68 44.47
N ILE B 339 -12.24 -9.71 44.01
CA ILE B 339 -13.35 -10.29 44.76
C ILE B 339 -13.41 -11.80 44.51
N PRO B 340 -13.57 -12.59 45.59
CA PRO B 340 -13.68 -14.04 45.42
C PRO B 340 -14.86 -14.43 44.52
N SER B 341 -14.62 -15.39 43.64
CA SER B 341 -15.62 -15.90 42.68
C SER B 341 -15.85 -15.00 41.47
N ILE B 342 -15.01 -13.99 41.32
CA ILE B 342 -15.06 -13.10 40.16
C ILE B 342 -13.68 -13.04 39.51
N ARG B 343 -13.61 -13.46 38.24
CA ARG B 343 -12.33 -13.62 37.53
C ARG B 343 -11.53 -12.31 37.40
N GLN B 344 -12.16 -11.29 36.82
CA GLN B 344 -11.48 -10.01 36.59
C GLN B 344 -11.50 -9.13 37.83
N ASN B 345 -10.41 -8.38 38.01
CA ASN B 345 -10.30 -7.40 39.08
C ASN B 345 -11.37 -6.31 38.99
N LEU B 346 -11.85 -5.88 40.16
CA LEU B 346 -12.76 -4.75 40.24
C LEU B 346 -11.96 -3.49 40.48
N VAL B 347 -12.09 -2.50 39.59
CA VAL B 347 -11.34 -1.26 39.71
C VAL B 347 -12.16 -0.18 40.40
N TYR B 348 -11.59 0.41 41.44
CA TYR B 348 -12.24 1.45 42.23
C TYR B 348 -11.44 2.73 42.15
N ARG B 349 -12.12 3.83 41.82
CA ARG B 349 -11.45 5.12 41.67
C ARG B 349 -11.71 6.04 42.85
N GLN B 350 -10.64 6.72 43.29
CA GLN B 350 -10.72 7.68 44.38
C GLN B 350 -10.00 8.97 44.03
N ASN B 351 -10.64 10.09 44.34
CA ASN B 351 -10.03 11.41 44.14
C ASN B 351 -9.01 11.73 45.24
N ASP B 352 -9.35 11.36 46.47
CA ASP B 352 -8.54 11.69 47.66
C ASP B 352 -7.27 10.85 47.79
N VAL B 353 -6.58 11.01 48.92
CA VAL B 353 -5.38 10.24 49.25
C VAL B 353 -5.78 8.86 49.76
N VAL B 354 -5.10 7.82 49.26
CA VAL B 354 -5.39 6.45 49.67
C VAL B 354 -4.21 5.83 50.44
N LEU B 355 -4.54 5.10 51.50
CA LEU B 355 -3.55 4.60 52.46
C LEU B 355 -3.56 3.07 52.59
N VAL B 356 -4.12 2.38 51.60
CA VAL B 356 -4.27 0.92 51.63
C VAL B 356 -3.17 0.22 50.83
N GLU B 357 -2.62 -0.85 51.39
CA GLU B 357 -1.51 -1.58 50.77
C GLU B 357 -1.95 -2.85 50.03
N GLU B 358 -1.18 -3.20 49.01
CA GLU B 358 -1.44 -4.37 48.17
C GLU B 358 -1.44 -5.66 48.99
N GLY B 359 -2.64 -6.16 49.29
CA GLY B 359 -2.81 -7.38 50.06
C GLY B 359 -3.86 -7.27 51.16
N ALA B 360 -4.24 -6.03 51.47
CA ALA B 360 -5.19 -5.75 52.55
C ALA B 360 -6.63 -6.07 52.18
N THR B 361 -7.38 -6.58 53.15
CA THR B 361 -8.80 -6.88 52.96
C THR B 361 -9.64 -5.60 52.97
N PHE B 362 -10.25 -5.31 51.81
CA PHE B 362 -10.90 -4.03 51.57
C PHE B 362 -12.28 -4.23 50.95
N ALA B 363 -13.25 -3.43 51.41
CA ALA B 363 -14.64 -3.57 50.99
C ALA B 363 -15.22 -2.26 50.47
N ILE B 364 -16.05 -2.35 49.44
CA ILE B 364 -16.67 -1.17 48.82
C ILE B 364 -18.16 -1.36 48.59
N GLY B 365 -18.88 -0.24 48.46
CA GLY B 365 -20.32 -0.23 48.33
C GLY B 365 -20.85 -0.18 46.91
N LEU B 366 -22.02 -0.78 46.71
CA LEU B 366 -22.66 -0.84 45.40
C LEU B 366 -24.01 -0.12 45.46
N PRO B 367 -24.15 1.00 44.72
CA PRO B 367 -25.40 1.77 44.70
C PRO B 367 -26.37 1.32 43.60
N PRO B 368 -27.51 0.73 44.00
CA PRO B 368 -28.46 0.13 43.06
C PRO B 368 -28.87 1.06 41.90
N GLU B 369 -29.10 2.33 42.20
CA GLU B 369 -29.57 3.30 41.20
C GLU B 369 -28.55 3.63 40.11
N ARG B 370 -27.28 3.29 40.35
CA ARG B 370 -26.23 3.57 39.39
C ARG B 370 -25.62 2.31 38.77
N CYS B 371 -26.26 1.17 39.04
CA CYS B 371 -25.86 -0.09 38.43
C CYS B 371 -26.52 -0.25 37.06
N HIS B 372 -25.74 -0.69 36.07
CA HIS B 372 -26.26 -1.04 34.77
C HIS B 372 -26.44 -2.56 34.68
N LEU B 373 -27.35 -3.01 33.83
CA LEU B 373 -27.57 -4.44 33.63
C LEU B 373 -27.63 -4.80 32.16
N PHE B 374 -26.85 -5.81 31.78
CA PHE B 374 -26.75 -6.23 30.39
C PHE B 374 -27.08 -7.71 30.21
N ARG B 375 -27.92 -8.00 29.23
CA ARG B 375 -28.24 -9.37 28.82
C ARG B 375 -27.01 -10.04 28.20
N GLU B 376 -27.11 -11.36 27.99
CA GLU B 376 -26.02 -12.14 27.41
C GLU B 376 -25.54 -11.60 26.06
N ASP B 377 -26.47 -11.08 25.26
CA ASP B 377 -26.14 -10.51 23.94
C ASP B 377 -25.42 -9.15 24.02
N GLY B 378 -25.46 -8.52 25.19
CA GLY B 378 -24.80 -7.23 25.39
C GLY B 378 -25.75 -6.05 25.51
N THR B 379 -27.00 -6.26 25.11
CA THR B 379 -28.04 -5.22 25.17
C THR B 379 -28.36 -4.86 26.62
N ALA B 380 -28.56 -3.57 26.87
CA ALA B 380 -28.80 -3.08 28.22
C ALA B 380 -30.27 -3.18 28.60
N CYS B 381 -30.52 -3.33 29.89
CA CYS B 381 -31.85 -3.12 30.42
C CYS B 381 -31.96 -1.62 30.72
N ARG B 382 -32.87 -0.94 30.03
CA ARG B 382 -33.01 0.51 30.17
C ARG B 382 -33.06 0.90 31.64
N ARG B 383 -32.14 1.77 32.06
CA ARG B 383 -32.14 2.32 33.41
C ARG B 383 -33.36 3.20 33.62
N LEU B 384 -33.93 3.16 34.82
CA LEU B 384 -35.13 3.93 35.10
C LEU B 384 -34.92 5.07 36.09
N HIS B 385 -33.66 5.29 36.45
CA HIS B 385 -33.29 6.41 37.30
C HIS B 385 -32.81 7.60 36.46
N LYS B 386 -33.51 8.74 36.59
CA LYS B 386 -33.08 9.97 35.95
C LYS B 386 -31.86 10.56 36.64
N GLU B 387 -30.83 10.84 35.85
CA GLU B 387 -29.65 11.55 36.33
C GLU B 387 -29.82 13.04 36.09
N PRO B 388 -29.18 13.89 36.93
CA PRO B 388 -29.18 15.34 36.66
C PRO B 388 -28.59 15.68 35.29
N GLY B 389 -29.35 16.44 34.49
CA GLY B 389 -28.93 16.87 33.15
C GLY B 389 -28.65 15.72 32.19
N TRP C 14 39.06 10.74 -6.56
CA TRP C 14 38.35 9.46 -6.27
C TRP C 14 36.92 9.71 -5.79
N PRO C 15 35.93 9.00 -6.38
CA PRO C 15 36.09 8.07 -7.52
C PRO C 15 36.45 8.78 -8.83
N SER C 16 37.43 8.22 -9.54
CA SER C 16 37.91 8.81 -10.79
C SER C 16 36.96 8.53 -11.95
N GLY C 17 37.20 7.45 -12.69
CA GLY C 17 36.44 7.12 -13.89
C GLY C 17 35.26 6.19 -13.68
N GLY C 18 35.48 5.13 -12.89
CA GLY C 18 34.44 4.14 -12.62
C GLY C 18 34.92 2.71 -12.75
N GLN C 19 36.22 2.54 -12.99
CA GLN C 19 36.85 1.23 -13.09
C GLN C 19 36.88 0.55 -11.73
N MET C 20 36.36 -0.67 -11.66
CA MET C 20 36.41 -1.47 -10.43
C MET C 20 36.82 -2.91 -10.69
N THR C 21 37.64 -3.44 -9.80
CA THR C 21 38.09 -4.84 -9.87
C THR C 21 37.71 -5.57 -8.59
N VAL C 22 37.01 -6.69 -8.75
CA VAL C 22 36.58 -7.52 -7.63
C VAL C 22 37.39 -8.80 -7.63
N LYS C 23 38.10 -9.05 -6.52
CA LYS C 23 39.02 -10.19 -6.42
C LYS C 23 38.72 -11.08 -5.23
N ASP C 24 38.30 -12.31 -5.54
CA ASP C 24 37.99 -13.34 -4.54
C ASP C 24 37.04 -12.88 -3.43
N LEU C 25 35.92 -12.30 -3.85
CA LEU C 25 34.92 -11.74 -2.94
C LEU C 25 34.07 -12.81 -2.27
N THR C 26 33.92 -12.67 -0.95
CA THR C 26 33.11 -13.59 -0.14
C THR C 26 32.05 -12.79 0.62
N ALA C 27 30.85 -13.35 0.72
CA ALA C 27 29.72 -12.69 1.40
C ALA C 27 28.86 -13.66 2.20
N LYS C 28 28.83 -13.45 3.51
CA LYS C 28 27.95 -14.20 4.40
C LYS C 28 27.07 -13.22 5.16
N TYR C 29 25.89 -13.67 5.57
CA TYR C 29 24.99 -12.84 6.37
C TYR C 29 25.25 -13.04 7.86
N THR C 30 25.58 -14.28 8.23
CA THR C 30 25.94 -14.60 9.60
C THR C 30 27.37 -15.15 9.63
N GLU C 31 28.20 -14.57 10.49
CA GLU C 31 29.57 -15.06 10.71
C GLU C 31 29.50 -16.52 11.18
N GLY C 32 29.81 -17.43 10.26
CA GLY C 32 29.71 -18.87 10.52
C GLY C 32 28.59 -19.56 9.76
N GLY C 33 27.68 -18.75 9.21
CA GLY C 33 26.56 -19.27 8.41
C GLY C 33 26.93 -19.62 6.98
N ASN C 34 25.91 -19.74 6.13
CA ASN C 34 26.10 -20.09 4.72
C ASN C 34 26.77 -18.98 3.90
N ALA C 35 27.69 -19.38 3.03
CA ALA C 35 28.38 -18.45 2.15
C ALA C 35 27.67 -18.39 0.79
N ILE C 36 26.96 -17.29 0.57
CA ILE C 36 26.18 -17.09 -0.65
C ILE C 36 27.08 -16.77 -1.84
N LEU C 37 27.99 -15.82 -1.63
CA LEU C 37 29.05 -15.52 -2.59
C LEU C 37 30.36 -15.96 -1.95
N GLU C 38 31.16 -16.73 -2.69
CA GLU C 38 32.33 -17.39 -2.09
C GLU C 38 33.67 -16.86 -2.59
N ASN C 39 34.03 -17.17 -3.83
CA ASN C 39 35.27 -16.67 -4.42
C ASN C 39 35.01 -16.03 -5.78
N ILE C 40 34.43 -14.85 -5.73
CA ILE C 40 33.96 -14.17 -6.93
C ILE C 40 34.95 -13.11 -7.39
N SER C 41 35.39 -13.26 -8.65
CA SER C 41 36.37 -12.36 -9.23
C SER C 41 35.93 -11.86 -10.60
N PHE C 42 35.75 -10.55 -10.71
CA PHE C 42 35.45 -9.90 -11.97
C PHE C 42 35.95 -8.45 -11.97
N SER C 43 35.86 -7.79 -13.11
CA SER C 43 36.22 -6.39 -13.23
C SER C 43 35.30 -5.68 -14.21
N ILE C 44 35.02 -4.41 -13.94
CA ILE C 44 34.15 -3.61 -14.81
C ILE C 44 34.89 -2.37 -15.28
N SER C 45 34.87 -2.15 -16.60
CA SER C 45 35.41 -0.94 -17.21
C SER C 45 34.53 0.26 -16.86
N PRO C 46 35.11 1.48 -16.81
CA PRO C 46 34.31 2.66 -16.51
C PRO C 46 33.32 3.00 -17.63
N GLY C 47 32.14 3.51 -17.24
CA GLY C 47 31.10 3.90 -18.20
C GLY C 47 30.25 2.75 -18.72
N GLN C 48 30.41 1.57 -18.11
CA GLN C 48 29.71 0.36 -18.55
C GLN C 48 28.36 0.19 -17.88
N ARG C 49 27.33 0.01 -18.70
CA ARG C 49 26.00 -0.37 -18.21
C ARG C 49 25.95 -1.90 -18.13
N VAL C 50 25.99 -2.40 -16.90
CA VAL C 50 26.01 -3.85 -16.66
C VAL C 50 24.62 -4.37 -16.36
N GLY C 51 24.28 -5.51 -16.95
CA GLY C 51 23.08 -6.24 -16.59
C GLY C 51 23.40 -7.36 -15.60
N LEU C 52 22.80 -7.29 -14.41
CA LEU C 52 23.04 -8.29 -13.37
C LEU C 52 22.00 -9.41 -13.43
N LEU C 53 22.49 -10.64 -13.61
CA LEU C 53 21.63 -11.80 -13.81
C LEU C 53 21.97 -12.95 -12.88
N GLY C 54 21.04 -13.89 -12.75
CA GLY C 54 21.22 -15.07 -11.91
C GLY C 54 19.90 -15.71 -11.54
N ARG C 55 19.94 -16.98 -11.16
CA ARG C 55 18.76 -17.71 -10.69
C ARG C 55 18.17 -17.02 -9.47
N THR C 56 16.96 -17.39 -9.10
CA THR C 56 16.39 -16.91 -7.84
C THR C 56 17.24 -17.43 -6.68
N GLY C 57 17.55 -16.56 -5.74
CA GLY C 57 18.36 -16.90 -4.58
C GLY C 57 19.83 -17.16 -4.87
N SER C 58 20.29 -16.79 -6.07
CA SER C 58 21.70 -16.98 -6.45
C SER C 58 22.63 -15.93 -5.82
N GLY C 59 22.08 -14.76 -5.51
CA GLY C 59 22.81 -13.73 -4.77
C GLY C 59 22.94 -12.37 -5.41
N LYS C 60 21.99 -12.02 -6.30
CA LYS C 60 22.03 -10.75 -7.04
C LYS C 60 21.98 -9.51 -6.14
N SER C 61 21.02 -9.48 -5.22
CA SER C 61 20.90 -8.39 -4.27
C SER C 61 22.07 -8.41 -3.30
N THR C 62 22.47 -9.62 -2.90
CA THR C 62 23.58 -9.83 -1.98
C THR C 62 24.87 -9.22 -2.51
N LEU C 63 25.07 -9.30 -3.83
CA LEU C 63 26.23 -8.69 -4.47
C LEU C 63 26.21 -7.19 -4.28
N LEU C 64 25.06 -6.57 -4.58
CA LEU C 64 24.87 -5.14 -4.44
C LEU C 64 25.07 -4.69 -2.99
N SER C 65 24.59 -5.51 -2.06
CA SER C 65 24.80 -5.28 -0.63
C SER C 65 26.28 -5.43 -0.26
N ALA C 66 26.97 -6.36 -0.92
CA ALA C 66 28.40 -6.61 -0.66
C ALA C 66 29.28 -5.46 -1.13
N PHE C 67 28.87 -4.80 -2.22
CA PHE C 67 29.58 -3.61 -2.71
C PHE C 67 29.63 -2.51 -1.65
N LEU C 68 28.51 -2.33 -0.95
CA LEU C 68 28.40 -1.36 0.14
C LEU C 68 28.86 -1.98 1.45
N ARG C 69 29.23 -3.25 1.40
CA ARG C 69 29.52 -4.09 2.58
C ARG C 69 28.59 -3.88 3.78
N LEU C 70 27.32 -4.22 3.57
CA LEU C 70 26.30 -4.17 4.63
C LEU C 70 26.20 -5.53 5.33
N LEU C 71 27.09 -6.45 4.97
CA LEU C 71 27.12 -7.79 5.56
C LEU C 71 28.57 -8.26 5.73
N ASN C 72 28.74 -9.40 6.41
CA ASN C 72 30.05 -10.00 6.66
C ASN C 72 30.75 -10.34 5.35
N THR C 73 31.72 -9.52 4.95
CA THR C 73 32.42 -9.71 3.66
C THR C 73 33.92 -9.88 3.79
N GLU C 74 34.43 -10.93 3.16
CA GLU C 74 35.87 -11.14 2.99
C GLU C 74 36.24 -10.83 1.54
N GLY C 75 37.52 -10.95 1.22
CA GLY C 75 38.00 -10.68 -0.14
C GLY C 75 38.32 -9.22 -0.36
N GLU C 76 38.62 -8.86 -1.60
CA GLU C 76 39.10 -7.52 -1.92
C GLU C 76 38.41 -6.91 -3.14
N ILE C 77 37.83 -5.74 -2.94
CA ILE C 77 37.26 -4.94 -4.02
C ILE C 77 37.96 -3.59 -4.02
N GLN C 78 38.37 -3.14 -5.21
CA GLN C 78 39.00 -1.85 -5.37
C GLN C 78 38.41 -1.11 -6.56
N ILE C 79 37.87 0.09 -6.32
CA ILE C 79 37.40 0.93 -7.40
C ILE C 79 38.41 2.05 -7.66
N ASP C 80 38.72 2.29 -8.93
CA ASP C 80 39.77 3.22 -9.35
C ASP C 80 41.08 2.98 -8.59
N GLY C 81 41.52 1.72 -8.56
CA GLY C 81 42.75 1.33 -7.88
C GLY C 81 42.63 1.25 -6.36
N VAL C 82 41.89 2.20 -5.79
CA VAL C 82 41.76 2.35 -4.33
C VAL C 82 41.02 1.19 -3.66
N SER C 83 41.73 0.47 -2.80
CA SER C 83 41.19 -0.64 -2.02
C SER C 83 40.10 -0.18 -1.06
N TRP C 84 39.23 -1.10 -0.67
CA TRP C 84 38.15 -0.81 0.27
C TRP C 84 38.55 -1.07 1.73
N ASP C 85 39.82 -1.39 1.94
CA ASP C 85 40.38 -1.62 3.27
C ASP C 85 41.17 -0.39 3.76
N SER C 86 41.72 0.36 2.81
CA SER C 86 42.55 1.52 3.11
C SER C 86 41.78 2.84 3.13
N ILE C 87 40.46 2.75 3.32
CA ILE C 87 39.61 3.93 3.44
C ILE C 87 38.43 3.66 4.39
N THR C 88 37.84 4.72 4.93
CA THR C 88 36.72 4.59 5.86
C THR C 88 35.48 4.03 5.20
N LEU C 89 34.78 3.17 5.94
CA LEU C 89 33.57 2.49 5.48
C LEU C 89 32.52 3.47 4.95
N GLU C 90 32.37 4.60 5.64
CA GLU C 90 31.42 5.65 5.24
C GLU C 90 31.85 6.35 3.95
N GLN C 91 33.16 6.50 3.75
CA GLN C 91 33.69 7.14 2.55
C GLN C 91 33.61 6.22 1.34
N TRP C 92 33.75 4.92 1.57
CA TRP C 92 33.63 3.90 0.52
C TRP C 92 32.23 3.85 -0.08
N ARG C 93 31.23 4.05 0.76
CA ARG C 93 29.83 4.04 0.34
C ARG C 93 29.43 5.30 -0.42
N LYS C 94 30.25 6.36 -0.28
CA LYS C 94 29.99 7.63 -0.94
C LYS C 94 30.22 7.54 -2.44
N ALA C 95 30.97 6.52 -2.86
CA ALA C 95 31.26 6.26 -4.27
C ALA C 95 30.05 5.69 -5.00
N PHE C 96 29.15 5.07 -4.23
CA PHE C 96 27.98 4.39 -4.78
C PHE C 96 26.69 5.20 -4.60
N GLY C 97 25.84 5.15 -5.63
CA GLY C 97 24.54 5.79 -5.60
C GLY C 97 23.45 4.77 -5.84
N VAL C 98 22.92 4.20 -4.75
CA VAL C 98 21.91 3.15 -4.84
C VAL C 98 20.50 3.71 -5.07
N ILE C 99 19.83 3.17 -6.08
CA ILE C 99 18.44 3.53 -6.41
C ILE C 99 17.60 2.25 -6.50
N PRO C 100 16.49 2.16 -5.75
CA PRO C 100 16.01 3.17 -4.79
C PRO C 100 16.53 2.91 -3.36
N GLN C 101 16.29 3.86 -2.47
CA GLN C 101 16.75 3.76 -1.08
C GLN C 101 15.77 4.40 -0.09
N LYS C 102 16.12 4.36 1.19
CA LYS C 102 15.38 5.04 2.23
C LYS C 102 15.50 6.57 2.04
N VAL C 103 14.45 7.16 1.48
CA VAL C 103 14.42 8.58 1.16
C VAL C 103 14.00 9.42 2.37
N PHE C 104 14.88 10.32 2.80
CA PHE C 104 14.55 11.26 3.87
C PHE C 104 14.60 12.69 3.36
N ILE C 105 13.53 13.43 3.62
CA ILE C 105 13.45 14.83 3.25
C ILE C 105 13.33 15.71 4.50
N PHE C 106 14.31 16.58 4.67
CA PHE C 106 14.35 17.53 5.79
C PHE C 106 13.15 18.48 5.73
N SER C 107 12.73 18.95 6.89
CA SER C 107 11.61 19.88 6.98
C SER C 107 12.02 21.33 6.64
N GLY C 108 13.20 21.49 6.05
CA GLY C 108 13.72 22.81 5.69
C GLY C 108 13.65 23.12 4.20
N THR C 109 14.62 23.89 3.72
CA THR C 109 14.64 24.39 2.33
C THR C 109 15.18 23.37 1.33
N PHE C 110 14.93 23.65 0.04
CA PHE C 110 15.52 22.87 -1.06
C PHE C 110 17.05 22.79 -0.92
N ARG C 111 17.67 23.92 -0.62
CA ARG C 111 19.12 24.01 -0.42
C ARG C 111 19.60 23.03 0.66
N LYS C 112 18.84 22.93 1.75
CA LYS C 112 19.14 22.00 2.84
C LYS C 112 18.93 20.56 2.37
N ASN C 113 17.86 20.33 1.63
CA ASN C 113 17.52 19.00 1.13
C ASN C 113 18.46 18.49 0.05
N LEU C 114 19.04 19.40 -0.71
CA LEU C 114 20.03 19.06 -1.73
C LEU C 114 21.45 19.08 -1.17
N ASP C 115 21.73 20.01 -0.27
CA ASP C 115 23.04 20.16 0.37
C ASP C 115 22.91 20.28 1.89
N PRO C 116 22.74 19.15 2.59
CA PRO C 116 22.52 19.14 4.04
C PRO C 116 23.74 19.53 4.86
N ASN C 117 24.93 19.31 4.31
CA ASN C 117 26.18 19.61 5.01
C ASN C 117 26.71 21.02 4.79
N ALA C 118 25.99 21.81 3.99
CA ALA C 118 26.40 23.17 3.61
C ALA C 118 27.83 23.18 3.06
N ALA C 119 28.07 22.35 2.05
CA ALA C 119 29.40 22.17 1.48
C ALA C 119 29.44 22.53 0.00
N HIS C 120 28.30 22.99 -0.54
CA HIS C 120 28.19 23.32 -1.95
C HIS C 120 27.56 24.69 -2.17
N SER C 121 28.13 25.45 -3.09
CA SER C 121 27.59 26.76 -3.47
C SER C 121 26.38 26.56 -4.37
N ASP C 122 25.51 27.57 -4.40
CA ASP C 122 24.28 27.52 -5.20
C ASP C 122 24.52 27.31 -6.69
N GLN C 123 25.72 27.64 -7.16
CA GLN C 123 26.11 27.46 -8.55
C GLN C 123 26.32 25.99 -8.90
N GLU C 124 27.06 25.28 -8.04
CA GLU C 124 27.34 23.85 -8.25
C GLU C 124 26.16 22.95 -7.83
N ILE C 125 25.21 23.53 -7.09
CA ILE C 125 23.97 22.85 -6.74
C ILE C 125 23.02 22.85 -7.95
N TRP C 126 22.88 24.01 -8.58
CA TRP C 126 22.08 24.15 -9.80
C TRP C 126 22.66 23.37 -10.97
N LYS C 127 23.99 23.21 -10.98
CA LYS C 127 24.68 22.41 -11.99
C LYS C 127 24.25 20.95 -11.95
N VAL C 128 23.86 20.48 -10.77
CA VAL C 128 23.34 19.12 -10.57
C VAL C 128 21.83 19.11 -10.74
N ALA C 129 21.16 20.18 -10.29
CA ALA C 129 19.72 20.33 -10.46
C ALA C 129 19.31 20.33 -11.92
N ASP C 130 20.10 21.00 -12.77
CA ASP C 130 19.88 21.01 -14.21
C ASP C 130 20.22 19.65 -14.82
N GLU C 131 21.17 18.95 -14.20
CA GLU C 131 21.62 17.64 -14.67
C GLU C 131 20.59 16.54 -14.41
N VAL C 132 20.01 16.54 -13.21
CA VAL C 132 19.04 15.51 -12.81
C VAL C 132 17.61 15.78 -13.27
N GLY C 133 17.39 16.90 -13.96
CA GLY C 133 16.09 17.21 -14.55
C GLY C 133 15.20 18.07 -13.68
N LEU C 134 15.77 18.64 -12.62
CA LEU C 134 15.05 19.57 -11.75
C LEU C 134 15.36 21.02 -12.17
N ARG C 135 15.44 21.23 -13.48
CA ARG C 135 15.79 22.53 -14.05
C ARG C 135 14.72 23.59 -13.81
N SER C 136 13.49 23.29 -14.25
CA SER C 136 12.37 24.22 -14.11
C SER C 136 11.45 23.87 -12.94
N VAL C 137 11.69 22.70 -12.34
CA VAL C 137 10.90 22.23 -11.20
C VAL C 137 11.08 23.14 -9.98
N ILE C 138 12.33 23.40 -9.62
CA ILE C 138 12.65 24.25 -8.47
C ILE C 138 12.27 25.70 -8.75
N GLU C 139 12.40 26.13 -10.01
CA GLU C 139 12.09 27.50 -10.43
C GLU C 139 10.59 27.78 -10.46
N GLN C 140 9.77 26.73 -10.38
CA GLN C 140 8.32 26.87 -10.32
C GLN C 140 7.85 27.28 -8.92
N PHE C 141 8.70 27.02 -7.92
CA PHE C 141 8.42 27.39 -6.53
C PHE C 141 8.96 28.79 -6.20
N PRO C 142 8.19 29.57 -5.39
CA PRO C 142 8.44 30.98 -5.09
C PRO C 142 9.90 31.36 -4.83
N GLY C 143 10.49 30.78 -3.78
CA GLY C 143 11.85 31.14 -3.39
C GLY C 143 12.95 30.32 -4.04
N LYS C 144 12.59 29.55 -5.07
CA LYS C 144 13.50 28.61 -5.73
C LYS C 144 14.15 27.65 -4.73
N LEU C 145 15.45 27.85 -4.45
CA LEU C 145 16.17 27.04 -3.48
C LEU C 145 15.79 27.37 -2.04
N ASP C 146 15.23 28.56 -1.85
CA ASP C 146 14.86 29.06 -0.52
C ASP C 146 13.48 28.55 -0.08
N PHE C 147 12.79 27.85 -0.98
CA PHE C 147 11.47 27.29 -0.70
C PHE C 147 11.54 26.12 0.27
N VAL C 148 10.83 26.25 1.38
CA VAL C 148 10.81 25.24 2.44
C VAL C 148 9.88 24.10 2.07
N LEU C 149 10.31 22.87 2.34
CA LEU C 149 9.47 21.70 2.22
C LEU C 149 8.89 21.36 3.60
N VAL C 150 7.58 21.55 3.74
CA VAL C 150 6.90 21.25 5.01
C VAL C 150 6.62 19.76 5.16
N ASP C 151 6.59 19.29 6.42
CA ASP C 151 6.24 17.91 6.77
C ASP C 151 6.93 16.88 5.87
N GLY C 152 8.25 16.78 6.00
CA GLY C 152 9.06 16.02 5.06
C GLY C 152 9.04 16.78 3.75
N GLY C 153 8.52 16.13 2.70
CA GLY C 153 8.33 16.78 1.40
C GLY C 153 6.97 16.45 0.82
N CYS C 154 5.95 16.52 1.67
CA CYS C 154 4.60 16.03 1.35
C CYS C 154 3.95 16.65 0.09
N VAL C 155 4.39 17.84 -0.30
CA VAL C 155 3.87 18.48 -1.52
C VAL C 155 4.48 17.86 -2.78
N LEU C 156 5.69 17.34 -2.66
CA LEU C 156 6.39 16.71 -3.77
C LEU C 156 5.81 15.33 -4.09
N SER C 157 5.85 14.97 -5.37
CA SER C 157 5.49 13.61 -5.78
C SER C 157 6.64 12.68 -5.43
N HIS C 158 6.36 11.37 -5.39
CA HIS C 158 7.37 10.39 -4.98
C HIS C 158 8.51 10.24 -6.01
N GLY C 159 8.26 10.70 -7.24
CA GLY C 159 9.27 10.72 -8.28
C GLY C 159 10.26 11.86 -8.10
N HIS C 160 9.72 13.02 -7.73
CA HIS C 160 10.54 14.20 -7.44
C HIS C 160 11.35 14.00 -6.16
N LYS C 161 10.81 13.19 -5.24
CA LYS C 161 11.53 12.80 -4.04
C LYS C 161 12.71 11.90 -4.39
N GLN C 162 12.53 11.07 -5.42
CA GLN C 162 13.58 10.20 -5.92
C GLN C 162 14.62 10.98 -6.73
N LEU C 163 14.14 12.02 -7.42
CA LEU C 163 15.00 12.85 -8.25
C LEU C 163 15.95 13.70 -7.42
N MET C 164 15.52 14.02 -6.20
CA MET C 164 16.37 14.72 -5.23
C MET C 164 17.32 13.76 -4.54
N CYS C 165 16.90 12.51 -4.40
CA CYS C 165 17.71 11.45 -3.81
C CYS C 165 18.99 11.21 -4.63
N LEU C 166 18.83 11.14 -5.94
CA LEU C 166 19.94 10.99 -6.88
C LEU C 166 20.86 12.20 -6.81
N ALA C 167 20.27 13.40 -6.83
CA ALA C 167 21.01 14.66 -6.81
C ALA C 167 22.00 14.75 -5.64
N ARG C 168 21.55 14.33 -4.45
CA ARG C 168 22.37 14.37 -3.24
C ARG C 168 23.58 13.44 -3.36
N SER C 169 23.37 12.25 -3.93
CA SER C 169 24.43 11.26 -4.09
C SER C 169 25.48 11.75 -5.11
N VAL C 170 25.00 12.29 -6.22
CA VAL C 170 25.87 12.85 -7.26
C VAL C 170 26.65 14.04 -6.71
N LEU C 171 25.98 14.87 -5.92
CA LEU C 171 26.61 16.01 -5.25
C LEU C 171 27.76 15.54 -4.35
N SER C 172 27.66 14.29 -3.88
CA SER C 172 28.72 13.66 -3.09
C SER C 172 29.66 12.83 -3.98
N LYS C 173 29.68 13.16 -5.26
CA LYS C 173 30.65 12.63 -6.25
C LYS C 173 30.48 11.16 -6.65
N ALA C 174 29.39 10.52 -6.18
CA ALA C 174 29.12 9.11 -6.49
C ALA C 174 29.20 8.81 -7.98
N LYS C 175 29.92 7.74 -8.34
CA LYS C 175 30.16 7.40 -9.74
C LYS C 175 29.56 6.05 -10.15
N ILE C 176 29.37 5.16 -9.17
CA ILE C 176 28.84 3.82 -9.43
C ILE C 176 27.39 3.71 -8.97
N LEU C 177 26.50 3.36 -9.89
CA LEU C 177 25.06 3.32 -9.59
C LEU C 177 24.52 1.90 -9.51
N LEU C 178 23.73 1.65 -8.46
CA LEU C 178 23.16 0.33 -8.21
C LEU C 178 21.63 0.32 -8.32
N LEU C 179 21.12 -0.37 -9.33
CA LEU C 179 19.68 -0.46 -9.58
C LEU C 179 19.11 -1.85 -9.29
N ASP C 180 18.58 -2.02 -8.07
CA ASP C 180 17.98 -3.29 -7.67
C ASP C 180 16.48 -3.31 -8.01
N GLU C 181 16.19 -3.74 -9.23
CA GLU C 181 14.82 -3.85 -9.77
C GLU C 181 14.02 -2.54 -9.76
N PRO C 182 14.54 -1.49 -10.43
CA PRO C 182 13.90 -0.16 -10.44
C PRO C 182 12.46 -0.16 -10.97
N SER C 183 12.20 -0.91 -12.04
CA SER C 183 10.86 -0.96 -12.64
C SER C 183 9.82 -1.54 -11.69
N ALA C 184 10.22 -2.54 -10.92
CA ALA C 184 9.35 -3.21 -9.97
C ALA C 184 9.09 -2.38 -8.72
N HIS C 185 10.04 -1.50 -8.38
CA HIS C 185 9.94 -0.67 -7.18
C HIS C 185 9.33 0.71 -7.43
N LEU C 186 9.79 1.36 -8.49
CA LEU C 186 9.31 2.70 -8.85
C LEU C 186 8.07 2.62 -9.73
N ASP C 187 7.24 3.66 -9.67
CA ASP C 187 6.04 3.75 -10.49
C ASP C 187 6.38 4.07 -11.95
N PRO C 188 5.54 3.59 -12.90
CA PRO C 188 5.69 3.79 -14.35
C PRO C 188 6.36 5.11 -14.76
N VAL C 189 5.63 6.22 -14.65
CA VAL C 189 6.17 7.55 -14.99
C VAL C 189 7.03 8.13 -13.86
N THR C 190 8.07 7.38 -13.51
CA THR C 190 9.12 7.81 -12.61
C THR C 190 10.35 7.01 -13.01
N TYR C 191 10.18 5.69 -13.08
CA TYR C 191 11.16 4.77 -13.61
C TYR C 191 11.58 5.21 -15.02
N GLN C 192 10.59 5.58 -15.83
CA GLN C 192 10.81 6.08 -17.19
C GLN C 192 11.65 7.35 -17.22
N ILE C 193 11.44 8.22 -16.22
CA ILE C 193 12.21 9.45 -16.08
C ILE C 193 13.63 9.15 -15.60
N ILE C 194 13.75 8.23 -14.64
CA ILE C 194 15.04 7.86 -14.05
C ILE C 194 16.02 7.35 -15.11
N ARG C 195 15.58 6.40 -15.93
CA ARG C 195 16.42 5.85 -17.00
C ARG C 195 16.73 6.88 -18.09
N ARG C 196 15.82 7.82 -18.30
CA ARG C 196 16.03 8.94 -19.22
C ARG C 196 17.07 9.91 -18.67
N THR C 197 17.07 10.09 -17.36
CA THR C 197 18.06 10.91 -16.67
C THR C 197 19.43 10.22 -16.70
N LEU C 198 19.41 8.89 -16.61
CA LEU C 198 20.61 8.06 -16.74
C LEU C 198 21.19 8.12 -18.15
N LYS C 199 20.32 8.26 -19.15
CA LYS C 199 20.73 8.37 -20.55
C LYS C 199 21.33 9.73 -20.87
N GLN C 200 20.91 10.76 -20.14
CA GLN C 200 21.36 12.13 -20.36
C GLN C 200 22.74 12.40 -19.74
N ALA C 201 22.75 12.87 -18.49
CA ALA C 201 23.98 13.33 -17.83
C ALA C 201 24.76 12.22 -17.11
N PHE C 202 24.43 10.97 -17.40
CA PHE C 202 25.07 9.82 -16.75
C PHE C 202 25.59 8.78 -17.75
N ALA C 203 26.07 9.24 -18.89
CA ALA C 203 26.62 8.36 -19.91
C ALA C 203 27.96 7.77 -19.49
N ASP C 204 28.74 8.54 -18.73
CA ASP C 204 30.09 8.14 -18.32
C ASP C 204 30.14 7.54 -16.90
N CYS C 205 29.02 6.95 -16.47
CA CYS C 205 28.95 6.33 -15.15
C CYS C 205 28.76 4.82 -15.22
N THR C 206 29.43 4.11 -14.32
CA THR C 206 29.32 2.66 -14.24
C THR C 206 28.00 2.28 -13.58
N VAL C 207 27.09 1.73 -14.38
CA VAL C 207 25.75 1.37 -13.93
C VAL C 207 25.63 -0.15 -13.84
N ILE C 208 25.17 -0.64 -12.69
CA ILE C 208 24.87 -2.06 -12.51
C ILE C 208 23.35 -2.23 -12.36
N LEU C 209 22.71 -2.61 -13.46
CA LEU C 209 21.26 -2.74 -13.53
C LEU C 209 20.82 -4.18 -13.29
N CYS C 210 19.93 -4.35 -12.32
CA CYS C 210 19.41 -5.67 -11.98
C CYS C 210 17.90 -5.73 -12.20
N GLU C 211 17.47 -6.55 -13.15
CA GLU C 211 16.05 -6.67 -13.50
C GLU C 211 15.60 -8.11 -13.72
N ALA C 212 14.31 -8.35 -13.48
CA ALA C 212 13.73 -9.69 -13.60
C ALA C 212 13.40 -10.07 -15.05
N ARG C 213 13.32 -9.06 -15.92
CA ARG C 213 13.08 -9.27 -17.34
C ARG C 213 14.19 -8.67 -18.18
N ILE C 214 14.47 -9.28 -19.32
CA ILE C 214 15.54 -8.83 -20.21
C ILE C 214 15.16 -7.55 -20.96
N GLU C 215 13.86 -7.35 -21.16
CA GLU C 215 13.33 -6.18 -21.87
C GLU C 215 13.71 -4.86 -21.21
N ALA C 216 13.99 -4.92 -19.91
CA ALA C 216 14.43 -3.75 -19.15
C ALA C 216 15.96 -3.64 -19.15
N MET C 217 16.63 -4.66 -19.68
CA MET C 217 18.09 -4.74 -19.67
C MET C 217 18.69 -4.51 -21.06
N LEU C 218 17.83 -4.21 -22.03
CA LEU C 218 18.21 -4.18 -23.45
C LEU C 218 19.36 -3.24 -23.84
N GLU C 219 19.61 -2.23 -23.01
CA GLU C 219 20.57 -1.18 -23.32
C GLU C 219 21.99 -1.49 -22.85
N CYS C 220 22.16 -2.57 -22.09
CA CYS C 220 23.41 -2.87 -21.40
C CYS C 220 24.59 -3.18 -22.32
N ASP C 221 25.76 -2.73 -21.89
CA ASP C 221 27.01 -3.01 -22.60
C ASP C 221 27.52 -4.40 -22.22
N GLN C 222 27.21 -4.82 -21.00
CA GLN C 222 27.74 -6.03 -20.42
C GLN C 222 26.68 -6.77 -19.59
N PHE C 223 26.90 -8.07 -19.37
CA PHE C 223 26.03 -8.88 -18.54
C PHE C 223 26.83 -9.79 -17.63
N LEU C 224 26.47 -9.79 -16.34
CA LEU C 224 27.08 -10.69 -15.38
C LEU C 224 26.04 -11.67 -14.86
N VAL C 225 26.38 -12.95 -14.90
CA VAL C 225 25.50 -13.99 -14.40
C VAL C 225 26.11 -14.65 -13.17
N ILE C 226 25.40 -14.54 -12.05
CA ILE C 226 25.82 -15.21 -10.81
C ILE C 226 25.30 -16.64 -10.81
N GLU C 227 26.22 -17.57 -11.03
CA GLU C 227 25.92 -19.00 -11.03
C GLU C 227 26.23 -19.58 -9.66
N GLU C 228 26.41 -20.90 -9.59
CA GLU C 228 26.89 -21.54 -8.38
C GLU C 228 28.39 -21.27 -8.21
N ASN C 229 28.73 -20.50 -7.18
CA ASN C 229 30.13 -20.17 -6.83
C ASN C 229 31.03 -19.66 -7.97
N LYS C 230 30.43 -18.94 -8.93
CA LYS C 230 31.16 -18.43 -10.09
C LYS C 230 30.35 -17.36 -10.82
N VAL C 231 30.99 -16.23 -11.12
CA VAL C 231 30.36 -15.16 -11.89
C VAL C 231 30.87 -15.14 -13.33
N ARG C 232 29.94 -15.29 -14.28
CA ARG C 232 30.28 -15.36 -15.71
C ARG C 232 29.87 -14.08 -16.44
N GLN C 233 30.80 -13.55 -17.24
CA GLN C 233 30.51 -12.36 -18.04
C GLN C 233 30.06 -12.75 -19.45
N TYR C 234 29.06 -12.03 -19.95
CA TYR C 234 28.60 -12.15 -21.33
C TYR C 234 28.72 -10.77 -21.99
N ASP C 235 29.28 -10.72 -23.18
CA ASP C 235 29.51 -9.44 -23.87
C ASP C 235 28.24 -8.77 -24.39
N SER C 236 27.23 -9.56 -24.74
CA SER C 236 26.01 -9.01 -25.34
C SER C 236 24.76 -9.89 -25.16
N ILE C 237 23.63 -9.40 -25.67
CA ILE C 237 22.39 -10.17 -25.74
C ILE C 237 22.62 -11.39 -26.63
N LEU C 238 23.22 -11.14 -27.79
CA LEU C 238 23.51 -12.17 -28.78
C LEU C 238 24.42 -13.27 -28.19
N GLU C 239 25.25 -12.88 -27.23
CA GLU C 239 26.13 -13.80 -26.49
C GLU C 239 25.35 -14.64 -25.46
N LEU C 240 24.33 -14.02 -24.84
CA LEU C 240 23.44 -14.73 -23.93
C LEU C 240 22.50 -15.64 -24.70
N TYR C 241 22.07 -15.17 -25.87
CA TYR C 241 21.08 -15.84 -26.69
C TYR C 241 21.65 -17.09 -27.35
N HIS C 242 22.78 -16.94 -28.00
CA HIS C 242 23.36 -18.02 -28.79
C HIS C 242 24.16 -19.01 -27.94
N TYR C 243 24.84 -18.50 -26.92
CA TYR C 243 25.75 -19.34 -26.13
C TYR C 243 25.52 -19.26 -24.62
N PRO C 244 24.31 -19.63 -24.16
CA PRO C 244 24.04 -19.64 -22.72
C PRO C 244 24.79 -20.77 -22.02
N ALA C 245 25.49 -20.44 -20.94
CA ALA C 245 26.30 -21.41 -20.20
C ALA C 245 25.51 -22.27 -19.21
N ASP C 246 24.22 -21.98 -19.06
CA ASP C 246 23.33 -22.82 -18.24
C ASP C 246 21.86 -22.71 -18.64
N ARG C 247 21.03 -23.56 -18.05
CA ARG C 247 19.61 -23.69 -18.39
C ARG C 247 18.82 -22.43 -18.05
N PHE C 248 19.25 -21.72 -17.00
CA PHE C 248 18.60 -20.48 -16.58
C PHE C 248 18.71 -19.38 -17.63
N VAL C 249 19.95 -19.07 -18.02
CA VAL C 249 20.25 -18.07 -19.04
C VAL C 249 19.58 -18.44 -20.36
N ALA C 250 19.47 -19.75 -20.60
CA ALA C 250 18.82 -20.29 -21.79
C ALA C 250 17.34 -19.98 -21.83
N GLY C 251 16.71 -19.90 -20.65
CA GLY C 251 15.30 -19.55 -20.54
C GLY C 251 15.08 -18.16 -19.97
N PHE C 252 15.85 -17.19 -20.48
CA PHE C 252 15.79 -15.80 -20.03
C PHE C 252 15.62 -14.89 -21.24
N ILE C 253 16.20 -15.32 -22.36
CA ILE C 253 16.10 -14.60 -23.63
C ILE C 253 15.20 -15.38 -24.58
N GLY C 254 14.33 -14.68 -25.30
CA GLY C 254 13.46 -15.29 -26.29
C GLY C 254 12.09 -15.65 -25.75
N SER C 255 11.07 -15.06 -26.34
CA SER C 255 9.68 -15.39 -26.02
C SER C 255 8.98 -15.80 -27.31
N PRO C 256 8.34 -16.99 -27.34
CA PRO C 256 8.25 -18.01 -26.28
C PRO C 256 9.60 -18.64 -25.93
N LYS C 257 9.66 -19.21 -24.72
CA LYS C 257 10.84 -19.83 -24.14
C LYS C 257 11.41 -20.97 -24.97
N MET C 258 12.74 -21.11 -24.97
CA MET C 258 13.42 -22.25 -25.59
C MET C 258 12.83 -23.56 -25.08
N ASN C 259 12.51 -24.46 -26.01
CA ASN C 259 12.02 -25.78 -25.67
C ASN C 259 13.11 -26.63 -25.01
N PHE C 260 12.70 -27.45 -24.05
CA PHE C 260 13.62 -28.36 -23.36
C PHE C 260 13.13 -29.80 -23.44
N LEU C 261 13.99 -30.67 -23.97
CA LEU C 261 13.63 -32.07 -24.19
C LEU C 261 14.59 -32.99 -23.45
N PRO C 262 14.04 -33.89 -22.61
CA PRO C 262 14.89 -34.86 -21.92
C PRO C 262 15.51 -35.85 -22.91
N VAL C 263 16.83 -35.94 -22.91
CA VAL C 263 17.55 -36.82 -23.82
C VAL C 263 18.58 -37.70 -23.11
N LYS C 264 18.94 -38.80 -23.77
CA LYS C 264 19.85 -39.80 -23.24
C LYS C 264 21.15 -39.79 -24.06
N VAL C 265 22.30 -39.66 -23.40
CA VAL C 265 23.60 -39.75 -24.08
C VAL C 265 23.88 -41.19 -24.54
N THR C 266 24.03 -41.39 -25.84
CA THR C 266 24.27 -42.72 -26.39
C THR C 266 25.70 -42.91 -26.89
N ALA C 267 26.37 -41.81 -27.23
CA ALA C 267 27.76 -41.83 -27.64
C ALA C 267 28.46 -40.50 -27.32
N THR C 268 29.78 -40.51 -27.37
CA THR C 268 30.58 -39.33 -27.05
C THR C 268 31.92 -39.37 -27.79
N ALA C 269 32.22 -38.30 -28.51
CA ALA C 269 33.46 -38.18 -29.28
C ALA C 269 34.15 -36.86 -28.95
N ILE C 270 35.21 -36.53 -29.69
CA ILE C 270 35.85 -35.23 -29.54
C ILE C 270 34.95 -34.18 -30.17
N ASP C 271 34.63 -33.14 -29.39
CA ASP C 271 33.79 -32.02 -29.84
C ASP C 271 32.44 -32.45 -30.42
N GLN C 272 31.93 -33.58 -29.93
CA GLN C 272 30.70 -34.18 -30.43
C GLN C 272 30.02 -35.00 -29.35
N VAL C 273 28.70 -34.85 -29.24
CA VAL C 273 27.91 -35.64 -28.31
C VAL C 273 26.66 -36.15 -29.02
N GLN C 274 26.47 -37.46 -28.99
CA GLN C 274 25.27 -38.07 -29.53
C GLN C 274 24.24 -38.27 -28.43
N VAL C 275 23.00 -37.91 -28.73
CA VAL C 275 21.91 -38.08 -27.79
C VAL C 275 20.74 -38.84 -28.42
N GLU C 276 19.95 -39.48 -27.56
CA GLU C 276 18.76 -40.22 -28.00
C GLU C 276 17.50 -39.48 -27.59
N LEU C 277 16.57 -39.34 -28.54
CA LEU C 277 15.30 -38.66 -28.29
C LEU C 277 14.30 -39.60 -27.62
N PRO C 278 13.50 -39.08 -26.68
CA PRO C 278 12.71 -39.90 -25.76
C PRO C 278 11.47 -40.59 -26.32
N MET C 279 11.00 -40.16 -27.49
CA MET C 279 9.80 -40.78 -28.07
C MET C 279 10.07 -42.16 -28.67
N PRO C 280 9.04 -43.04 -28.72
CA PRO C 280 9.08 -44.42 -29.23
C PRO C 280 10.14 -44.74 -30.30
N ASN C 281 10.19 -44.00 -31.39
CA ASN C 281 11.16 -44.24 -32.46
C ASN C 281 12.63 -44.06 -32.04
N ARG C 282 12.83 -43.46 -30.86
CA ARG C 282 14.14 -43.34 -30.20
C ARG C 282 15.28 -42.91 -31.11
N GLN C 283 15.00 -41.96 -32.00
CA GLN C 283 15.97 -41.43 -32.95
C GLN C 283 17.23 -40.88 -32.25
N GLN C 284 18.39 -41.17 -32.82
CA GLN C 284 19.67 -40.70 -32.27
C GLN C 284 20.32 -39.65 -33.16
N VAL C 285 21.01 -38.70 -32.55
CA VAL C 285 21.56 -37.56 -33.29
C VAL C 285 22.87 -37.02 -32.69
N TRP C 286 23.87 -36.82 -33.55
CA TRP C 286 25.12 -36.20 -33.16
C TRP C 286 24.98 -34.68 -33.12
N LEU C 287 25.44 -34.07 -32.02
CA LEU C 287 25.35 -32.62 -31.84
C LEU C 287 26.73 -31.98 -31.80
N PRO C 288 26.94 -30.90 -32.58
CA PRO C 288 28.20 -30.14 -32.58
C PRO C 288 28.39 -29.42 -31.24
N VAL C 289 28.75 -30.19 -30.22
CA VAL C 289 28.73 -29.73 -28.84
C VAL C 289 29.93 -30.30 -28.07
N GLU C 290 30.51 -29.48 -27.20
CA GLU C 290 31.66 -29.86 -26.38
C GLU C 290 31.34 -31.07 -25.51
N SER C 291 32.30 -32.00 -25.40
CA SER C 291 32.06 -33.28 -24.71
C SER C 291 32.71 -33.41 -23.33
N ARG C 292 33.30 -32.31 -22.85
CA ARG C 292 33.88 -32.27 -21.51
C ARG C 292 32.82 -32.62 -20.45
N ASP C 293 33.20 -33.47 -19.50
CA ASP C 293 32.34 -33.91 -18.41
C ASP C 293 30.95 -34.37 -18.88
N VAL C 294 30.95 -35.28 -19.86
CA VAL C 294 29.74 -35.94 -20.34
C VAL C 294 29.94 -37.45 -20.31
N GLN C 295 29.00 -38.14 -19.68
CA GLN C 295 29.05 -39.60 -19.55
C GLN C 295 27.96 -40.25 -20.40
N VAL C 296 28.26 -41.41 -20.97
CA VAL C 296 27.27 -42.17 -21.75
C VAL C 296 26.23 -42.76 -20.80
N GLY C 297 24.96 -42.64 -21.18
CA GLY C 297 23.85 -43.07 -20.35
C GLY C 297 23.32 -41.95 -19.47
N ALA C 298 24.09 -40.87 -19.35
CA ALA C 298 23.71 -39.71 -18.54
C ALA C 298 22.47 -39.02 -19.07
N ASN C 299 21.54 -38.71 -18.17
CA ASN C 299 20.33 -37.97 -18.54
C ASN C 299 20.59 -36.48 -18.78
N MET C 300 20.29 -36.03 -19.99
CA MET C 300 20.52 -34.64 -20.39
C MET C 300 19.21 -33.93 -20.67
N SER C 301 19.28 -32.62 -20.83
CA SER C 301 18.16 -31.83 -21.32
C SER C 301 18.59 -31.11 -22.60
N LEU C 302 17.91 -31.41 -23.70
CA LEU C 302 18.23 -30.80 -25.00
C LEU C 302 17.42 -29.52 -25.22
N GLY C 303 18.12 -28.43 -25.49
CA GLY C 303 17.48 -27.15 -25.75
C GLY C 303 17.37 -26.85 -27.24
N ILE C 304 16.18 -26.43 -27.67
CA ILE C 304 15.97 -25.94 -29.03
C ILE C 304 14.87 -24.87 -29.08
N ARG C 305 15.21 -23.71 -29.68
CA ARG C 305 14.30 -22.57 -29.72
C ARG C 305 13.21 -22.73 -30.78
N PRO C 306 11.96 -22.31 -30.45
CA PRO C 306 10.83 -22.35 -31.38
C PRO C 306 11.11 -21.74 -32.75
N GLU C 307 11.95 -20.71 -32.79
CA GLU C 307 12.33 -20.05 -34.05
C GLU C 307 13.32 -20.89 -34.87
N HIS C 308 14.13 -21.68 -34.18
CA HIS C 308 15.18 -22.46 -34.81
C HIS C 308 14.71 -23.82 -35.33
N LEU C 309 13.49 -24.21 -34.97
CA LEU C 309 12.89 -25.42 -35.50
C LEU C 309 12.58 -25.26 -36.99
N LEU C 310 12.65 -26.37 -37.73
CA LEU C 310 12.48 -26.35 -39.18
C LEU C 310 11.18 -27.02 -39.63
N PRO C 311 10.72 -26.72 -40.86
CA PRO C 311 9.64 -27.53 -41.45
C PRO C 311 10.15 -28.91 -41.79
N SER C 312 9.26 -29.90 -41.79
CA SER C 312 9.63 -31.29 -42.09
C SER C 312 10.08 -31.50 -43.53
N ASP C 313 9.50 -30.73 -44.45
CA ASP C 313 9.79 -30.80 -45.89
C ASP C 313 11.26 -31.05 -46.21
N ILE C 314 12.15 -30.36 -45.49
CA ILE C 314 13.59 -30.57 -45.61
C ILE C 314 14.23 -30.77 -44.23
N ALA C 315 14.15 -32.00 -43.72
CA ALA C 315 14.62 -32.32 -42.37
C ALA C 315 15.04 -33.78 -42.21
N ASP C 316 16.20 -33.98 -41.58
CA ASP C 316 16.74 -35.32 -41.31
C ASP C 316 16.25 -35.87 -39.96
N VAL C 317 16.02 -34.97 -39.01
CA VAL C 317 15.47 -35.35 -37.71
C VAL C 317 14.07 -34.75 -37.56
N ILE C 318 13.05 -35.59 -37.69
CA ILE C 318 11.66 -35.13 -37.65
C ILE C 318 10.95 -35.47 -36.33
N LEU C 319 10.38 -34.47 -35.70
CA LEU C 319 9.53 -34.67 -34.53
C LEU C 319 8.07 -34.46 -34.92
N GLU C 320 7.22 -35.42 -34.57
CA GLU C 320 5.82 -35.41 -34.99
C GLU C 320 4.88 -35.68 -33.83
N GLY C 321 3.76 -34.94 -33.79
CA GLY C 321 2.74 -35.12 -32.77
C GLY C 321 1.43 -34.43 -33.14
N GLU C 322 0.56 -34.29 -32.14
CA GLU C 322 -0.74 -33.65 -32.34
C GLU C 322 -0.74 -32.19 -31.87
N VAL C 323 -1.25 -31.31 -32.72
CA VAL C 323 -1.32 -29.88 -32.45
C VAL C 323 -2.32 -29.56 -31.33
N GLN C 324 -1.83 -28.95 -30.27
CA GLN C 324 -2.66 -28.60 -29.12
C GLN C 324 -3.23 -27.18 -29.26
N VAL C 325 -2.36 -26.23 -29.58
CA VAL C 325 -2.75 -24.82 -29.69
C VAL C 325 -2.21 -24.23 -31.00
N VAL C 326 -3.02 -23.37 -31.61
CA VAL C 326 -2.58 -22.55 -32.74
C VAL C 326 -2.73 -21.08 -32.35
N GLU C 327 -1.61 -20.37 -32.31
CA GLU C 327 -1.63 -18.93 -32.02
C GLU C 327 -1.26 -18.13 -33.26
N GLN C 328 -2.29 -17.77 -34.03
CA GLN C 328 -2.14 -16.88 -35.18
C GLN C 328 -1.91 -15.46 -34.66
N LEU C 329 -0.80 -14.84 -35.06
CA LEU C 329 -0.41 -13.53 -34.56
C LEU C 329 -0.16 -12.49 -35.66
N GLY C 330 -0.42 -12.88 -36.90
CA GLY C 330 -0.25 -12.00 -38.05
C GLY C 330 1.10 -12.16 -38.71
N ASN C 331 2.15 -11.68 -38.04
CA ASN C 331 3.52 -11.83 -38.53
C ASN C 331 4.07 -13.24 -38.32
N GLU C 332 3.81 -13.81 -37.14
CA GLU C 332 4.19 -15.19 -36.85
C GLU C 332 2.99 -16.02 -36.37
N THR C 333 3.06 -17.32 -36.64
CA THR C 333 2.07 -18.27 -36.14
C THR C 333 2.76 -19.28 -35.23
N GLN C 334 2.34 -19.31 -33.96
CA GLN C 334 2.94 -20.20 -32.97
C GLN C 334 2.13 -21.49 -32.81
N ILE C 335 2.76 -22.62 -33.09
CA ILE C 335 2.13 -23.92 -32.99
C ILE C 335 2.63 -24.67 -31.76
N HIS C 336 1.69 -25.14 -30.94
CA HIS C 336 2.00 -25.98 -29.79
C HIS C 336 1.70 -27.43 -30.16
N ILE C 337 2.74 -28.28 -30.10
CA ILE C 337 2.59 -29.68 -30.47
C ILE C 337 2.88 -30.61 -29.29
N GLN C 338 2.05 -31.64 -29.16
CA GLN C 338 2.22 -32.67 -28.15
C GLN C 338 2.99 -33.83 -28.75
N ILE C 339 4.18 -34.09 -28.22
CA ILE C 339 5.03 -35.18 -28.70
C ILE C 339 4.93 -36.36 -27.74
N PRO C 340 4.67 -37.56 -28.27
CA PRO C 340 4.63 -38.80 -27.48
C PRO C 340 5.81 -38.92 -26.51
N SER C 341 5.50 -39.34 -25.28
CA SER C 341 6.45 -39.41 -24.16
C SER C 341 7.32 -38.16 -23.96
N ILE C 342 6.73 -37.00 -24.26
CA ILE C 342 7.27 -35.71 -23.83
C ILE C 342 6.15 -34.93 -23.14
N ARG C 343 6.38 -34.57 -21.88
CA ARG C 343 5.35 -34.00 -21.01
C ARG C 343 4.87 -32.61 -21.46
N GLN C 344 5.80 -31.67 -21.47
CA GLN C 344 5.52 -30.30 -21.91
C GLN C 344 5.34 -30.27 -23.44
N ASN C 345 4.52 -29.35 -23.92
CA ASN C 345 4.33 -29.17 -25.36
C ASN C 345 5.55 -28.52 -26.00
N LEU C 346 5.81 -28.90 -27.25
CA LEU C 346 6.86 -28.30 -28.04
C LEU C 346 6.29 -27.08 -28.76
N VAL C 347 6.90 -25.93 -28.52
CA VAL C 347 6.43 -24.68 -29.13
C VAL C 347 7.22 -24.41 -30.41
N TYR C 348 6.48 -24.13 -31.49
CA TYR C 348 7.07 -23.92 -32.81
C TYR C 348 6.61 -22.60 -33.42
N ARG C 349 7.56 -21.72 -33.69
CA ARG C 349 7.29 -20.46 -34.38
C ARG C 349 7.49 -20.61 -35.88
N GLN C 350 6.62 -19.97 -36.65
CA GLN C 350 6.68 -20.04 -38.11
C GLN C 350 6.69 -18.64 -38.74
N ASN C 351 7.49 -18.47 -39.78
CA ASN C 351 7.50 -17.25 -40.58
C ASN C 351 6.23 -17.13 -41.42
N ASP C 352 5.58 -15.96 -41.34
CA ASP C 352 4.32 -15.67 -42.05
C ASP C 352 3.17 -16.62 -41.69
N VAL C 353 2.87 -17.56 -42.60
CA VAL C 353 1.65 -18.38 -42.52
C VAL C 353 1.93 -19.88 -42.31
N VAL C 354 1.10 -20.51 -41.48
CA VAL C 354 1.19 -21.95 -41.21
C VAL C 354 -0.07 -22.72 -41.64
N LEU C 355 -1.25 -22.15 -41.37
CA LEU C 355 -2.55 -22.71 -41.78
C LEU C 355 -2.81 -24.16 -41.33
N VAL C 356 -2.70 -24.40 -40.02
CA VAL C 356 -2.89 -25.74 -39.46
C VAL C 356 -4.09 -25.79 -38.52
N GLU C 357 -4.87 -26.86 -38.63
CA GLU C 357 -6.04 -27.07 -37.79
C GLU C 357 -5.67 -27.56 -36.39
N GLU C 358 -6.54 -27.25 -35.43
CA GLU C 358 -6.43 -27.76 -34.06
C GLU C 358 -6.57 -29.28 -34.08
N GLY C 359 -5.74 -29.96 -33.28
CA GLY C 359 -5.82 -31.41 -33.13
C GLY C 359 -5.36 -32.22 -34.34
N ALA C 360 -4.59 -31.59 -35.22
CA ALA C 360 -4.05 -32.27 -36.40
C ALA C 360 -2.65 -32.80 -36.12
N THR C 361 -2.23 -33.79 -36.91
CA THR C 361 -0.85 -34.26 -36.85
C THR C 361 0.06 -33.28 -37.59
N PHE C 362 1.20 -32.98 -36.98
CA PHE C 362 2.15 -32.04 -37.55
C PHE C 362 3.58 -32.48 -37.32
N ALA C 363 4.38 -32.41 -38.38
CA ALA C 363 5.78 -32.80 -38.31
C ALA C 363 6.70 -31.59 -38.49
N ILE C 364 7.65 -31.45 -37.58
CA ILE C 364 8.69 -30.41 -37.67
C ILE C 364 10.09 -31.01 -37.61
N GLY C 365 11.05 -30.29 -38.17
CA GLY C 365 12.44 -30.73 -38.20
C GLY C 365 13.26 -30.19 -37.06
N LEU C 366 14.26 -30.96 -36.67
CA LEU C 366 15.18 -30.57 -35.60
C LEU C 366 16.60 -30.41 -36.17
N PRO C 367 17.10 -29.16 -36.20
CA PRO C 367 18.46 -28.88 -36.66
C PRO C 367 19.51 -29.05 -35.57
N PRO C 368 20.43 -30.04 -35.73
CA PRO C 368 21.47 -30.32 -34.74
C PRO C 368 22.37 -29.13 -34.43
N GLU C 369 22.67 -28.32 -35.45
CA GLU C 369 23.59 -27.20 -35.32
C GLU C 369 23.08 -26.15 -34.33
N ARG C 370 21.77 -26.11 -34.14
CA ARG C 370 21.14 -25.08 -33.33
C ARG C 370 20.62 -25.62 -31.99
N CYS C 371 20.98 -26.86 -31.67
CA CYS C 371 20.58 -27.48 -30.42
C CYS C 371 21.54 -27.17 -29.28
N HIS C 372 20.98 -26.89 -28.11
CA HIS C 372 21.74 -26.76 -26.88
C HIS C 372 21.66 -28.08 -26.12
N LEU C 373 22.59 -28.28 -25.19
CA LEU C 373 22.60 -29.47 -24.36
C LEU C 373 22.99 -29.14 -22.93
N PHE C 374 22.20 -29.63 -21.98
CA PHE C 374 22.40 -29.30 -20.58
C PHE C 374 22.49 -30.54 -19.69
N ARG C 375 23.42 -30.50 -18.76
CA ARG C 375 23.57 -31.56 -17.75
C ARG C 375 22.42 -31.45 -16.75
N GLU C 376 22.32 -32.44 -15.86
CA GLU C 376 21.31 -32.46 -14.80
C GLU C 376 21.42 -31.27 -13.86
N ASP C 377 22.64 -30.78 -13.64
CA ASP C 377 22.86 -29.63 -12.76
C ASP C 377 22.67 -28.28 -13.48
N GLY C 378 22.21 -28.33 -14.72
CA GLY C 378 21.85 -27.13 -15.46
C GLY C 378 22.92 -26.61 -16.41
N THR C 379 24.19 -26.82 -16.08
CA THR C 379 25.31 -26.30 -16.88
C THR C 379 25.25 -26.80 -18.32
N ALA C 380 25.72 -25.97 -19.25
CA ALA C 380 25.67 -26.32 -20.67
C ALA C 380 26.97 -26.90 -21.18
N CYS C 381 26.85 -27.73 -22.21
CA CYS C 381 27.99 -28.14 -23.00
C CYS C 381 28.14 -27.10 -24.10
N ARG C 382 29.23 -26.34 -24.06
CA ARG C 382 29.44 -25.23 -25.00
C ARG C 382 29.16 -25.64 -26.45
N ARG C 383 28.34 -24.85 -27.13
CA ARG C 383 28.06 -25.05 -28.54
C ARG C 383 29.28 -24.69 -29.37
N LEU C 384 29.52 -25.47 -30.43
CA LEU C 384 30.69 -25.25 -31.29
C LEU C 384 30.33 -24.74 -32.69
N HIS C 385 29.03 -24.72 -33.00
CA HIS C 385 28.55 -24.15 -34.24
C HIS C 385 28.73 -22.63 -34.21
N LYS C 386 29.43 -22.10 -35.21
CA LYS C 386 29.64 -20.67 -35.34
C LYS C 386 28.34 -19.98 -35.72
N GLU C 387 27.84 -19.14 -34.82
CA GLU C 387 26.65 -18.35 -35.09
C GLU C 387 27.02 -17.02 -35.71
N PRO C 388 26.47 -16.72 -36.91
CA PRO C 388 26.68 -15.44 -37.57
C PRO C 388 26.28 -14.28 -36.65
N GLY C 389 27.25 -13.48 -36.26
CA GLY C 389 27.03 -12.39 -35.31
C GLY C 389 27.24 -12.81 -33.87
N ASP D 12 27.59 -19.60 26.19
CA ASP D 12 27.26 -18.27 26.80
C ASP D 12 26.10 -17.59 26.05
N ILE D 13 24.88 -17.80 26.55
CA ILE D 13 23.66 -17.27 25.92
C ILE D 13 23.55 -15.75 26.12
N TRP D 14 23.68 -15.02 25.02
CA TRP D 14 23.64 -13.56 25.03
C TRP D 14 22.57 -13.04 24.06
N PRO D 15 21.72 -12.11 24.51
CA PRO D 15 21.72 -11.48 25.85
C PRO D 15 21.05 -12.35 26.92
N SER D 16 21.23 -11.95 28.18
CA SER D 16 20.69 -12.70 29.32
C SER D 16 19.46 -12.02 29.90
N GLY D 17 19.66 -10.81 30.44
CA GLY D 17 18.58 -10.07 31.11
C GLY D 17 17.96 -9.00 30.23
N GLY D 18 18.80 -8.10 29.72
CA GLY D 18 18.34 -7.00 28.89
C GLY D 18 18.80 -5.63 29.37
N GLN D 19 19.78 -5.63 30.28
CA GLN D 19 20.29 -4.39 30.85
C GLN D 19 21.21 -3.68 29.86
N MET D 20 21.08 -2.36 29.77
CA MET D 20 21.78 -1.57 28.78
C MET D 20 22.35 -0.27 29.36
N THR D 21 23.65 -0.05 29.13
CA THR D 21 24.34 1.15 29.61
C THR D 21 24.94 1.96 28.46
N VAL D 22 24.76 3.28 28.52
CA VAL D 22 25.22 4.17 27.47
C VAL D 22 26.16 5.23 28.06
N LYS D 23 27.33 5.39 27.43
CA LYS D 23 28.33 6.36 27.87
C LYS D 23 28.70 7.33 26.74
N ASP D 24 28.32 8.60 26.93
CA ASP D 24 28.61 9.69 25.99
C ASP D 24 28.45 9.31 24.52
N LEU D 25 27.20 9.06 24.12
CA LEU D 25 26.89 8.64 22.76
C LEU D 25 26.73 9.83 21.83
N THR D 26 27.43 9.79 20.71
CA THR D 26 27.31 10.79 19.65
C THR D 26 26.84 10.11 18.37
N ALA D 27 25.65 10.48 17.91
CA ALA D 27 25.09 9.93 16.69
C ALA D 27 25.04 10.98 15.58
N LYS D 28 25.79 10.71 14.51
CA LYS D 28 25.81 11.59 13.34
C LYS D 28 25.48 10.79 12.07
N TYR D 29 24.71 11.41 11.18
CA TYR D 29 24.26 10.75 9.96
C TYR D 29 25.35 10.67 8.88
N THR D 30 26.13 11.74 8.75
CA THR D 30 27.26 11.77 7.82
C THR D 30 28.56 11.91 8.62
N GLU D 31 29.63 11.31 8.10
CA GLU D 31 30.95 11.37 8.74
C GLU D 31 31.40 12.80 9.00
N GLY D 32 31.01 13.71 8.10
CA GLY D 32 31.29 15.14 8.26
C GLY D 32 30.03 15.99 8.25
N GLY D 33 28.95 15.45 8.84
CA GLY D 33 27.68 16.16 8.92
C GLY D 33 27.53 16.94 10.23
N ASN D 34 26.33 16.89 10.80
CA ASN D 34 26.04 17.54 12.07
C ASN D 34 25.47 16.54 13.09
N ALA D 35 26.01 16.59 14.31
CA ALA D 35 25.64 15.64 15.36
C ALA D 35 24.26 15.94 15.97
N ILE D 36 23.31 15.03 15.74
CA ILE D 36 21.94 15.15 16.24
C ILE D 36 21.88 14.92 17.75
N LEU D 37 22.73 14.03 18.24
CA LEU D 37 22.88 13.81 19.68
C LEU D 37 24.34 14.01 20.07
N GLU D 38 24.58 15.03 20.91
CA GLU D 38 25.94 15.47 21.26
C GLU D 38 26.70 14.46 22.12
N ASN D 39 26.37 14.41 23.41
CA ASN D 39 26.98 13.43 24.32
C ASN D 39 25.93 12.89 25.28
N ILE D 40 25.60 11.62 25.11
CA ILE D 40 24.46 11.03 25.81
C ILE D 40 24.85 9.83 26.67
N SER D 41 24.46 9.88 27.93
CA SER D 41 24.69 8.80 28.87
C SER D 41 23.40 8.45 29.61
N PHE D 42 23.16 7.16 29.75
CA PHE D 42 22.07 6.63 30.58
C PHE D 42 22.24 5.13 30.78
N SER D 43 21.39 4.56 31.63
CA SER D 43 21.43 3.11 31.89
C SER D 43 20.03 2.57 32.19
N ILE D 44 19.69 1.47 31.54
CA ILE D 44 18.38 0.83 31.72
C ILE D 44 18.56 -0.53 32.38
N SER D 45 17.80 -0.76 33.45
CA SER D 45 17.79 -2.04 34.16
C SER D 45 17.13 -3.13 33.32
N PRO D 46 17.48 -4.41 33.56
CA PRO D 46 16.91 -5.49 32.74
C PRO D 46 15.42 -5.71 32.97
N GLY D 47 14.67 -5.89 31.89
CA GLY D 47 13.22 -6.09 31.94
C GLY D 47 12.44 -4.83 32.28
N GLN D 48 12.88 -3.70 31.75
CA GLN D 48 12.26 -2.40 32.00
C GLN D 48 11.55 -1.88 30.76
N ARG D 49 10.27 -1.52 30.93
CA ARG D 49 9.53 -0.89 29.84
C ARG D 49 9.70 0.63 29.91
N VAL D 50 10.43 1.17 28.94
CA VAL D 50 10.85 2.57 28.95
C VAL D 50 10.16 3.39 27.85
N GLY D 51 9.47 4.45 28.26
CA GLY D 51 8.85 5.40 27.32
C GLY D 51 9.86 6.41 26.83
N LEU D 52 9.98 6.53 25.51
CA LEU D 52 10.89 7.50 24.90
C LEU D 52 10.15 8.74 24.44
N LEU D 53 10.60 9.90 24.95
CA LEU D 53 9.93 11.17 24.71
C LEU D 53 10.87 12.22 24.14
N GLY D 54 10.29 13.29 23.60
CA GLY D 54 11.08 14.38 23.04
C GLY D 54 10.26 15.28 22.12
N ARG D 55 10.73 16.52 21.96
CA ARG D 55 10.08 17.47 21.05
C ARG D 55 10.24 17.05 19.60
N THR D 56 9.36 17.55 18.74
CA THR D 56 9.41 17.25 17.31
C THR D 56 10.79 17.55 16.73
N GLY D 57 11.54 16.48 16.43
CA GLY D 57 12.84 16.60 15.79
C GLY D 57 14.04 16.44 16.70
N SER D 58 13.80 16.20 17.99
CA SER D 58 14.86 16.13 19.00
C SER D 58 15.86 15.01 18.78
N GLY D 59 15.39 13.87 18.27
CA GLY D 59 16.25 12.72 17.97
C GLY D 59 15.81 11.41 18.58
N LYS D 60 14.49 11.19 18.59
CA LYS D 60 13.93 9.94 19.12
C LYS D 60 14.28 8.76 18.22
N SER D 61 13.88 8.84 16.95
CA SER D 61 14.17 7.79 15.97
C SER D 61 15.67 7.59 15.76
N THR D 62 16.43 8.67 15.87
CA THR D 62 17.89 8.63 15.74
C THR D 62 18.52 7.78 16.84
N LEU D 63 17.96 7.86 18.05
CA LEU D 63 18.47 7.06 19.17
C LEU D 63 18.32 5.58 18.87
N LEU D 64 17.13 5.19 18.41
CA LEU D 64 16.84 3.81 18.06
C LEU D 64 17.71 3.33 16.90
N SER D 65 17.99 4.24 15.96
CA SER D 65 18.87 3.96 14.83
C SER D 65 20.33 3.80 15.28
N ALA D 66 20.70 4.53 16.33
CA ALA D 66 22.05 4.47 16.89
C ALA D 66 22.25 3.19 17.71
N PHE D 67 21.18 2.69 18.32
CA PHE D 67 21.20 1.41 19.03
C PHE D 67 21.60 0.28 18.08
N LEU D 68 21.03 0.31 16.88
CA LEU D 68 21.30 -0.70 15.87
C LEU D 68 22.58 -0.41 15.09
N ARG D 69 23.21 0.72 15.41
CA ARG D 69 24.39 1.18 14.69
C ARG D 69 24.07 1.24 13.19
N LEU D 70 23.17 2.14 12.85
CA LEU D 70 22.70 2.31 11.47
C LEU D 70 23.22 3.63 10.89
N LEU D 71 24.06 4.30 11.68
CA LEU D 71 24.68 5.58 11.31
C LEU D 71 26.04 5.70 11.99
N ASN D 72 26.77 6.79 11.73
CA ASN D 72 28.07 7.02 12.37
C ASN D 72 27.92 7.32 13.86
N THR D 73 28.43 6.41 14.68
CA THR D 73 28.22 6.44 16.13
C THR D 73 29.55 6.50 16.89
N GLU D 74 29.61 7.39 17.87
CA GLU D 74 30.75 7.56 18.76
C GLU D 74 30.31 7.24 20.19
N GLY D 75 31.14 6.48 20.91
CA GLY D 75 30.87 6.19 22.32
C GLY D 75 30.67 4.72 22.65
N GLU D 76 30.11 4.47 23.82
CA GLU D 76 29.96 3.11 24.35
C GLU D 76 28.52 2.72 24.64
N ILE D 77 28.06 1.66 23.98
CA ILE D 77 26.77 1.03 24.25
C ILE D 77 27.06 -0.39 24.73
N GLN D 78 26.46 -0.77 25.85
CA GLN D 78 26.69 -2.08 26.42
C GLN D 78 25.41 -2.77 26.86
N ILE D 79 25.14 -3.95 26.30
CA ILE D 79 24.06 -4.80 26.78
C ILE D 79 24.64 -5.99 27.53
N ASP D 80 24.22 -6.14 28.78
CA ASP D 80 24.69 -7.19 29.69
C ASP D 80 26.21 -7.25 29.83
N GLY D 81 26.82 -6.08 29.99
CA GLY D 81 28.26 -5.96 30.21
C GLY D 81 29.14 -6.31 29.02
N VAL D 82 28.57 -6.19 27.82
CA VAL D 82 29.30 -6.49 26.58
C VAL D 82 29.26 -5.28 25.64
N SER D 83 30.44 -4.80 25.27
CA SER D 83 30.58 -3.62 24.41
C SER D 83 30.14 -3.90 22.97
N TRP D 84 29.74 -2.85 22.27
CA TRP D 84 29.28 -2.96 20.88
C TRP D 84 30.42 -2.91 19.86
N ASP D 85 31.66 -2.99 20.35
CA ASP D 85 32.84 -2.88 19.49
C ASP D 85 33.53 -4.21 19.22
N SER D 86 33.36 -5.17 20.14
CA SER D 86 33.98 -6.49 19.99
C SER D 86 33.00 -7.55 19.44
N ILE D 87 31.91 -7.07 18.84
CA ILE D 87 30.88 -7.94 18.25
C ILE D 87 30.41 -7.41 16.90
N THR D 88 30.10 -8.33 15.98
CA THR D 88 29.67 -7.99 14.62
C THR D 88 28.28 -7.34 14.62
N LEU D 89 28.04 -6.47 13.63
CA LEU D 89 26.78 -5.75 13.49
C LEU D 89 25.56 -6.69 13.56
N GLU D 90 25.59 -7.74 12.75
CA GLU D 90 24.49 -8.71 12.65
C GLU D 90 24.26 -9.50 13.94
N GLN D 91 25.33 -9.71 14.71
CA GLN D 91 25.24 -10.37 16.01
C GLN D 91 24.70 -9.40 17.06
N TRP D 92 25.17 -8.16 17.00
CA TRP D 92 24.71 -7.09 17.88
C TRP D 92 23.23 -6.78 17.64
N ARG D 93 22.82 -6.80 16.37
CA ARG D 93 21.44 -6.52 15.99
C ARG D 93 20.47 -7.65 16.34
N LYS D 94 21.02 -8.86 16.51
CA LYS D 94 20.24 -10.05 16.87
C LYS D 94 19.71 -9.95 18.30
N ALA D 95 20.37 -9.14 19.12
CA ALA D 95 19.95 -8.88 20.49
C ALA D 95 18.67 -8.05 20.56
N PHE D 96 18.40 -7.29 19.50
CA PHE D 96 17.26 -6.39 19.43
C PHE D 96 16.10 -6.96 18.60
N GLY D 97 14.88 -6.63 19.01
CA GLY D 97 13.69 -6.91 18.22
C GLY D 97 13.02 -5.61 17.83
N VAL D 98 13.16 -5.24 16.55
CA VAL D 98 12.75 -3.91 16.07
C VAL D 98 11.46 -3.96 15.26
N ILE D 99 10.37 -3.44 15.82
CA ILE D 99 9.11 -3.27 15.09
C ILE D 99 8.40 -1.96 15.47
N PRO D 100 7.95 -1.20 14.46
CA PRO D 100 7.99 -1.49 13.02
C PRO D 100 9.41 -1.49 12.45
N GLN D 101 9.58 -2.18 11.33
CA GLN D 101 10.89 -2.41 10.75
C GLN D 101 10.81 -2.33 9.22
N LYS D 102 11.89 -1.87 8.60
CA LYS D 102 12.05 -1.99 7.15
C LYS D 102 12.18 -3.48 6.84
N VAL D 103 11.08 -4.06 6.36
CA VAL D 103 10.98 -5.50 6.17
C VAL D 103 11.85 -5.99 5.02
N PHE D 104 12.75 -6.91 5.34
CA PHE D 104 13.49 -7.66 4.34
C PHE D 104 12.89 -9.05 4.26
N ILE D 105 12.25 -9.36 3.14
CA ILE D 105 11.84 -10.73 2.87
C ILE D 105 12.80 -11.32 1.86
N PHE D 106 13.51 -12.35 2.31
CA PHE D 106 14.61 -12.94 1.55
C PHE D 106 14.09 -13.84 0.44
N SER D 107 14.95 -14.12 -0.53
CA SER D 107 14.64 -15.02 -1.62
C SER D 107 14.56 -16.46 -1.11
N GLY D 108 13.37 -17.05 -1.18
CA GLY D 108 13.17 -18.42 -0.70
C GLY D 108 11.83 -18.71 -0.04
N THR D 109 11.84 -19.62 0.92
CA THR D 109 10.62 -20.17 1.51
C THR D 109 10.23 -19.49 2.82
N PHE D 110 9.05 -19.83 3.34
CA PHE D 110 8.60 -19.35 4.64
C PHE D 110 9.59 -19.73 5.74
N ARG D 111 10.02 -20.99 5.73
CA ARG D 111 10.96 -21.53 6.70
C ARG D 111 12.23 -20.69 6.78
N LYS D 112 12.86 -20.45 5.63
CA LYS D 112 14.10 -19.67 5.58
C LYS D 112 13.90 -18.23 6.08
N ASN D 113 12.81 -17.60 5.67
CA ASN D 113 12.51 -16.24 6.10
C ASN D 113 12.31 -16.11 7.61
N LEU D 114 11.82 -17.17 8.24
CA LEU D 114 11.68 -17.22 9.69
C LEU D 114 12.96 -17.66 10.36
N ASP D 115 13.65 -18.62 9.73
CA ASP D 115 14.84 -19.24 10.30
C ASP D 115 16.01 -19.17 9.29
N PRO D 116 16.63 -17.98 9.18
CA PRO D 116 17.70 -17.76 8.19
C PRO D 116 18.94 -18.63 8.40
N ASN D 117 19.22 -18.97 9.66
CA ASN D 117 20.38 -19.78 10.02
C ASN D 117 20.15 -21.29 9.97
N ALA D 118 18.89 -21.68 9.73
CA ALA D 118 18.45 -23.09 9.77
C ALA D 118 18.69 -23.75 11.13
N ALA D 119 18.68 -22.92 12.18
CA ALA D 119 19.03 -23.35 13.53
C ALA D 119 17.80 -23.79 14.35
N HIS D 120 16.67 -23.98 13.68
CA HIS D 120 15.43 -24.31 14.39
C HIS D 120 14.66 -25.47 13.76
N SER D 121 14.10 -26.30 14.63
CA SER D 121 13.19 -27.37 14.24
C SER D 121 11.94 -26.77 13.59
N ASP D 122 11.27 -27.57 12.77
CA ASP D 122 9.99 -27.16 12.19
C ASP D 122 8.91 -26.99 13.26
N GLN D 123 8.97 -27.84 14.30
CA GLN D 123 8.06 -27.74 15.43
C GLN D 123 8.28 -26.43 16.21
N GLU D 124 9.54 -26.04 16.36
CA GLU D 124 9.91 -24.77 16.99
C GLU D 124 9.36 -23.58 16.22
N ILE D 125 9.51 -23.63 14.89
CA ILE D 125 9.04 -22.56 14.01
C ILE D 125 7.53 -22.43 14.08
N TRP D 126 6.82 -23.55 14.06
CA TRP D 126 5.36 -23.55 14.16
C TRP D 126 4.86 -23.01 15.49
N LYS D 127 5.61 -23.25 16.56
CA LYS D 127 5.25 -22.77 17.89
C LYS D 127 5.29 -21.24 17.93
N VAL D 128 6.36 -20.65 17.39
CA VAL D 128 6.51 -19.21 17.35
C VAL D 128 5.50 -18.60 16.36
N ALA D 129 5.29 -19.27 15.23
CA ALA D 129 4.30 -18.83 14.25
C ALA D 129 2.92 -18.76 14.88
N ASP D 130 2.57 -19.78 15.67
CA ASP D 130 1.25 -19.87 16.30
C ASP D 130 1.03 -18.77 17.36
N GLU D 131 2.07 -18.44 18.11
CA GLU D 131 1.95 -17.46 19.18
C GLU D 131 1.97 -16.01 18.66
N VAL D 132 2.42 -15.82 17.42
CA VAL D 132 2.40 -14.49 16.81
C VAL D 132 1.30 -14.37 15.73
N GLY D 133 0.45 -15.39 15.64
CA GLY D 133 -0.70 -15.39 14.72
C GLY D 133 -0.39 -15.63 13.25
N LEU D 134 0.71 -16.34 12.97
CA LEU D 134 1.12 -16.65 11.60
C LEU D 134 0.68 -18.04 11.11
N ARG D 135 0.21 -18.88 12.02
CA ARG D 135 -0.22 -20.24 11.68
C ARG D 135 -1.15 -20.27 10.48
N SER D 136 -2.22 -19.47 10.54
CA SER D 136 -3.23 -19.45 9.49
C SER D 136 -2.73 -18.77 8.21
N VAL D 137 -1.83 -17.81 8.38
CA VAL D 137 -1.24 -17.09 7.25
C VAL D 137 -0.38 -18.03 6.40
N ILE D 138 0.38 -18.88 7.06
CA ILE D 138 1.28 -19.82 6.39
C ILE D 138 0.49 -20.97 5.76
N GLU D 139 -0.51 -21.47 6.49
CA GLU D 139 -1.27 -22.65 6.07
C GLU D 139 -2.00 -22.53 4.73
N GLN D 140 -2.48 -21.32 4.40
CA GLN D 140 -3.25 -21.11 3.17
C GLN D 140 -2.46 -21.43 1.90
N PHE D 141 -1.14 -21.39 2.02
CA PHE D 141 -0.25 -21.60 0.88
C PHE D 141 0.21 -23.05 0.77
N PRO D 142 0.10 -23.63 -0.46
CA PRO D 142 0.39 -25.02 -0.81
C PRO D 142 1.44 -25.72 0.07
N GLY D 143 2.69 -25.27 0.01
CA GLY D 143 3.78 -25.97 0.71
C GLY D 143 3.90 -25.69 2.20
N LYS D 144 2.97 -24.91 2.75
CA LYS D 144 3.08 -24.36 4.11
C LYS D 144 4.44 -23.72 4.29
N LEU D 145 5.27 -24.28 5.17
CA LEU D 145 6.64 -23.79 5.38
C LEU D 145 7.51 -23.91 4.14
N ASP D 146 7.15 -24.84 3.25
CA ASP D 146 7.92 -25.05 2.01
C ASP D 146 7.56 -24.07 0.89
N PHE D 147 6.47 -23.33 1.09
CA PHE D 147 5.98 -22.37 0.08
C PHE D 147 6.96 -21.24 -0.15
N VAL D 148 7.31 -21.02 -1.41
CA VAL D 148 8.29 -20.02 -1.80
C VAL D 148 7.64 -18.63 -1.87
N LEU D 149 8.23 -17.67 -1.16
CA LEU D 149 7.77 -16.29 -1.18
C LEU D 149 8.41 -15.48 -2.31
N VAL D 150 7.64 -15.27 -3.38
CA VAL D 150 8.13 -14.57 -4.57
C VAL D 150 7.96 -13.04 -4.48
N ASP D 151 8.76 -12.32 -5.24
CA ASP D 151 8.67 -10.86 -5.41
C ASP D 151 8.53 -10.10 -4.08
N GLY D 152 9.55 -10.22 -3.24
CA GLY D 152 9.59 -9.51 -1.96
C GLY D 152 8.50 -9.87 -0.97
N GLY D 153 7.87 -11.03 -1.18
CA GLY D 153 6.77 -11.47 -0.33
C GLY D 153 5.49 -10.71 -0.61
N CYS D 154 5.15 -10.61 -1.90
CA CYS D 154 3.99 -9.84 -2.34
C CYS D 154 2.65 -10.50 -2.02
N VAL D 155 2.67 -11.73 -1.52
CA VAL D 155 1.45 -12.42 -1.11
C VAL D 155 1.07 -12.06 0.32
N LEU D 156 2.00 -11.42 1.01
CA LEU D 156 1.80 -11.01 2.40
C LEU D 156 1.39 -9.55 2.49
N SER D 157 0.46 -9.27 3.41
CA SER D 157 0.06 -7.91 3.75
C SER D 157 1.19 -7.22 4.52
N HIS D 158 1.04 -5.92 4.77
CA HIS D 158 2.01 -5.18 5.58
C HIS D 158 2.15 -5.82 6.97
N GLY D 159 1.01 -6.12 7.59
CA GLY D 159 0.97 -6.75 8.91
C GLY D 159 1.64 -8.11 8.95
N HIS D 160 1.33 -8.95 7.97
CA HIS D 160 1.95 -10.26 7.83
C HIS D 160 3.47 -10.18 7.85
N LYS D 161 4.00 -9.16 7.17
CA LYS D 161 5.44 -8.95 7.08
C LYS D 161 6.07 -8.54 8.40
N GLN D 162 5.33 -7.74 9.17
CA GLN D 162 5.79 -7.30 10.49
C GLN D 162 5.79 -8.46 11.47
N LEU D 163 4.75 -9.29 11.39
CA LEU D 163 4.61 -10.49 12.23
C LEU D 163 5.75 -11.48 11.98
N MET D 164 6.26 -11.47 10.74
CA MET D 164 7.39 -12.32 10.38
C MET D 164 8.71 -11.76 10.92
N CYS D 165 8.81 -10.43 10.99
CA CYS D 165 9.96 -9.78 11.62
C CYS D 165 9.94 -10.05 13.12
N LEU D 166 8.74 -10.02 13.68
CA LEU D 166 8.55 -10.29 15.10
C LEU D 166 8.90 -11.74 15.42
N ALA D 167 8.29 -12.67 14.69
CA ALA D 167 8.57 -14.10 14.86
C ALA D 167 10.06 -14.38 14.76
N ARG D 168 10.72 -13.74 13.80
CA ARG D 168 12.16 -13.83 13.61
C ARG D 168 12.89 -13.50 14.90
N SER D 169 12.44 -12.45 15.59
CA SER D 169 13.05 -11.99 16.84
C SER D 169 12.79 -12.92 18.01
N VAL D 170 11.56 -13.44 18.11
CA VAL D 170 11.20 -14.40 19.15
C VAL D 170 12.05 -15.66 19.01
N LEU D 171 12.23 -16.09 17.76
CA LEU D 171 13.04 -17.26 17.44
C LEU D 171 14.51 -16.97 17.74
N SER D 172 14.97 -15.77 17.39
CA SER D 172 16.34 -15.34 17.67
C SER D 172 16.57 -15.05 19.15
N LYS D 173 15.47 -15.05 19.93
CA LYS D 173 15.51 -14.81 21.37
C LYS D 173 16.13 -13.46 21.73
N ALA D 174 15.64 -12.40 21.08
CA ALA D 174 16.07 -11.04 21.36
C ALA D 174 15.64 -10.62 22.76
N LYS D 175 16.34 -9.65 23.35
CA LYS D 175 16.05 -9.24 24.72
C LYS D 175 15.72 -7.75 24.90
N ILE D 176 16.02 -6.94 23.89
CA ILE D 176 15.66 -5.53 23.91
C ILE D 176 14.81 -5.19 22.69
N LEU D 177 13.64 -4.58 22.93
CA LEU D 177 12.71 -4.26 21.86
C LEU D 177 12.58 -2.76 21.60
N LEU D 178 12.66 -2.38 20.32
CA LEU D 178 12.62 -0.97 19.93
C LEU D 178 11.35 -0.63 19.14
N LEU D 179 10.32 -0.20 19.86
CA LEU D 179 9.03 0.13 19.28
C LEU D 179 8.98 1.59 18.81
N ASP D 180 9.31 1.81 17.54
CA ASP D 180 9.29 3.15 16.96
C ASP D 180 7.89 3.53 16.46
N GLU D 181 7.05 4.00 17.39
CA GLU D 181 5.64 4.34 17.12
C GLU D 181 4.85 3.20 16.48
N PRO D 182 4.67 2.08 17.21
CA PRO D 182 3.97 0.90 16.70
C PRO D 182 2.49 1.15 16.38
N SER D 183 1.80 1.87 17.25
CA SER D 183 0.38 2.18 17.07
C SER D 183 0.15 3.06 15.86
N ALA D 184 1.18 3.83 15.49
CA ALA D 184 1.11 4.71 14.34
C ALA D 184 1.23 3.95 13.03
N HIS D 185 2.23 3.08 12.94
CA HIS D 185 2.62 2.45 11.68
C HIS D 185 2.12 1.01 11.47
N LEU D 186 1.17 0.57 12.30
CA LEU D 186 0.64 -0.79 12.19
C LEU D 186 -0.87 -0.83 12.02
N ASP D 187 -1.34 -1.91 11.38
CA ASP D 187 -2.75 -2.25 11.34
C ASP D 187 -3.24 -2.44 12.77
N PRO D 188 -4.49 -2.04 13.06
CA PRO D 188 -5.02 -2.23 14.41
C PRO D 188 -5.00 -3.69 14.84
N VAL D 189 -5.29 -4.59 13.90
CA VAL D 189 -5.29 -6.03 14.14
C VAL D 189 -3.89 -6.60 14.39
N THR D 190 -2.91 -6.09 13.64
CA THR D 190 -1.51 -6.48 13.82
C THR D 190 -0.96 -5.92 15.13
N TYR D 191 -1.20 -4.62 15.35
CA TYR D 191 -0.70 -3.91 16.53
C TYR D 191 -1.05 -4.61 17.84
N GLN D 192 -2.27 -5.14 17.93
CA GLN D 192 -2.73 -5.78 19.16
C GLN D 192 -1.95 -7.07 19.45
N ILE D 193 -1.71 -7.86 18.40
CA ILE D 193 -0.90 -9.08 18.49
C ILE D 193 0.52 -8.76 19.00
N ILE D 194 1.06 -7.64 18.53
CA ILE D 194 2.36 -7.16 18.97
C ILE D 194 2.37 -6.87 20.48
N ARG D 195 1.28 -6.26 20.96
CA ARG D 195 1.13 -5.98 22.39
C ARG D 195 0.86 -7.27 23.16
N ARG D 196 0.21 -8.23 22.50
CA ARG D 196 -0.12 -9.52 23.11
C ARG D 196 1.12 -10.37 23.35
N THR D 197 1.97 -10.48 22.34
CA THR D 197 3.22 -11.23 22.45
C THR D 197 4.24 -10.50 23.33
N LEU D 198 4.03 -9.20 23.53
CA LEU D 198 4.91 -8.37 24.33
C LEU D 198 4.82 -8.74 25.81
N LYS D 199 3.60 -9.00 26.27
CA LYS D 199 3.36 -9.43 27.65
C LYS D 199 3.48 -10.95 27.81
N GLN D 200 3.56 -11.66 26.68
CA GLN D 200 3.64 -13.12 26.67
C GLN D 200 5.07 -13.61 26.41
N ALA D 201 5.55 -13.46 25.18
CA ALA D 201 6.87 -13.96 24.79
C ALA D 201 8.02 -13.11 25.32
N PHE D 202 7.87 -11.78 25.23
CA PHE D 202 8.90 -10.85 25.70
C PHE D 202 8.56 -10.25 27.07
N ALA D 203 8.00 -11.09 27.94
CA ALA D 203 7.54 -10.65 29.27
C ALA D 203 8.66 -10.13 30.18
N ASP D 204 9.84 -10.75 30.09
CA ASP D 204 10.96 -10.38 30.94
C ASP D 204 12.03 -9.60 30.17
N CYS D 205 11.56 -8.79 29.22
CA CYS D 205 12.46 -8.08 28.30
C CYS D 205 12.39 -6.56 28.44
N THR D 206 13.51 -5.92 28.12
CA THR D 206 13.58 -4.47 28.02
C THR D 206 12.80 -4.02 26.79
N VAL D 207 11.85 -3.10 27.00
CA VAL D 207 11.02 -2.57 25.94
C VAL D 207 11.19 -1.05 25.91
N ILE D 208 11.56 -0.52 24.75
CA ILE D 208 11.68 0.93 24.58
C ILE D 208 10.55 1.45 23.69
N LEU D 209 9.43 1.78 24.33
CA LEU D 209 8.24 2.27 23.63
C LEU D 209 8.40 3.75 23.34
N CYS D 210 8.37 4.09 22.06
CA CYS D 210 8.43 5.49 21.63
C CYS D 210 7.13 5.84 20.91
N GLU D 211 6.37 6.78 21.49
CA GLU D 211 5.12 7.23 20.88
C GLU D 211 4.86 8.71 21.11
N ALA D 212 3.80 9.21 20.48
CA ALA D 212 3.44 10.64 20.54
C ALA D 212 2.44 10.95 21.63
N ARG D 213 1.67 9.94 22.04
CA ARG D 213 0.68 10.12 23.11
C ARG D 213 0.92 9.23 24.34
N ILE D 214 0.81 9.83 25.53
CA ILE D 214 1.03 9.14 26.80
C ILE D 214 -0.05 8.07 27.10
N GLU D 215 -1.19 8.20 26.44
CA GLU D 215 -2.33 7.28 26.61
C GLU D 215 -1.90 5.83 26.31
N ALA D 216 -1.08 5.67 25.28
CA ALA D 216 -0.57 4.36 24.89
C ALA D 216 0.90 4.18 25.32
N MET D 217 1.22 4.73 26.50
CA MET D 217 2.50 4.54 27.15
C MET D 217 2.29 4.45 28.65
N LEU D 218 1.02 4.39 29.04
CA LEU D 218 0.59 4.40 30.45
C LEU D 218 1.20 3.30 31.30
N GLU D 219 1.68 2.23 30.65
CA GLU D 219 2.32 1.13 31.36
C GLU D 219 3.84 1.09 31.15
N CYS D 220 4.52 2.08 31.73
CA CYS D 220 5.97 2.15 31.67
C CYS D 220 6.53 2.36 33.07
N ASP D 221 7.55 1.56 33.42
CA ASP D 221 8.22 1.68 34.71
C ASP D 221 9.13 2.90 34.74
N GLN D 222 9.57 3.33 33.56
CA GLN D 222 10.60 4.34 33.41
C GLN D 222 10.35 5.15 32.14
N PHE D 223 10.87 6.38 32.12
CA PHE D 223 10.81 7.23 30.94
C PHE D 223 12.19 7.80 30.61
N LEU D 224 12.37 8.22 29.36
CA LEU D 224 13.62 8.79 28.91
C LEU D 224 13.33 9.93 27.95
N VAL D 225 13.53 11.15 28.43
CA VAL D 225 13.20 12.36 27.68
C VAL D 225 14.47 13.03 27.14
N ILE D 226 14.47 13.31 25.84
CA ILE D 226 15.61 13.95 25.18
C ILE D 226 15.49 15.48 25.29
N GLU D 227 16.40 16.08 26.05
CA GLU D 227 16.50 17.52 26.20
C GLU D 227 17.19 18.12 24.96
N GLU D 228 17.87 19.25 25.15
CA GLU D 228 18.65 19.85 24.06
C GLU D 228 20.00 19.14 23.93
N ASN D 229 20.67 18.96 25.06
CA ASN D 229 22.00 18.34 25.10
C ASN D 229 22.07 17.06 25.94
N LYS D 230 21.25 17.01 26.99
CA LYS D 230 21.23 15.86 27.89
C LYS D 230 19.97 15.02 27.69
N VAL D 231 19.92 13.87 28.36
CA VAL D 231 18.71 13.05 28.40
C VAL D 231 18.32 12.74 29.85
N ARG D 232 17.28 13.39 30.34
CA ARG D 232 16.80 13.13 31.69
C ARG D 232 15.93 11.89 31.71
N GLN D 233 16.03 11.11 32.78
CA GLN D 233 15.22 9.91 32.92
C GLN D 233 14.40 9.89 34.19
N TYR D 234 13.09 9.71 34.01
CA TYR D 234 12.12 9.75 35.10
C TYR D 234 11.77 8.33 35.55
N ASP D 235 11.88 8.09 36.86
CA ASP D 235 11.72 6.75 37.43
C ASP D 235 10.29 6.22 37.47
N SER D 236 9.32 7.04 37.07
CA SER D 236 7.89 6.67 37.13
C SER D 236 6.98 7.69 36.44
N ILE D 237 5.72 7.29 36.24
CA ILE D 237 4.65 8.18 35.80
C ILE D 237 4.47 9.33 36.80
N LEU D 238 4.53 9.01 38.09
CA LEU D 238 4.41 10.00 39.16
C LEU D 238 5.49 11.08 39.08
N GLU D 239 6.73 10.66 38.82
CA GLU D 239 7.86 11.56 38.65
C GLU D 239 7.62 12.51 37.48
N LEU D 240 7.17 11.95 36.37
CA LEU D 240 6.92 12.70 35.14
C LEU D 240 5.78 13.70 35.32
N TYR D 241 4.81 13.33 36.14
CA TYR D 241 3.62 14.15 36.39
C TYR D 241 3.92 15.30 37.36
N HIS D 242 4.59 14.98 38.47
CA HIS D 242 4.83 15.95 39.53
C HIS D 242 6.06 16.81 39.32
N TYR D 243 7.10 16.25 38.70
CA TYR D 243 8.36 16.97 38.55
C TYR D 243 8.90 17.03 37.11
N PRO D 244 8.12 17.61 36.18
CA PRO D 244 8.65 17.79 34.83
C PRO D 244 9.80 18.80 34.82
N ALA D 245 10.95 18.39 34.30
CA ALA D 245 12.12 19.25 34.26
C ALA D 245 12.09 20.29 33.14
N ASP D 246 11.04 20.25 32.32
CA ASP D 246 10.85 21.24 31.26
C ASP D 246 9.37 21.42 30.92
N ARG D 247 9.06 22.46 30.14
CA ARG D 247 7.69 22.84 29.85
C ARG D 247 6.99 21.87 28.89
N PHE D 248 7.79 21.16 28.07
CA PHE D 248 7.27 20.16 27.16
C PHE D 248 6.70 18.96 27.91
N VAL D 249 7.48 18.45 28.87
CA VAL D 249 7.07 17.30 29.69
C VAL D 249 5.82 17.61 30.53
N ALA D 250 5.69 18.87 30.94
CA ALA D 250 4.56 19.31 31.73
C ALA D 250 3.24 19.24 30.95
N GLY D 251 3.32 19.53 29.65
CA GLY D 251 2.15 19.46 28.77
C GLY D 251 1.82 18.06 28.27
N PHE D 252 2.80 17.16 28.35
CA PHE D 252 2.68 15.81 27.84
C PHE D 252 1.73 14.94 28.66
N ILE D 253 1.81 15.05 29.98
CA ILE D 253 1.02 14.22 30.90
C ILE D 253 -0.12 15.03 31.51
N GLY D 254 -1.28 14.39 31.65
CA GLY D 254 -2.44 15.04 32.24
C GLY D 254 -3.27 15.77 31.21
N SER D 255 -4.57 15.49 31.23
CA SER D 255 -5.52 16.15 30.33
C SER D 255 -6.77 16.57 31.11
N PRO D 256 -7.24 17.82 30.88
CA PRO D 256 -6.69 18.83 29.97
C PRO D 256 -5.33 19.38 30.40
N LYS D 257 -4.64 20.03 29.47
CA LYS D 257 -3.29 20.54 29.65
C LYS D 257 -3.13 21.43 30.88
N MET D 258 -1.91 21.48 31.41
CA MET D 258 -1.56 22.37 32.53
C MET D 258 -1.74 23.85 32.15
N ASN D 259 -2.38 24.62 33.04
CA ASN D 259 -2.49 26.07 32.87
C ASN D 259 -1.12 26.75 33.02
N PHE D 260 -0.79 27.64 32.09
CA PHE D 260 0.44 28.43 32.18
C PHE D 260 0.14 29.92 32.33
N LEU D 261 0.77 30.54 33.33
CA LEU D 261 0.59 31.97 33.61
C LEU D 261 1.90 32.73 33.50
N PRO D 262 1.90 33.86 32.76
CA PRO D 262 3.10 34.70 32.68
C PRO D 262 3.30 35.46 33.98
N VAL D 263 4.46 35.27 34.61
CA VAL D 263 4.75 35.91 35.89
C VAL D 263 6.11 36.59 35.91
N LYS D 264 6.27 37.56 36.80
CA LYS D 264 7.55 38.25 37.01
C LYS D 264 8.07 37.96 38.42
N VAL D 265 9.36 37.64 38.52
CA VAL D 265 10.01 37.36 39.80
C VAL D 265 10.20 38.65 40.61
N THR D 266 9.49 38.74 41.73
CA THR D 266 9.61 39.92 42.60
C THR D 266 10.65 39.71 43.69
N ALA D 267 10.96 38.44 43.99
CA ALA D 267 11.97 38.09 44.98
C ALA D 267 12.43 36.64 44.87
N THR D 268 13.64 36.37 45.35
CA THR D 268 14.15 35.01 45.50
C THR D 268 14.44 34.74 46.97
N ALA D 269 14.90 33.53 47.27
CA ALA D 269 15.31 33.13 48.62
C ALA D 269 16.42 32.08 48.54
N ILE D 270 16.53 31.24 49.57
CA ILE D 270 17.46 30.12 49.55
C ILE D 270 16.83 28.92 48.83
N ASP D 271 15.62 28.54 49.23
CA ASP D 271 14.90 27.42 48.61
C ASP D 271 13.47 27.81 48.25
N GLN D 272 13.31 29.03 47.74
CA GLN D 272 12.01 29.58 47.34
C GLN D 272 12.18 30.63 46.24
N VAL D 273 11.09 30.92 45.54
CA VAL D 273 11.02 32.00 44.55
C VAL D 273 9.66 32.69 44.63
N GLN D 274 9.67 34.01 44.73
CA GLN D 274 8.43 34.79 44.75
C GLN D 274 8.13 35.35 43.37
N VAL D 275 6.85 35.29 42.98
CA VAL D 275 6.39 35.83 41.71
C VAL D 275 5.14 36.68 41.90
N GLU D 276 4.84 37.50 40.90
CA GLU D 276 3.60 38.28 40.87
C GLU D 276 2.79 37.92 39.64
N LEU D 277 1.47 37.88 39.82
CA LEU D 277 0.54 37.58 38.73
C LEU D 277 0.58 38.68 37.65
N PRO D 278 0.27 38.32 36.39
CA PRO D 278 0.43 39.29 35.27
C PRO D 278 -0.63 40.37 35.26
N MET D 279 -1.65 40.19 36.10
CA MET D 279 -2.88 40.96 36.09
C MET D 279 -2.74 42.38 36.63
N PRO D 280 -3.71 43.26 36.30
CA PRO D 280 -4.01 44.47 37.06
C PRO D 280 -4.18 44.24 38.57
N ASN D 281 -4.30 42.98 38.99
CA ASN D 281 -4.32 42.64 40.43
C ASN D 281 -2.94 42.27 40.97
N ARG D 282 -2.06 41.82 40.08
CA ARG D 282 -0.64 41.53 40.38
C ARG D 282 -0.36 41.17 41.85
N GLN D 283 -0.85 40.01 42.28
CA GLN D 283 -0.70 39.56 43.66
C GLN D 283 0.65 38.88 43.89
N GLN D 284 1.16 38.98 45.12
CA GLN D 284 2.45 38.41 45.50
C GLN D 284 2.28 37.01 46.09
N VAL D 285 3.12 36.07 45.63
CA VAL D 285 3.03 34.68 46.10
C VAL D 285 4.40 33.97 46.10
N TRP D 286 4.68 33.27 47.21
CA TRP D 286 5.90 32.47 47.37
C TRP D 286 5.68 31.04 46.85
N LEU D 287 6.73 30.45 46.30
CA LEU D 287 6.66 29.12 45.69
C LEU D 287 7.76 28.20 46.19
N PRO D 288 7.40 27.03 46.76
CA PRO D 288 8.34 26.02 47.23
C PRO D 288 9.08 25.37 46.07
N VAL D 289 9.92 26.17 45.42
CA VAL D 289 10.57 25.82 44.17
C VAL D 289 12.01 26.31 44.21
N GLU D 290 12.93 25.47 43.73
CA GLU D 290 14.37 25.76 43.77
C GLU D 290 14.74 27.14 43.25
N SER D 291 15.65 27.80 43.96
CA SER D 291 15.98 29.20 43.74
C SER D 291 17.19 29.43 42.81
N ARG D 292 17.99 28.39 42.61
CA ARG D 292 19.17 28.47 41.73
C ARG D 292 18.82 28.98 40.33
N ASP D 293 19.74 29.75 39.75
CA ASP D 293 19.59 30.31 38.40
C ASP D 293 18.28 31.10 38.21
N VAL D 294 17.92 31.90 39.21
CA VAL D 294 16.74 32.76 39.13
C VAL D 294 17.09 34.20 39.48
N GLN D 295 17.13 35.06 38.46
CA GLN D 295 17.39 36.48 38.65
C GLN D 295 16.09 37.23 38.94
N VAL D 296 16.10 38.06 39.98
CA VAL D 296 14.93 38.85 40.36
C VAL D 296 14.59 39.85 39.25
N GLY D 297 13.34 39.84 38.83
CA GLY D 297 12.87 40.72 37.76
C GLY D 297 12.59 39.99 36.45
N ALA D 298 13.16 38.81 36.31
CA ALA D 298 13.03 37.99 35.09
C ALA D 298 11.60 37.52 34.84
N ASN D 299 11.30 37.26 33.57
CA ASN D 299 10.00 36.73 33.16
C ASN D 299 9.95 35.21 33.25
N MET D 300 8.87 34.72 33.84
CA MET D 300 8.70 33.30 34.09
C MET D 300 7.30 32.84 33.70
N SER D 301 7.14 31.54 33.52
CA SER D 301 5.83 30.94 33.25
C SER D 301 5.44 30.01 34.39
N LEU D 302 4.38 30.38 35.10
CA LEU D 302 3.87 29.61 36.22
C LEU D 302 2.92 28.52 35.75
N GLY D 303 3.23 27.27 36.09
CA GLY D 303 2.40 26.14 35.72
C GLY D 303 1.52 25.65 36.86
N ILE D 304 0.24 25.46 36.56
CA ILE D 304 -0.71 24.90 37.51
C ILE D 304 -1.74 24.01 36.79
N ARG D 305 -1.85 22.77 37.24
CA ARG D 305 -2.75 21.81 36.64
C ARG D 305 -4.20 22.10 37.03
N PRO D 306 -5.15 21.94 36.08
CA PRO D 306 -6.59 21.99 36.35
C PRO D 306 -7.03 21.06 37.48
N GLU D 307 -6.29 19.98 37.71
CA GLU D 307 -6.55 19.02 38.79
C GLU D 307 -6.32 19.61 40.17
N HIS D 308 -5.29 20.46 40.27
CA HIS D 308 -4.83 20.96 41.56
C HIS D 308 -5.50 22.25 42.04
N LEU D 309 -6.25 22.89 41.15
CA LEU D 309 -6.94 24.15 41.48
C LEU D 309 -8.03 23.93 42.53
N LEU D 310 -7.95 24.68 43.62
CA LEU D 310 -8.90 24.56 44.74
C LEU D 310 -10.17 25.40 44.50
N PRO D 311 -11.28 25.03 45.16
CA PRO D 311 -12.47 25.89 45.13
C PRO D 311 -12.26 27.17 45.96
N SER D 312 -13.02 28.22 45.63
CA SER D 312 -12.88 29.55 46.24
C SER D 312 -12.71 29.54 47.76
N ASP D 313 -13.66 28.92 48.45
CA ASP D 313 -13.74 28.95 49.91
C ASP D 313 -12.51 28.38 50.62
N ILE D 314 -11.63 27.72 49.87
CA ILE D 314 -10.53 26.94 50.45
C ILE D 314 -9.20 27.68 50.62
N ALA D 315 -8.70 28.30 49.56
CA ALA D 315 -7.31 28.80 49.51
C ALA D 315 -7.08 30.20 50.08
N ASP D 316 -5.83 30.65 49.99
CA ASP D 316 -5.42 32.01 50.38
C ASP D 316 -5.29 32.92 49.16
N VAL D 317 -4.65 32.41 48.10
CA VAL D 317 -4.57 33.11 46.82
C VAL D 317 -5.79 32.75 45.97
N ILE D 318 -6.69 33.71 45.80
CA ILE D 318 -7.96 33.48 45.11
C ILE D 318 -8.10 34.24 43.80
N LEU D 319 -8.82 33.64 42.86
CA LEU D 319 -9.11 34.24 41.56
C LEU D 319 -10.59 34.05 41.21
N GLU D 320 -11.14 34.93 40.38
CA GLU D 320 -12.55 34.85 39.98
C GLU D 320 -12.75 35.23 38.51
N GLY D 321 -13.80 34.68 37.89
CA GLY D 321 -14.11 34.96 36.49
C GLY D 321 -15.44 34.38 36.03
N GLU D 322 -15.80 34.65 34.78
CA GLU D 322 -17.04 34.14 34.20
C GLU D 322 -16.76 32.88 33.36
N VAL D 323 -17.59 31.86 33.56
CA VAL D 323 -17.43 30.57 32.88
C VAL D 323 -17.79 30.66 31.41
N GLN D 324 -16.84 30.25 30.55
CA GLN D 324 -17.07 30.20 29.12
C GLN D 324 -17.56 28.82 28.67
N VAL D 325 -16.96 27.77 29.23
CA VAL D 325 -17.26 26.38 28.85
C VAL D 325 -17.41 25.48 30.08
N VAL D 326 -18.54 24.79 30.16
CA VAL D 326 -18.73 23.70 31.13
C VAL D 326 -18.80 22.38 30.36
N GLU D 327 -17.71 21.63 30.39
CA GLU D 327 -17.63 20.38 29.66
C GLU D 327 -17.99 19.20 30.56
N GLN D 328 -19.11 18.54 30.24
CA GLN D 328 -19.58 17.39 31.01
C GLN D 328 -19.14 16.10 30.36
N LEU D 329 -18.31 15.33 31.06
CA LEU D 329 -17.73 14.11 30.52
C LEU D 329 -18.20 12.85 31.25
N GLY D 330 -18.78 13.03 32.43
CA GLY D 330 -19.33 11.93 33.22
C GLY D 330 -18.48 11.61 34.43
N ASN D 331 -17.23 11.23 34.19
CA ASN D 331 -16.30 10.88 35.25
C ASN D 331 -15.43 12.06 35.68
N GLU D 332 -15.59 13.19 34.99
CA GLU D 332 -14.91 14.45 35.29
C GLU D 332 -15.70 15.62 34.73
N THR D 333 -15.51 16.80 35.33
CA THR D 333 -16.15 18.03 34.85
C THR D 333 -15.11 19.12 34.61
N GLN D 334 -15.03 19.59 33.36
CA GLN D 334 -14.07 20.61 32.96
C GLN D 334 -14.71 21.99 32.88
N ILE D 335 -14.17 22.92 33.67
CA ILE D 335 -14.67 24.29 33.72
C ILE D 335 -13.64 25.25 33.13
N HIS D 336 -13.95 25.81 31.96
CA HIS D 336 -13.12 26.84 31.36
C HIS D 336 -13.57 28.22 31.86
N ILE D 337 -12.73 28.85 32.67
CA ILE D 337 -13.07 30.15 33.27
C ILE D 337 -12.32 31.29 32.61
N GLN D 338 -13.08 32.24 32.06
CA GLN D 338 -12.52 33.48 31.55
C GLN D 338 -12.37 34.47 32.71
N ILE D 339 -11.15 34.57 33.22
CA ILE D 339 -10.85 35.47 34.32
C ILE D 339 -10.50 36.85 33.73
N PRO D 340 -11.21 37.91 34.18
CA PRO D 340 -10.89 39.26 33.75
C PRO D 340 -9.68 39.85 34.49
N SER D 341 -9.50 39.47 35.75
CA SER D 341 -8.36 39.90 36.55
C SER D 341 -7.08 39.65 35.77
N ILE D 342 -6.80 38.38 35.49
CA ILE D 342 -5.69 37.97 34.63
C ILE D 342 -6.22 37.92 33.20
N ARG D 343 -5.47 38.47 32.25
CA ARG D 343 -5.93 38.64 30.87
C ARG D 343 -6.13 37.35 30.06
N GLN D 344 -6.22 36.22 30.75
CA GLN D 344 -6.34 34.92 30.09
C GLN D 344 -7.36 33.99 30.76
N ASN D 345 -7.67 32.89 30.08
CA ASN D 345 -8.52 31.83 30.61
C ASN D 345 -7.76 30.90 31.57
N LEU D 346 -8.52 30.26 32.45
CA LEU D 346 -7.97 29.29 33.39
C LEU D 346 -8.88 28.06 33.45
N VAL D 347 -8.36 26.92 32.97
CA VAL D 347 -9.11 25.67 32.96
C VAL D 347 -9.05 25.01 34.35
N TYR D 348 -10.24 24.82 34.94
CA TYR D 348 -10.37 24.13 36.22
C TYR D 348 -11.00 22.75 36.01
N ARG D 349 -10.59 21.77 36.83
CA ARG D 349 -11.11 20.42 36.75
C ARG D 349 -11.38 19.80 38.13
N GLN D 350 -12.37 18.91 38.18
CA GLN D 350 -12.67 18.11 39.37
C GLN D 350 -13.36 16.81 38.99
N ASN D 351 -13.11 15.76 39.78
CA ASN D 351 -13.61 14.41 39.48
C ASN D 351 -15.12 14.25 39.64
N ASP D 352 -15.72 13.52 38.70
CA ASP D 352 -17.17 13.21 38.68
C ASP D 352 -18.07 14.43 38.87
N VAL D 356 -23.80 23.65 37.53
CA VAL D 356 -23.09 24.87 37.19
C VAL D 356 -23.00 25.04 35.66
N GLU D 357 -23.65 26.09 35.16
CA GLU D 357 -23.74 26.35 33.72
C GLU D 357 -22.85 27.51 33.26
N GLU D 358 -22.85 27.75 31.96
CA GLU D 358 -22.02 28.80 31.35
C GLU D 358 -22.50 30.20 31.71
N GLY D 359 -21.54 31.09 32.00
CA GLY D 359 -21.84 32.50 32.25
C GLY D 359 -21.60 32.95 33.68
N ALA D 360 -22.23 32.27 34.64
CA ALA D 360 -22.17 32.66 36.06
C ALA D 360 -20.74 32.69 36.61
N THR D 361 -20.51 33.59 37.56
CA THR D 361 -19.19 33.81 38.13
C THR D 361 -18.70 32.63 38.96
N PHE D 362 -17.54 32.10 38.58
CA PHE D 362 -16.87 31.04 39.33
C PHE D 362 -15.67 31.65 40.06
N ALA D 363 -15.18 30.94 41.08
CA ALA D 363 -14.00 31.37 41.83
C ALA D 363 -13.07 30.20 42.20
N ILE D 364 -11.82 30.31 41.78
CA ILE D 364 -10.83 29.25 41.99
C ILE D 364 -9.66 29.72 42.85
N GLY D 365 -9.20 28.84 43.74
CA GLY D 365 -8.04 29.10 44.59
C GLY D 365 -6.79 28.44 44.04
N LEU D 366 -5.70 29.20 44.01
CA LEU D 366 -4.43 28.71 43.49
C LEU D 366 -3.47 28.38 44.64
N PRO D 367 -3.11 27.09 44.78
CA PRO D 367 -2.24 26.63 45.86
C PRO D 367 -0.76 26.71 45.51
N PRO D 368 0.00 27.56 46.24
CA PRO D 368 1.42 27.78 45.96
C PRO D 368 2.27 26.51 45.97
N GLU D 369 1.88 25.54 46.80
CA GLU D 369 2.62 24.29 47.00
C GLU D 369 2.72 23.47 45.71
N ARG D 370 1.71 23.58 44.86
CA ARG D 370 1.61 22.74 43.66
C ARG D 370 1.79 23.50 42.35
N CYS D 371 2.51 24.62 42.43
CA CYS D 371 2.81 25.42 41.25
C CYS D 371 4.16 25.03 40.67
N HIS D 372 4.21 24.91 39.35
CA HIS D 372 5.45 24.70 38.64
C HIS D 372 5.93 26.07 38.17
N LEU D 373 7.23 26.20 37.94
CA LEU D 373 7.80 27.45 37.48
C LEU D 373 8.79 27.24 36.33
N PHE D 374 8.52 27.89 35.21
CA PHE D 374 9.31 27.70 34.01
C PHE D 374 9.98 28.99 33.53
N ARG D 375 11.24 28.86 33.16
CA ARG D 375 12.03 29.98 32.63
C ARG D 375 11.62 30.28 31.19
N GLU D 376 12.18 31.35 30.62
CA GLU D 376 11.90 31.76 29.25
C GLU D 376 12.27 30.67 28.24
N ASP D 377 13.38 29.99 28.49
CA ASP D 377 13.89 28.93 27.59
C ASP D 377 13.00 27.68 27.56
N GLY D 378 12.28 27.44 28.66
CA GLY D 378 11.39 26.29 28.76
C GLY D 378 11.63 25.45 30.01
N THR D 379 12.86 25.46 30.50
CA THR D 379 13.25 24.66 31.66
C THR D 379 12.49 25.02 32.95
N ALA D 380 12.42 24.06 33.87
CA ALA D 380 11.68 24.22 35.11
C ALA D 380 12.58 24.34 36.33
N CYS D 381 12.23 25.25 37.23
CA CYS D 381 12.86 25.32 38.54
C CYS D 381 12.34 24.16 39.38
N ARG D 382 13.26 23.33 39.87
CA ARG D 382 12.92 22.10 40.60
C ARG D 382 11.92 22.34 41.73
N ARG D 383 10.82 21.59 41.72
CA ARG D 383 9.86 21.65 42.82
C ARG D 383 10.40 20.93 44.03
N LEU D 384 10.33 21.56 45.19
CA LEU D 384 10.86 21.00 46.42
C LEU D 384 9.79 20.30 47.27
N HIS D 385 8.54 20.72 47.11
CA HIS D 385 7.40 20.06 47.77
C HIS D 385 7.40 18.57 47.43
N LYS D 386 7.33 17.74 48.47
CA LYS D 386 7.36 16.29 48.32
C LYS D 386 5.95 15.71 48.21
N GLU D 387 5.55 15.39 46.98
CA GLU D 387 4.27 14.74 46.73
C GLU D 387 4.37 13.27 47.10
N PRO D 388 3.51 12.79 48.03
CA PRO D 388 3.55 11.40 48.50
C PRO D 388 3.39 10.39 47.36
N GLY D 389 4.26 9.39 47.35
CA GLY D 389 4.26 8.36 46.31
C GLY D 389 5.41 8.49 45.34
#